data_4F4O
#
_entry.id   4F4O
#
_cell.length_a   72.880
_cell.length_b   197.780
_cell.length_c   322.070
_cell.angle_alpha   90.00
_cell.angle_beta   90.00
_cell.angle_gamma   90.00
#
_symmetry.space_group_name_H-M   'P 21 21 21'
#
loop_
_entity.id
_entity.type
_entity.pdbx_description
1 polymer 'Hemoglobin subunit alpha'
2 polymer 'Hemoglobin subunit beta'
3 polymer Haptoglobin
4 branched 2-acetamido-2-deoxy-beta-D-glucopyranose-(1-4)-2-acetamido-2-deoxy-beta-D-glucopyranose
5 branched alpha-L-fucopyranose-(1-6)-2-acetamido-2-deoxy-beta-D-glucopyranose
6 non-polymer 'PROTOPORPHYRIN IX CONTAINING FE'
7 non-polymer 'OXYGEN MOLECULE'
8 non-polymer 2-acetamido-2-deoxy-beta-D-glucopyranose
#
loop_
_entity_poly.entity_id
_entity_poly.type
_entity_poly.pdbx_seq_one_letter_code
_entity_poly.pdbx_strand_id
1 'polypeptide(L)'
;VLSAADKANVKAAWGKVGGQAGAHGAEALERMFLGFPTTKTYFPHFNLSHGSDQVKAHGQKVADALTKAVGHLDDLPGAL
SALSDLHAHKLRVDPVNFKLLSHCLLVTLAAHHPDDFNPSVHASLDKFLANVSTVLTSKYR
;
A,D,G,J
2 'polypeptide(L)'
;VHLSAEEKEAVLGLWGKVNVDEVGGEALGRLLVVYPWTQRFFESFGDLSNADAVMGNPKVKAHGKKVLQSFSDGLKHLDN
LKGTFAKLSELHCDQLHVDPENFRLLGNVIVVVLARRLGHDFNPNVQAAFQKVVAGVANALAHKYH
;
B,E,H,K
3 'polypeptide(L)'
;MRALGAVVALLLCGQLFAAETGNEATDATDDSCPKPPEIPKGYVEHMVRYHCQTYYKLRTAGDGVYTLDSNKQWTNKVTG
EKLPECEAVCGKPKNPVDQVQRIMGGSLDAKGSFPWQAKMISHHNLTSGATLINEQWLLTTAKNLRLGHKNDTKAKDIAP
TLRLYVGKKQEVEIEKVIFHPDNSTVDIGLIKLKQKVPVNERVMPICLPSKDYVNVGLVGYVSGWGRNANLNFTEHLKYV
MLPVADQEKCVQYYEGSTVPEKKTPKSPVGVQPILNEHTFCAGLSKYQEDTCYGDAGSAFAVHDKDDDTWYAAGILSFDK
SCRTAEYGVYVRVTSILDWIQTTIADN
;
C,F,I,L
#
# COMPACT_ATOMS: atom_id res chain seq x y z
N VAL A 1 -29.41 -54.87 -8.79
CA VAL A 1 -29.80 -56.27 -8.67
C VAL A 1 -31.31 -56.34 -8.63
N LEU A 2 -31.97 -55.34 -9.18
CA LEU A 2 -33.45 -55.45 -9.29
C LEU A 2 -34.24 -55.59 -7.96
N SER A 3 -34.42 -54.45 -7.28
CA SER A 3 -35.23 -54.39 -6.09
C SER A 3 -36.73 -54.55 -6.42
N ALA A 4 -37.56 -54.58 -5.37
CA ALA A 4 -39.00 -54.68 -5.57
C ALA A 4 -39.49 -53.46 -6.38
N ALA A 5 -38.91 -52.30 -6.10
CA ALA A 5 -39.30 -51.08 -6.77
C ALA A 5 -38.86 -51.12 -8.22
N ASP A 6 -37.67 -51.69 -8.46
CA ASP A 6 -37.12 -51.85 -9.80
C ASP A 6 -38.07 -52.70 -10.59
N LYS A 7 -38.43 -53.83 -10.00
CA LYS A 7 -39.26 -54.81 -10.67
C LYS A 7 -40.61 -54.21 -10.98
N ALA A 8 -41.16 -53.46 -10.04
CA ALA A 8 -42.39 -52.74 -10.32
C ALA A 8 -42.27 -51.83 -11.58
N ASN A 9 -41.24 -50.98 -11.63
CA ASN A 9 -41.00 -50.10 -12.76
C ASN A 9 -40.87 -50.84 -14.08
N VAL A 10 -40.12 -51.94 -14.06
CA VAL A 10 -39.89 -52.75 -15.27
C VAL A 10 -41.20 -53.35 -15.78
N LYS A 11 -41.93 -54.01 -14.89
CA LYS A 11 -43.23 -54.58 -15.23
C LYS A 11 -44.13 -53.50 -15.80
N ALA A 12 -44.19 -52.37 -15.11
CA ALA A 12 -45.05 -51.27 -15.51
C ALA A 12 -44.67 -50.75 -16.88
N ALA A 13 -43.36 -50.60 -17.10
CA ALA A 13 -42.88 -49.98 -18.33
C ALA A 13 -43.12 -50.92 -19.52
N TRP A 14 -42.84 -52.20 -19.33
CA TRP A 14 -42.94 -53.12 -20.43
C TRP A 14 -44.38 -53.36 -20.74
N GLY A 15 -45.23 -53.35 -19.73
CA GLY A 15 -46.67 -53.49 -19.97
C GLY A 15 -47.22 -52.37 -20.83
N LYS A 16 -46.68 -51.19 -20.62
CA LYS A 16 -47.08 -49.98 -21.31
C LYS A 16 -46.64 -50.06 -22.78
N VAL A 17 -45.59 -50.83 -23.04
CA VAL A 17 -45.17 -51.10 -24.41
C VAL A 17 -46.27 -51.89 -25.17
N GLY A 18 -46.70 -53.00 -24.54
CA GLY A 18 -47.83 -53.78 -25.03
C GLY A 18 -47.57 -54.36 -26.39
N GLY A 19 -48.55 -54.20 -27.31
CA GLY A 19 -48.46 -54.76 -28.65
C GLY A 19 -47.26 -54.26 -29.45
N GLN A 20 -46.67 -53.16 -29.00
CA GLN A 20 -45.54 -52.60 -29.70
C GLN A 20 -44.21 -53.33 -29.52
N ALA A 21 -44.20 -54.34 -28.68
CA ALA A 21 -42.96 -55.03 -28.34
C ALA A 21 -42.17 -55.57 -29.56
N GLY A 22 -42.84 -56.39 -30.38
CA GLY A 22 -42.16 -56.97 -31.52
C GLY A 22 -41.59 -55.88 -32.41
N ALA A 23 -42.34 -54.78 -32.54
CA ALA A 23 -41.92 -53.62 -33.31
C ALA A 23 -40.75 -52.90 -32.62
N HIS A 24 -40.82 -52.70 -31.30
CA HIS A 24 -39.69 -52.11 -30.58
C HIS A 24 -38.46 -52.99 -30.70
N GLY A 25 -38.68 -54.30 -30.72
CA GLY A 25 -37.59 -55.26 -30.89
C GLY A 25 -36.85 -55.06 -32.20
N ALA A 26 -37.61 -55.04 -33.29
CA ALA A 26 -37.03 -54.81 -34.60
C ALA A 26 -36.34 -53.42 -34.75
N GLU A 27 -36.90 -52.38 -34.14
CA GLU A 27 -36.33 -51.06 -34.23
C GLU A 27 -35.00 -51.03 -33.46
N ALA A 28 -34.94 -51.72 -32.33
CA ALA A 28 -33.73 -51.70 -31.56
C ALA A 28 -32.63 -52.38 -32.38
N LEU A 29 -32.99 -53.47 -33.07
CA LEU A 29 -32.02 -54.16 -33.91
C LEU A 29 -31.48 -53.26 -35.04
N GLU A 30 -32.38 -52.58 -35.72
CA GLU A 30 -31.94 -51.71 -36.80
C GLU A 30 -31.03 -50.57 -36.27
N ARG A 31 -31.36 -50.03 -35.11
CA ARG A 31 -30.55 -48.98 -34.51
C ARG A 31 -29.14 -49.50 -34.19
N MET A 32 -29.07 -50.73 -33.69
CA MET A 32 -27.82 -51.35 -33.34
C MET A 32 -26.95 -51.59 -34.57
N PHE A 33 -27.51 -52.24 -35.59
CA PHE A 33 -26.78 -52.52 -36.83
C PHE A 33 -26.30 -51.24 -37.53
N LEU A 34 -27.06 -50.16 -37.43
CA LEU A 34 -26.64 -48.87 -38.01
C LEU A 34 -25.66 -48.12 -37.12
N GLY A 35 -26.01 -48.01 -35.84
CA GLY A 35 -25.18 -47.30 -34.87
C GLY A 35 -23.83 -47.94 -34.60
N PHE A 36 -23.82 -49.26 -34.52
CA PHE A 36 -22.62 -50.03 -34.19
C PHE A 36 -22.44 -51.17 -35.18
N PRO A 37 -21.99 -50.82 -36.39
CA PRO A 37 -21.96 -51.69 -37.57
C PRO A 37 -21.25 -53.00 -37.34
N THR A 38 -20.38 -53.04 -36.33
CA THR A 38 -19.64 -54.26 -36.05
C THR A 38 -20.55 -55.39 -35.62
N THR A 39 -21.66 -55.06 -34.96
CA THR A 39 -22.61 -56.05 -34.49
C THR A 39 -23.20 -56.87 -35.68
N LYS A 40 -23.13 -56.29 -36.87
CA LYS A 40 -23.58 -56.95 -38.10
C LYS A 40 -22.88 -58.28 -38.34
N THR A 41 -21.69 -58.40 -37.75
CA THR A 41 -20.83 -59.57 -37.87
C THR A 41 -21.50 -60.90 -37.53
N TYR A 42 -22.41 -60.85 -36.57
CA TYR A 42 -23.00 -62.07 -36.06
C TYR A 42 -24.17 -62.52 -36.92
N PHE A 43 -24.53 -61.70 -37.90
CA PHE A 43 -25.71 -61.97 -38.71
C PHE A 43 -25.38 -62.00 -40.20
N PRO A 44 -24.41 -62.83 -40.62
CA PRO A 44 -23.99 -62.79 -42.02
C PRO A 44 -25.06 -63.35 -42.92
N HIS A 45 -25.90 -64.20 -42.35
CA HIS A 45 -26.94 -64.93 -43.07
C HIS A 45 -28.24 -64.14 -43.15
N PHE A 46 -28.21 -62.91 -42.64
CA PHE A 46 -29.39 -62.06 -42.61
C PHE A 46 -29.34 -61.01 -43.69
N ASN A 47 -30.50 -60.69 -44.25
CA ASN A 47 -30.64 -59.50 -45.04
C ASN A 47 -30.77 -58.41 -44.00
N LEU A 48 -29.81 -57.50 -43.92
CA LEU A 48 -29.87 -56.45 -42.90
C LEU A 48 -30.36 -55.11 -43.45
N SER A 49 -30.70 -55.08 -44.73
CA SER A 49 -31.15 -53.84 -45.36
C SER A 49 -32.43 -53.35 -44.72
N HIS A 50 -32.72 -52.06 -44.84
CA HIS A 50 -33.87 -51.50 -44.17
C HIS A 50 -35.15 -52.16 -44.61
N GLY A 51 -35.99 -52.46 -43.62
CA GLY A 51 -37.30 -53.05 -43.83
C GLY A 51 -37.28 -54.57 -44.00
N SER A 52 -36.09 -55.14 -43.83
CA SER A 52 -35.89 -56.57 -43.97
C SER A 52 -36.82 -57.25 -43.01
N ASP A 53 -37.63 -58.18 -43.50
CA ASP A 53 -38.56 -58.87 -42.59
C ASP A 53 -37.94 -60.09 -41.94
N GLN A 54 -36.71 -60.39 -42.34
CA GLN A 54 -35.87 -61.29 -41.57
C GLN A 54 -35.40 -60.67 -40.24
N VAL A 55 -35.10 -59.37 -40.23
CA VAL A 55 -34.89 -58.68 -38.95
C VAL A 55 -36.21 -58.31 -38.25
N LYS A 56 -37.25 -58.04 -39.02
CA LYS A 56 -38.54 -57.75 -38.40
C LYS A 56 -38.94 -58.94 -37.52
N ALA A 57 -38.70 -60.11 -38.08
CA ALA A 57 -38.94 -61.39 -37.42
C ALA A 57 -38.02 -61.59 -36.20
N HIS A 58 -36.71 -61.43 -36.38
CA HIS A 58 -35.78 -61.62 -35.28
C HIS A 58 -36.09 -60.68 -34.12
N GLY A 59 -36.56 -59.48 -34.46
CA GLY A 59 -36.89 -58.49 -33.46
C GLY A 59 -38.03 -58.97 -32.60
N GLN A 60 -38.93 -59.73 -33.22
CA GLN A 60 -40.07 -60.28 -32.50
C GLN A 60 -39.59 -61.30 -31.48
N LYS A 61 -38.67 -62.20 -31.89
CA LYS A 61 -38.10 -63.21 -30.98
C LYS A 61 -37.41 -62.55 -29.78
N VAL A 62 -36.65 -61.50 -30.06
CA VAL A 62 -35.98 -60.75 -29.00
C VAL A 62 -36.99 -60.10 -28.03
N ALA A 63 -38.01 -59.44 -28.60
CA ALA A 63 -39.06 -58.84 -27.79
C ALA A 63 -39.75 -59.91 -26.92
N ASP A 64 -39.99 -61.08 -27.50
CA ASP A 64 -40.65 -62.13 -26.76
C ASP A 64 -39.79 -62.62 -25.60
N ALA A 65 -38.50 -62.79 -25.85
CA ALA A 65 -37.61 -63.25 -24.80
C ALA A 65 -37.65 -62.29 -23.62
N LEU A 66 -37.60 -60.98 -23.95
CA LEU A 66 -37.81 -59.91 -22.99
C LEU A 66 -39.17 -59.93 -22.26
N THR A 67 -40.27 -60.05 -22.99
CA THR A 67 -41.55 -60.23 -22.33
C THR A 67 -41.51 -61.41 -21.34
N LYS A 68 -40.86 -62.52 -21.73
CA LYS A 68 -40.77 -63.66 -20.84
C LYS A 68 -39.96 -63.30 -19.58
N ALA A 69 -38.85 -62.60 -19.81
CA ALA A 69 -38.04 -62.15 -18.73
C ALA A 69 -38.88 -61.27 -17.77
N VAL A 70 -39.62 -60.30 -18.30
CA VAL A 70 -40.43 -59.39 -17.46
C VAL A 70 -41.45 -60.15 -16.62
N GLY A 71 -41.92 -61.30 -17.09
CA GLY A 71 -42.89 -62.07 -16.32
C GLY A 71 -42.18 -62.89 -15.26
N HIS A 72 -40.91 -63.16 -15.50
CA HIS A 72 -40.04 -63.96 -14.65
C HIS A 72 -38.99 -63.28 -13.77
N LEU A 73 -39.12 -61.98 -13.50
CA LEU A 73 -38.02 -61.19 -12.86
C LEU A 73 -37.33 -61.78 -11.60
N ASP A 74 -38.01 -62.62 -10.86
CA ASP A 74 -37.40 -63.26 -9.72
C ASP A 74 -36.49 -64.42 -10.12
N ASP A 75 -36.60 -64.95 -11.32
CA ASP A 75 -35.59 -65.87 -11.79
C ASP A 75 -35.27 -65.51 -13.24
N LEU A 76 -34.21 -64.76 -13.49
CA LEU A 76 -33.76 -64.56 -14.86
C LEU A 76 -33.05 -65.73 -15.50
N PRO A 77 -32.15 -66.39 -14.75
CA PRO A 77 -31.45 -67.49 -15.43
C PRO A 77 -32.42 -68.54 -15.95
N GLY A 78 -33.48 -68.82 -15.19
CA GLY A 78 -34.49 -69.77 -15.57
C GLY A 78 -35.28 -69.35 -16.78
N ALA A 79 -35.76 -68.11 -16.81
CA ALA A 79 -36.53 -67.60 -17.95
C ALA A 79 -35.71 -67.67 -19.24
N LEU A 80 -34.49 -67.15 -19.17
CA LEU A 80 -33.60 -67.03 -20.33
C LEU A 80 -32.82 -68.31 -20.65
N SER A 81 -33.14 -69.39 -19.95
CA SER A 81 -32.30 -70.60 -19.85
C SER A 81 -31.62 -71.06 -21.14
N ALA A 82 -32.42 -71.36 -22.16
CA ALA A 82 -31.88 -71.87 -23.42
C ALA A 82 -30.98 -70.85 -24.13
N LEU A 83 -31.30 -69.56 -23.97
CA LEU A 83 -30.61 -68.49 -24.67
C LEU A 83 -29.20 -68.20 -24.17
N SER A 84 -28.89 -68.61 -22.94
CA SER A 84 -27.55 -68.41 -22.39
C SER A 84 -26.52 -69.25 -23.13
N ASP A 85 -26.73 -70.55 -23.24
CA ASP A 85 -25.80 -71.38 -24.00
C ASP A 85 -25.76 -70.94 -25.47
N LEU A 86 -26.88 -70.47 -25.97
CA LEU A 86 -26.98 -70.06 -27.37
C LEU A 86 -26.05 -68.89 -27.64
N HIS A 87 -26.15 -67.84 -26.85
CA HIS A 87 -25.30 -66.69 -27.08
C HIS A 87 -23.85 -66.91 -26.64
N ALA A 88 -23.66 -67.63 -25.54
CA ALA A 88 -22.34 -67.77 -24.95
C ALA A 88 -21.52 -68.82 -25.68
N HIS A 89 -22.16 -69.90 -26.08
CA HIS A 89 -21.43 -71.02 -26.63
C HIS A 89 -21.56 -71.19 -28.13
N LYS A 90 -22.77 -71.37 -28.63
CA LYS A 90 -22.95 -71.59 -30.07
C LYS A 90 -22.56 -70.35 -30.87
N LEU A 91 -23.19 -69.23 -30.55
CA LEU A 91 -23.02 -67.98 -31.27
C LEU A 91 -21.75 -67.28 -30.83
N ARG A 92 -21.35 -67.56 -29.58
CA ARG A 92 -20.19 -66.97 -28.95
C ARG A 92 -20.07 -65.45 -29.15
N VAL A 93 -21.10 -64.71 -28.76
CA VAL A 93 -21.13 -63.28 -29.01
C VAL A 93 -20.47 -62.55 -27.84
N ASP A 94 -19.45 -61.75 -28.18
CA ASP A 94 -18.66 -61.02 -27.21
C ASP A 94 -19.55 -60.12 -26.35
N PRO A 95 -19.37 -60.20 -25.02
CA PRO A 95 -20.19 -59.42 -24.08
C PRO A 95 -20.33 -57.92 -24.37
N VAL A 96 -19.37 -57.22 -25.01
CA VAL A 96 -19.58 -55.80 -25.33
C VAL A 96 -20.86 -55.55 -26.13
N ASN A 97 -21.30 -56.53 -26.91
CA ASN A 97 -22.39 -56.24 -27.79
C ASN A 97 -23.70 -56.10 -27.04
N PHE A 98 -23.78 -56.73 -25.87
CA PHE A 98 -25.03 -56.71 -25.13
C PHE A 98 -25.31 -55.34 -24.55
N LYS A 99 -24.28 -54.63 -24.11
CA LYS A 99 -24.51 -53.25 -23.69
C LYS A 99 -24.96 -52.35 -24.89
N LEU A 100 -24.45 -52.66 -26.07
CA LEU A 100 -24.88 -51.99 -27.29
C LEU A 100 -26.37 -52.22 -27.59
N LEU A 101 -26.80 -53.47 -27.74
CA LEU A 101 -28.22 -53.74 -27.91
C LEU A 101 -29.08 -53.18 -26.77
N SER A 102 -28.62 -53.27 -25.53
CA SER A 102 -29.41 -52.76 -24.40
C SER A 102 -29.64 -51.27 -24.57
N HIS A 103 -28.61 -50.60 -25.09
CA HIS A 103 -28.62 -49.17 -25.26
C HIS A 103 -29.66 -48.82 -26.29
N CYS A 104 -29.64 -49.57 -27.37
CA CYS A 104 -30.57 -49.33 -28.44
C CYS A 104 -32.01 -49.62 -28.01
N LEU A 105 -32.20 -50.65 -27.19
CA LEU A 105 -33.53 -50.92 -26.62
C LEU A 105 -34.02 -49.71 -25.82
N LEU A 106 -33.13 -49.18 -24.98
CA LEU A 106 -33.40 -48.00 -24.19
C LEU A 106 -33.73 -46.75 -25.08
N VAL A 107 -33.00 -46.60 -26.19
CA VAL A 107 -33.26 -45.51 -27.12
C VAL A 107 -34.64 -45.60 -27.74
N THR A 108 -35.01 -46.81 -28.16
CA THR A 108 -36.31 -47.05 -28.74
C THR A 108 -37.39 -46.77 -27.70
N LEU A 109 -37.19 -47.32 -26.51
CA LEU A 109 -38.16 -47.14 -25.41
C LEU A 109 -38.38 -45.64 -25.10
N ALA A 110 -37.28 -44.90 -24.93
CA ALA A 110 -37.36 -43.48 -24.68
C ALA A 110 -38.04 -42.72 -25.82
N ALA A 111 -37.71 -43.04 -27.06
CA ALA A 111 -38.34 -42.36 -28.20
C ALA A 111 -39.87 -42.56 -28.25
N HIS A 112 -40.31 -43.78 -28.00
CA HIS A 112 -41.73 -44.15 -28.10
C HIS A 112 -42.56 -43.89 -26.86
N HIS A 113 -41.91 -43.72 -25.71
CA HIS A 113 -42.67 -43.49 -24.48
C HIS A 113 -42.06 -42.40 -23.65
N PRO A 114 -41.96 -41.18 -24.19
CA PRO A 114 -41.16 -40.14 -23.53
C PRO A 114 -41.73 -39.72 -22.17
N ASP A 115 -43.04 -39.87 -21.97
CA ASP A 115 -43.61 -39.42 -20.72
C ASP A 115 -43.66 -40.52 -19.70
N ASP A 116 -43.37 -41.73 -20.13
CA ASP A 116 -43.25 -42.87 -19.21
C ASP A 116 -41.82 -43.23 -18.86
N PHE A 117 -40.85 -42.54 -19.47
CA PHE A 117 -39.46 -42.91 -19.22
C PHE A 117 -38.78 -41.83 -18.36
N ASN A 118 -39.04 -41.88 -17.06
CA ASN A 118 -38.49 -40.92 -16.11
C ASN A 118 -37.23 -41.54 -15.55
N PRO A 119 -36.32 -40.73 -14.98
CA PRO A 119 -35.00 -41.27 -14.64
C PRO A 119 -35.07 -42.51 -13.75
N SER A 120 -36.05 -42.61 -12.86
CA SER A 120 -36.17 -43.83 -12.06
C SER A 120 -36.41 -45.05 -12.93
N VAL A 121 -37.30 -44.91 -13.90
CA VAL A 121 -37.66 -46.00 -14.78
C VAL A 121 -36.52 -46.32 -15.75
N HIS A 122 -35.91 -45.28 -16.30
CA HIS A 122 -34.66 -45.39 -17.07
C HIS A 122 -33.68 -46.27 -16.26
N ALA A 123 -33.46 -45.91 -14.99
CA ALA A 123 -32.53 -46.65 -14.13
C ALA A 123 -32.93 -48.14 -13.97
N SER A 124 -34.21 -48.38 -13.72
CA SER A 124 -34.67 -49.72 -13.53
C SER A 124 -34.55 -50.51 -14.83
N LEU A 125 -34.87 -49.89 -15.97
CA LEU A 125 -34.83 -50.66 -17.22
C LEU A 125 -33.40 -50.98 -17.60
N ASP A 126 -32.48 -50.07 -17.26
CA ASP A 126 -31.06 -50.25 -17.57
C ASP A 126 -30.54 -51.41 -16.79
N LYS A 127 -30.97 -51.52 -15.55
CA LYS A 127 -30.49 -52.58 -14.68
C LYS A 127 -31.02 -53.91 -15.12
N PHE A 128 -32.28 -53.91 -15.51
CA PHE A 128 -32.93 -55.09 -16.03
C PHE A 128 -32.21 -55.59 -17.28
N LEU A 129 -32.00 -54.70 -18.25
CA LEU A 129 -31.29 -55.08 -19.46
C LEU A 129 -29.88 -55.56 -19.09
N ALA A 130 -29.26 -54.92 -18.10
CA ALA A 130 -27.93 -55.30 -17.66
C ALA A 130 -27.96 -56.72 -17.09
N ASN A 131 -28.96 -57.02 -16.27
CA ASN A 131 -29.10 -58.36 -15.72
C ASN A 131 -29.33 -59.44 -16.78
N VAL A 132 -30.15 -59.15 -17.78
CA VAL A 132 -30.30 -60.02 -18.93
C VAL A 132 -28.97 -60.22 -19.62
N SER A 133 -28.30 -59.12 -19.97
CA SER A 133 -26.93 -59.16 -20.51
C SER A 133 -25.97 -60.06 -19.72
N THR A 134 -26.02 -60.01 -18.40
CA THR A 134 -25.13 -60.86 -17.63
C THR A 134 -25.51 -62.31 -17.78
N VAL A 135 -26.81 -62.61 -17.65
CA VAL A 135 -27.27 -64.00 -17.73
C VAL A 135 -26.86 -64.60 -19.09
N LEU A 136 -26.98 -63.80 -20.15
CA LEU A 136 -26.62 -64.26 -21.49
C LEU A 136 -25.11 -64.27 -21.73
N THR A 137 -24.35 -63.51 -20.95
CA THR A 137 -22.89 -63.58 -21.10
C THR A 137 -22.07 -64.36 -20.08
N SER A 138 -22.69 -64.88 -19.02
CA SER A 138 -21.90 -65.38 -17.90
C SER A 138 -21.15 -66.67 -18.21
N LYS A 139 -21.58 -67.38 -19.24
CA LYS A 139 -20.97 -68.65 -19.61
C LYS A 139 -19.93 -68.50 -20.72
N TYR A 140 -19.67 -67.26 -21.13
CA TYR A 140 -18.71 -66.96 -22.19
C TYR A 140 -17.30 -67.39 -21.79
N ARG A 141 -16.66 -68.21 -22.61
CA ARG A 141 -15.41 -68.87 -22.22
C ARG A 141 -14.28 -68.59 -23.16
N VAL B 1 -13.95 -36.38 -36.54
CA VAL B 1 -14.36 -37.76 -36.81
C VAL B 1 -14.96 -37.92 -38.20
N HIS B 2 -14.79 -39.10 -38.79
CA HIS B 2 -15.16 -39.28 -40.18
C HIS B 2 -16.69 -39.28 -40.18
N LEU B 3 -17.27 -38.29 -40.86
CA LEU B 3 -18.72 -38.07 -40.84
C LEU B 3 -19.17 -37.63 -42.22
N SER B 4 -20.22 -38.26 -42.74
CA SER B 4 -20.58 -38.06 -44.13
C SER B 4 -21.22 -36.69 -44.38
N ALA B 5 -21.43 -36.37 -45.66
CA ALA B 5 -21.97 -35.08 -46.01
C ALA B 5 -23.40 -34.96 -45.51
N GLU B 6 -24.17 -36.04 -45.67
CA GLU B 6 -25.57 -36.06 -45.26
C GLU B 6 -25.69 -36.25 -43.76
N GLU B 7 -24.70 -36.95 -43.20
CA GLU B 7 -24.64 -37.19 -41.74
C GLU B 7 -24.42 -35.90 -40.97
N LYS B 8 -23.61 -35.01 -41.53
CA LYS B 8 -23.36 -33.72 -40.92
C LYS B 8 -24.63 -32.88 -40.91
N GLU B 9 -25.35 -32.85 -42.04
CA GLU B 9 -26.59 -32.07 -42.12
C GLU B 9 -27.58 -32.60 -41.11
N ALA B 10 -27.62 -33.91 -40.99
CA ALA B 10 -28.53 -34.59 -40.07
C ALA B 10 -28.28 -34.10 -38.64
N VAL B 11 -27.03 -34.24 -38.21
CA VAL B 11 -26.58 -33.85 -36.88
C VAL B 11 -26.77 -32.35 -36.66
N LEU B 12 -26.20 -31.53 -37.51
CA LEU B 12 -26.38 -30.08 -37.38
C LEU B 12 -27.86 -29.69 -37.42
N GLY B 13 -28.63 -30.33 -38.27
CA GLY B 13 -30.03 -29.98 -38.42
C GLY B 13 -30.82 -30.29 -37.17
N LEU B 14 -30.64 -31.48 -36.65
CA LEU B 14 -31.33 -31.90 -35.45
C LEU B 14 -30.98 -31.01 -34.27
N TRP B 15 -29.68 -30.74 -34.13
CA TRP B 15 -29.16 -29.88 -33.07
C TRP B 15 -29.85 -28.52 -33.01
N GLY B 16 -30.32 -28.01 -34.14
CA GLY B 16 -31.06 -26.74 -34.17
C GLY B 16 -32.39 -26.85 -33.45
N LYS B 17 -32.95 -28.05 -33.45
CA LYS B 17 -34.25 -28.37 -32.85
C LYS B 17 -34.22 -28.97 -31.45
N VAL B 18 -33.13 -28.82 -30.70
CA VAL B 18 -33.11 -29.31 -29.31
C VAL B 18 -32.64 -28.25 -28.33
N ASN B 19 -33.08 -28.32 -27.08
CA ASN B 19 -32.66 -27.31 -26.13
C ASN B 19 -31.44 -27.87 -25.47
N VAL B 20 -30.26 -27.41 -25.83
CA VAL B 20 -29.05 -28.05 -25.32
C VAL B 20 -28.85 -27.85 -23.83
N ASP B 21 -29.20 -26.68 -23.31
CA ASP B 21 -29.14 -26.42 -21.88
C ASP B 21 -30.01 -27.39 -21.10
N GLU B 22 -31.19 -27.67 -21.64
CA GLU B 22 -32.13 -28.56 -21.00
C GLU B 22 -31.68 -29.98 -21.13
N VAL B 23 -31.12 -30.37 -22.28
CA VAL B 23 -30.70 -31.78 -22.39
C VAL B 23 -29.46 -32.10 -21.56
N GLY B 24 -28.55 -31.15 -21.42
CA GLY B 24 -27.40 -31.33 -20.56
C GLY B 24 -27.80 -31.54 -19.10
N GLY B 25 -28.72 -30.74 -18.62
CA GLY B 25 -29.21 -30.88 -17.26
C GLY B 25 -29.95 -32.19 -17.04
N GLU B 26 -30.64 -32.67 -18.07
CA GLU B 26 -31.31 -33.94 -17.97
C GLU B 26 -30.30 -35.08 -18.07
N ALA B 27 -29.36 -34.96 -19.01
CA ALA B 27 -28.43 -36.03 -19.29
C ALA B 27 -27.49 -36.26 -18.10
N LEU B 28 -26.97 -35.18 -17.54
CA LEU B 28 -26.09 -35.32 -16.40
C LEU B 28 -26.83 -35.92 -15.20
N GLY B 29 -28.07 -35.48 -14.96
CA GLY B 29 -28.89 -36.01 -13.88
C GLY B 29 -29.18 -37.50 -14.05
N ARG B 30 -29.45 -37.90 -15.29
CA ARG B 30 -29.72 -39.32 -15.54
C ARG B 30 -28.45 -40.16 -15.34
N LEU B 31 -27.32 -39.66 -15.81
CA LEU B 31 -26.06 -40.39 -15.62
C LEU B 31 -25.86 -40.59 -14.11
N LEU B 32 -26.03 -39.53 -13.34
CA LEU B 32 -25.92 -39.61 -11.88
C LEU B 32 -26.87 -40.62 -11.22
N VAL B 33 -28.10 -40.71 -11.69
CA VAL B 33 -29.08 -41.67 -11.17
C VAL B 33 -28.80 -43.10 -11.66
N VAL B 34 -28.55 -43.23 -12.97
CA VAL B 34 -28.37 -44.55 -13.60
C VAL B 34 -27.03 -45.22 -13.27
N TYR B 35 -25.95 -44.44 -13.23
CA TYR B 35 -24.62 -44.99 -12.91
C TYR B 35 -24.06 -44.28 -11.69
N PRO B 36 -24.50 -44.70 -10.48
CA PRO B 36 -24.33 -43.97 -9.22
C PRO B 36 -22.89 -43.73 -8.81
N TRP B 37 -21.93 -44.48 -9.33
CA TRP B 37 -20.53 -44.24 -8.96
C TRP B 37 -20.06 -42.92 -9.56
N THR B 38 -20.85 -42.35 -10.46
CA THR B 38 -20.51 -41.06 -11.02
C THR B 38 -20.79 -39.94 -10.02
N GLN B 39 -21.66 -40.20 -9.05
CA GLN B 39 -21.96 -39.20 -8.01
C GLN B 39 -20.70 -38.88 -7.21
N ARG B 40 -19.74 -39.78 -7.28
CA ARG B 40 -18.49 -39.61 -6.56
C ARG B 40 -17.78 -38.33 -6.98
N PHE B 41 -17.92 -37.94 -8.25
CA PHE B 41 -17.19 -36.78 -8.73
C PHE B 41 -17.86 -35.48 -8.29
N PHE B 42 -19.14 -35.60 -7.97
CA PHE B 42 -20.01 -34.50 -7.58
C PHE B 42 -20.34 -34.24 -6.10
N GLU B 43 -19.60 -34.82 -5.17
CA GLU B 43 -19.89 -34.66 -3.75
C GLU B 43 -20.25 -33.22 -3.36
N SER B 44 -19.56 -32.26 -3.96
CA SER B 44 -19.71 -30.85 -3.64
C SER B 44 -21.00 -30.20 -4.14
N PHE B 45 -21.78 -30.94 -4.92
CA PHE B 45 -22.99 -30.39 -5.52
C PHE B 45 -24.20 -30.42 -4.58
N GLY B 46 -24.02 -30.88 -3.34
CA GLY B 46 -25.14 -31.01 -2.43
C GLY B 46 -25.86 -32.35 -2.51
N ASP B 47 -27.19 -32.33 -2.37
CA ASP B 47 -27.92 -33.58 -2.14
C ASP B 47 -28.11 -34.37 -3.41
N LEU B 48 -27.43 -35.51 -3.46
CA LEU B 48 -27.57 -36.53 -4.49
C LEU B 48 -28.30 -37.82 -4.08
N SER B 49 -28.89 -37.84 -2.88
CA SER B 49 -29.38 -39.10 -2.26
C SER B 49 -30.38 -39.94 -3.08
N ASN B 50 -31.50 -39.35 -3.47
CA ASN B 50 -32.48 -40.04 -4.31
C ASN B 50 -32.60 -39.38 -5.67
N ALA B 51 -33.45 -39.94 -6.53
CA ALA B 51 -33.51 -39.52 -7.93
C ALA B 51 -34.10 -38.12 -8.08
N ASP B 52 -35.16 -37.82 -7.33
CA ASP B 52 -35.80 -36.52 -7.44
C ASP B 52 -34.85 -35.42 -6.97
N ALA B 53 -34.06 -35.77 -5.95
CA ALA B 53 -33.00 -34.90 -5.47
C ALA B 53 -31.96 -34.59 -6.54
N VAL B 54 -31.46 -35.63 -7.22
CA VAL B 54 -30.49 -35.46 -8.31
C VAL B 54 -31.06 -34.62 -9.44
N MET B 55 -32.26 -34.94 -9.90
CA MET B 55 -32.85 -34.16 -10.99
C MET B 55 -33.17 -32.75 -10.55
N GLY B 56 -33.67 -32.61 -9.33
CA GLY B 56 -34.00 -31.32 -8.76
C GLY B 56 -32.81 -30.45 -8.41
N ASN B 57 -31.61 -31.03 -8.44
CA ASN B 57 -30.42 -30.30 -7.99
C ASN B 57 -30.01 -29.15 -8.92
N PRO B 58 -30.00 -27.91 -8.40
CA PRO B 58 -29.69 -26.69 -9.17
C PRO B 58 -28.27 -26.69 -9.75
N LYS B 59 -27.33 -27.31 -9.04
CA LYS B 59 -25.93 -27.39 -9.48
C LYS B 59 -25.73 -28.43 -10.61
N VAL B 60 -26.45 -29.54 -10.50
CA VAL B 60 -26.48 -30.51 -11.59
C VAL B 60 -27.03 -29.85 -12.88
N LYS B 61 -28.19 -29.20 -12.78
CA LYS B 61 -28.80 -28.53 -13.92
C LYS B 61 -27.79 -27.62 -14.58
N ALA B 62 -27.10 -26.84 -13.75
CA ALA B 62 -26.20 -25.79 -14.20
C ALA B 62 -24.93 -26.37 -14.79
N HIS B 63 -24.40 -27.41 -14.17
CA HIS B 63 -23.21 -28.06 -14.69
C HIS B 63 -23.47 -28.80 -16.00
N GLY B 64 -24.64 -29.41 -16.10
CA GLY B 64 -25.03 -30.13 -17.31
C GLY B 64 -25.06 -29.22 -18.53
N LYS B 65 -25.52 -27.99 -18.34
CA LYS B 65 -25.53 -27.00 -19.41
C LYS B 65 -24.12 -26.80 -19.93
N LYS B 66 -23.18 -26.77 -18.99
CA LYS B 66 -21.79 -26.52 -19.29
C LYS B 66 -21.21 -27.62 -20.17
N VAL B 67 -21.53 -28.88 -19.85
CA VAL B 67 -20.99 -29.98 -20.65
C VAL B 67 -21.66 -30.06 -22.04
N LEU B 68 -22.98 -29.93 -22.08
CA LEU B 68 -23.67 -29.93 -23.35
C LEU B 68 -23.36 -28.69 -24.19
N GLN B 69 -22.97 -27.59 -23.56
CA GLN B 69 -22.58 -26.46 -24.37
C GLN B 69 -21.16 -26.64 -24.87
N SER B 70 -20.41 -27.48 -24.17
CA SER B 70 -19.09 -27.87 -24.64
C SER B 70 -19.24 -28.79 -25.85
N PHE B 71 -20.30 -29.60 -25.86
CA PHE B 71 -20.65 -30.43 -27.00
C PHE B 71 -20.96 -29.58 -28.23
N SER B 72 -21.69 -28.49 -28.04
CA SER B 72 -22.07 -27.62 -29.14
C SER B 72 -20.82 -27.12 -29.82
N ASP B 73 -19.81 -26.79 -29.03
CA ASP B 73 -18.56 -26.32 -29.57
C ASP B 73 -17.85 -27.45 -30.31
N GLY B 74 -18.14 -28.68 -29.89
CA GLY B 74 -17.62 -29.84 -30.58
C GLY B 74 -18.13 -29.93 -32.01
N LEU B 75 -19.46 -29.89 -32.16
CA LEU B 75 -20.08 -29.81 -33.49
C LEU B 75 -19.53 -28.69 -34.39
N LYS B 76 -19.17 -27.55 -33.80
CA LYS B 76 -18.59 -26.45 -34.56
C LYS B 76 -17.34 -26.90 -35.34
N HIS B 77 -16.37 -27.54 -34.67
CA HIS B 77 -15.24 -28.14 -35.40
C HIS B 77 -15.21 -29.63 -35.22
N LEU B 78 -15.64 -30.38 -36.24
CA LEU B 78 -15.55 -31.84 -36.17
C LEU B 78 -14.20 -32.39 -36.62
N ASP B 79 -13.59 -31.69 -37.57
CA ASP B 79 -12.37 -32.15 -38.20
C ASP B 79 -11.22 -32.10 -37.22
N ASN B 80 -11.18 -31.07 -36.38
CA ASN B 80 -10.23 -31.08 -35.28
C ASN B 80 -11.03 -31.19 -33.99
N LEU B 81 -11.18 -32.42 -33.52
CA LEU B 81 -11.84 -32.69 -32.25
C LEU B 81 -10.86 -32.69 -31.08
N LYS B 82 -9.70 -33.31 -31.32
CA LYS B 82 -8.74 -33.64 -30.27
C LYS B 82 -8.26 -32.37 -29.61
N GLY B 83 -8.08 -31.35 -30.44
CA GLY B 83 -7.57 -30.06 -30.00
C GLY B 83 -8.60 -29.19 -29.30
N THR B 84 -9.85 -29.27 -29.77
CA THR B 84 -10.96 -28.60 -29.11
C THR B 84 -11.03 -29.02 -27.63
N PHE B 85 -11.07 -30.32 -27.41
CA PHE B 85 -11.22 -30.86 -26.06
C PHE B 85 -9.89 -31.17 -25.36
N ALA B 86 -8.77 -30.84 -26.00
CA ALA B 86 -7.45 -31.03 -25.38
C ALA B 86 -7.32 -30.44 -23.96
N LYS B 87 -7.80 -29.21 -23.77
CA LYS B 87 -7.74 -28.55 -22.48
C LYS B 87 -8.57 -29.30 -21.43
N LEU B 88 -9.83 -29.58 -21.78
CA LEU B 88 -10.74 -30.37 -20.95
C LEU B 88 -10.24 -31.80 -20.68
N SER B 89 -9.49 -32.37 -21.62
CA SER B 89 -8.95 -33.71 -21.45
C SER B 89 -7.92 -33.74 -20.32
N GLU B 90 -7.10 -32.69 -20.26
CA GLU B 90 -6.09 -32.53 -19.22
C GLU B 90 -6.78 -32.44 -17.86
N LEU B 91 -7.79 -31.57 -17.79
CA LEU B 91 -8.64 -31.44 -16.61
C LEU B 91 -9.23 -32.79 -16.21
N HIS B 92 -9.93 -33.46 -17.14
CA HIS B 92 -10.61 -34.71 -16.82
C HIS B 92 -9.70 -35.85 -16.46
N CYS B 93 -8.57 -35.97 -17.16
CA CYS B 93 -7.60 -36.99 -16.78
C CYS B 93 -6.78 -36.64 -15.54
N ASP B 94 -5.94 -35.62 -15.67
CA ASP B 94 -4.86 -35.37 -14.71
C ASP B 94 -5.31 -34.70 -13.42
N GLN B 95 -6.47 -34.05 -13.47
CA GLN B 95 -7.02 -33.35 -12.32
C GLN B 95 -8.12 -34.18 -11.65
N LEU B 96 -9.17 -34.49 -12.41
CA LEU B 96 -10.34 -35.20 -11.90
C LEU B 96 -10.28 -36.74 -11.84
N HIS B 97 -9.38 -37.35 -12.62
CA HIS B 97 -9.27 -38.84 -12.71
C HIS B 97 -10.59 -39.63 -13.06
N VAL B 98 -11.32 -39.17 -14.09
CA VAL B 98 -12.50 -39.85 -14.58
C VAL B 98 -12.14 -41.04 -15.50
N ASP B 99 -12.66 -42.26 -15.27
CA ASP B 99 -12.35 -43.34 -16.25
C ASP B 99 -13.10 -43.03 -17.57
N PRO B 100 -12.45 -43.23 -18.73
CA PRO B 100 -13.04 -42.99 -20.05
C PRO B 100 -14.38 -43.76 -20.28
N GLU B 101 -14.57 -44.86 -19.52
N GLU B 101 -14.60 -44.85 -19.57
CA GLU B 101 -15.85 -45.57 -19.53
CA GLU B 101 -15.87 -45.49 -19.84
C GLU B 101 -16.97 -44.56 -19.31
C GLU B 101 -17.01 -44.67 -19.19
N ASN B 102 -16.69 -43.60 -18.44
CA ASN B 102 -17.71 -42.67 -18.02
C ASN B 102 -18.05 -41.67 -19.11
N PHE B 103 -17.07 -41.27 -19.92
CA PHE B 103 -17.34 -40.43 -21.08
C PHE B 103 -18.30 -41.17 -22.01
N ARG B 104 -17.97 -42.42 -22.33
CA ARG B 104 -18.81 -43.26 -23.16
C ARG B 104 -20.24 -43.40 -22.59
N LEU B 105 -20.36 -43.66 -21.29
CA LEU B 105 -21.66 -43.76 -20.65
C LEU B 105 -22.47 -42.46 -20.75
N LEU B 106 -21.88 -41.33 -20.40
CA LEU B 106 -22.58 -40.05 -20.51
C LEU B 106 -23.00 -39.76 -21.95
N GLY B 107 -22.09 -40.02 -22.90
CA GLY B 107 -22.39 -39.90 -24.33
C GLY B 107 -23.64 -40.66 -24.72
N ASN B 108 -23.72 -41.93 -24.38
CA ASN B 108 -24.93 -42.69 -24.62
C ASN B 108 -26.17 -42.18 -23.88
N VAL B 109 -26.02 -41.71 -22.65
CA VAL B 109 -27.16 -41.12 -21.95
C VAL B 109 -27.71 -39.91 -22.75
N ILE B 110 -26.81 -39.03 -23.24
CA ILE B 110 -27.20 -37.89 -24.01
C ILE B 110 -28.00 -38.39 -25.20
N VAL B 111 -27.50 -39.45 -25.83
CA VAL B 111 -28.21 -40.06 -26.96
C VAL B 111 -29.61 -40.52 -26.54
N VAL B 112 -29.77 -41.15 -25.37
CA VAL B 112 -31.13 -41.53 -25.02
C VAL B 112 -32.04 -40.36 -24.65
N VAL B 113 -31.49 -39.26 -24.13
CA VAL B 113 -32.36 -38.10 -23.91
C VAL B 113 -32.67 -37.34 -25.21
N LEU B 114 -31.77 -37.39 -26.19
CA LEU B 114 -32.09 -36.84 -27.50
C LEU B 114 -33.26 -37.61 -28.12
N ALA B 115 -33.21 -38.93 -27.95
CA ALA B 115 -34.27 -39.80 -28.44
C ALA B 115 -35.57 -39.44 -27.74
N ARG B 116 -35.49 -39.28 -26.41
CA ARG B 116 -36.69 -39.01 -25.62
C ARG B 116 -37.34 -37.69 -25.99
N ARG B 117 -36.52 -36.67 -26.23
CA ARG B 117 -37.04 -35.35 -26.55
C ARG B 117 -37.44 -35.22 -28.02
N LEU B 118 -36.67 -35.84 -28.92
CA LEU B 118 -36.95 -35.69 -30.34
C LEU B 118 -37.85 -36.74 -30.99
N GLY B 119 -38.11 -37.84 -30.28
CA GLY B 119 -39.00 -38.88 -30.76
C GLY B 119 -38.70 -39.35 -32.18
N HIS B 120 -39.73 -39.36 -33.03
CA HIS B 120 -39.61 -39.89 -34.38
C HIS B 120 -38.55 -39.17 -35.23
N ASP B 121 -38.27 -37.93 -34.88
CA ASP B 121 -37.20 -37.21 -35.55
C ASP B 121 -35.85 -37.89 -35.33
N PHE B 122 -35.65 -38.56 -34.19
CA PHE B 122 -34.36 -39.17 -33.95
C PHE B 122 -34.50 -40.61 -34.35
N ASN B 123 -34.30 -40.85 -35.65
CA ASN B 123 -34.51 -42.15 -36.28
C ASN B 123 -33.21 -42.89 -36.34
N PRO B 124 -33.24 -44.20 -36.63
CA PRO B 124 -31.99 -44.97 -36.62
C PRO B 124 -30.81 -44.33 -37.35
N ASN B 125 -31.03 -43.70 -38.50
CA ASN B 125 -29.91 -43.14 -39.23
C ASN B 125 -29.31 -41.91 -38.61
N VAL B 126 -30.15 -41.09 -38.01
CA VAL B 126 -29.66 -39.90 -37.31
C VAL B 126 -29.00 -40.30 -36.00
N GLN B 127 -29.51 -41.34 -35.36
CA GLN B 127 -28.82 -41.83 -34.17
C GLN B 127 -27.42 -42.36 -34.54
N ALA B 128 -27.30 -43.06 -35.66
CA ALA B 128 -26.03 -43.62 -36.08
C ALA B 128 -24.98 -42.51 -36.27
N ALA B 129 -25.42 -41.39 -36.83
CA ALA B 129 -24.58 -40.22 -36.99
C ALA B 129 -24.24 -39.59 -35.64
N PHE B 130 -25.18 -39.63 -34.69
CA PHE B 130 -24.86 -39.08 -33.38
C PHE B 130 -23.89 -39.96 -32.61
N GLN B 131 -23.96 -41.26 -32.81
CA GLN B 131 -23.04 -42.18 -32.16
C GLN B 131 -21.61 -41.87 -32.60
N LYS B 132 -21.43 -41.57 -33.88
CA LYS B 132 -20.12 -41.20 -34.41
C LYS B 132 -19.63 -39.97 -33.68
N VAL B 133 -20.53 -39.00 -33.47
CA VAL B 133 -20.19 -37.78 -32.74
C VAL B 133 -19.88 -38.04 -31.25
N VAL B 134 -20.76 -38.72 -30.52
CA VAL B 134 -20.47 -38.90 -29.09
C VAL B 134 -19.21 -39.76 -28.87
N ALA B 135 -18.93 -40.69 -29.79
CA ALA B 135 -17.69 -41.47 -29.71
C ALA B 135 -16.48 -40.56 -30.00
N GLY B 136 -16.73 -39.50 -30.75
CA GLY B 136 -15.67 -38.60 -31.10
C GLY B 136 -15.25 -37.73 -29.94
N VAL B 137 -16.22 -37.25 -29.16
CA VAL B 137 -15.87 -36.39 -28.05
C VAL B 137 -15.41 -37.20 -26.86
N ALA B 138 -15.92 -38.43 -26.71
CA ALA B 138 -15.39 -39.36 -25.69
C ALA B 138 -13.92 -39.65 -25.97
N ASN B 139 -13.59 -39.96 -27.22
CA ASN B 139 -12.22 -40.26 -27.58
C ASN B 139 -11.33 -39.05 -27.52
N ALA B 140 -11.92 -37.87 -27.69
CA ALA B 140 -11.15 -36.63 -27.62
C ALA B 140 -10.85 -36.25 -26.17
N LEU B 141 -11.73 -36.61 -25.25
CA LEU B 141 -11.52 -36.41 -23.81
C LEU B 141 -10.56 -37.42 -23.18
N ALA B 142 -10.56 -38.63 -23.72
CA ALA B 142 -9.65 -39.67 -23.25
C ALA B 142 -8.26 -39.57 -23.90
N HIS B 143 -8.07 -38.57 -24.77
CA HIS B 143 -6.83 -38.46 -25.55
C HIS B 143 -5.58 -38.16 -24.73
N LYS B 144 -5.72 -37.33 -23.70
CA LYS B 144 -4.58 -36.83 -22.92
C LYS B 144 -4.17 -37.87 -21.86
N TYR B 145 -4.73 -39.04 -21.93
CA TYR B 145 -4.49 -40.11 -20.96
C TYR B 145 -3.47 -41.07 -21.43
N HIS B 146 -2.24 -40.75 -21.17
CA HIS B 146 -1.15 -41.65 -21.52
C HIS B 146 -1.11 -42.06 -23.01
N CYS C 33 37.12 -46.77 -5.30
CA CYS C 33 38.24 -47.03 -4.41
C CYS C 33 39.55 -46.42 -4.90
N PRO C 34 39.77 -45.12 -4.61
CA PRO C 34 41.13 -44.59 -4.68
C PRO C 34 41.95 -45.23 -3.56
N LYS C 35 43.15 -45.69 -3.85
CA LYS C 35 44.03 -46.22 -2.81
C LYS C 35 44.15 -45.15 -1.70
N PRO C 36 43.99 -45.58 -0.42
CA PRO C 36 44.15 -44.65 0.72
C PRO C 36 45.65 -44.44 1.02
N PRO C 37 46.03 -43.29 1.59
CA PRO C 37 47.46 -42.99 1.71
C PRO C 37 48.21 -44.00 2.58
N GLU C 38 49.51 -44.16 2.36
CA GLU C 38 50.26 -45.07 3.20
C GLU C 38 50.67 -44.34 4.46
N ILE C 39 50.75 -45.07 5.57
CA ILE C 39 51.32 -44.47 6.77
C ILE C 39 52.58 -45.20 7.20
N PRO C 40 53.57 -44.42 7.63
CA PRO C 40 54.88 -44.95 8.00
C PRO C 40 54.76 -46.07 9.04
N LYS C 41 55.49 -47.16 8.82
CA LYS C 41 55.46 -48.36 9.66
C LYS C 41 54.04 -48.93 9.82
N GLY C 42 53.18 -48.75 8.81
CA GLY C 42 51.89 -49.39 8.89
C GLY C 42 51.20 -49.72 7.58
N TYR C 43 50.37 -50.76 7.63
CA TYR C 43 49.74 -51.24 6.44
C TYR C 43 48.21 -51.17 6.50
N VAL C 44 47.55 -51.57 5.42
CA VAL C 44 46.13 -51.39 5.28
C VAL C 44 45.37 -52.71 5.07
N GLU C 45 44.22 -52.83 5.73
CA GLU C 45 43.34 -53.97 5.54
C GLU C 45 42.11 -53.47 4.78
N HIS C 46 41.73 -54.15 3.71
CA HIS C 46 40.54 -53.74 2.93
C HIS C 46 39.22 -54.41 3.35
N MET C 47 38.17 -53.61 3.46
CA MET C 47 36.83 -54.16 3.72
C MET C 47 35.78 -53.58 2.77
N VAL C 48 34.62 -54.20 2.75
CA VAL C 48 33.45 -53.63 2.09
C VAL C 48 32.20 -53.90 2.92
N ARG C 49 31.26 -52.96 2.89
CA ARG C 49 29.94 -53.20 3.43
C ARG C 49 28.96 -53.14 2.27
N TYR C 50 28.09 -54.15 2.17
CA TYR C 50 27.12 -54.26 1.07
C TYR C 50 25.81 -53.52 1.39
N HIS C 51 25.26 -52.85 0.38
CA HIS C 51 23.97 -52.20 0.54
C HIS C 51 23.08 -52.56 -0.63
N CYS C 52 21.78 -52.42 -0.47
CA CYS C 52 20.87 -52.83 -1.51
C CYS C 52 20.26 -51.63 -2.19
N GLN C 53 19.89 -51.83 -3.44
CA GLN C 53 19.15 -50.86 -4.21
C GLN C 53 17.88 -50.48 -3.48
N THR C 54 17.43 -49.26 -3.72
CA THR C 54 16.11 -48.87 -3.24
C THR C 54 15.04 -49.83 -3.80
N TYR C 55 14.06 -50.16 -2.95
CA TYR C 55 13.05 -51.22 -3.17
C TYR C 55 13.50 -52.64 -2.79
N TYR C 56 14.76 -52.77 -2.38
CA TYR C 56 15.34 -54.05 -1.96
C TYR C 56 15.91 -54.04 -0.54
N LYS C 57 16.14 -55.23 0.00
CA LYS C 57 16.57 -55.38 1.38
C LYS C 57 17.76 -56.34 1.46
N LEU C 58 18.78 -55.97 2.24
CA LEU C 58 19.94 -56.85 2.46
C LEU C 58 19.48 -58.12 3.14
N ARG C 59 19.93 -59.26 2.64
CA ARG C 59 19.62 -60.51 3.30
C ARG C 59 20.96 -61.21 3.55
N THR C 60 21.38 -61.27 4.82
CA THR C 60 22.61 -61.95 5.18
C THR C 60 22.48 -62.50 6.57
N ALA C 61 23.54 -63.20 6.97
CA ALA C 61 23.55 -63.96 8.22
C ALA C 61 24.02 -63.32 9.57
N GLY C 62 25.20 -62.70 9.70
CA GLY C 62 26.03 -62.01 8.71
C GLY C 62 25.81 -60.50 8.91
N ASP C 63 26.89 -59.71 8.97
CA ASP C 63 26.79 -58.24 9.21
C ASP C 63 26.94 -57.33 8.00
N GLY C 64 27.07 -57.92 6.81
CA GLY C 64 27.24 -57.15 5.60
C GLY C 64 28.67 -56.70 5.32
N VAL C 65 29.54 -56.80 6.31
CA VAL C 65 30.93 -56.39 6.13
C VAL C 65 31.84 -57.57 5.79
N TYR C 66 32.57 -57.42 4.68
CA TYR C 66 33.44 -58.47 4.17
C TYR C 66 34.83 -57.93 4.05
N THR C 67 35.81 -58.78 4.31
CA THR C 67 37.15 -58.29 4.48
C THR C 67 38.20 -59.20 3.81
N LEU C 68 39.14 -58.58 3.09
CA LEU C 68 40.14 -59.26 2.25
C LEU C 68 41.18 -60.07 3.02
N ASP C 69 41.27 -61.36 2.68
CA ASP C 69 42.27 -62.31 3.20
C ASP C 69 43.65 -62.11 2.62
N SER C 70 44.64 -62.73 3.27
CA SER C 70 45.94 -62.97 2.65
C SER C 70 45.79 -63.96 1.47
N ASN C 71 44.66 -64.66 1.47
CA ASN C 71 44.32 -65.65 0.45
C ASN C 71 43.51 -65.05 -0.67
N LYS C 72 43.39 -63.73 -0.65
CA LYS C 72 42.62 -63.00 -1.65
C LYS C 72 41.14 -63.37 -1.61
N GLN C 73 40.69 -63.82 -0.45
CA GLN C 73 39.27 -64.09 -0.25
C GLN C 73 38.57 -62.96 0.49
N TRP C 74 37.35 -62.63 0.07
CA TRP C 74 36.56 -61.67 0.80
C TRP C 74 35.66 -62.43 1.77
N THR C 75 35.88 -62.21 3.06
CA THR C 75 35.30 -63.08 4.05
C THR C 75 34.50 -62.34 5.14
N ASN C 76 33.62 -63.07 5.82
CA ASN C 76 32.84 -62.54 6.95
C ASN C 76 32.76 -63.58 8.05
N LYS C 77 32.93 -63.17 9.30
CA LYS C 77 33.05 -64.12 10.41
C LYS C 77 31.89 -65.11 10.52
N VAL C 78 30.70 -64.63 10.17
CA VAL C 78 29.49 -65.44 10.25
C VAL C 78 29.22 -66.36 9.06
N THR C 79 29.28 -65.75 7.87
CA THR C 79 28.83 -66.35 6.59
C THR C 79 29.93 -66.94 5.71
N GLY C 80 31.16 -66.94 6.20
CA GLY C 80 32.26 -67.41 5.39
C GLY C 80 32.38 -66.59 4.12
N GLU C 81 32.55 -67.26 2.99
CA GLU C 81 32.82 -66.54 1.76
C GLU C 81 31.54 -66.05 1.10
N LYS C 82 30.41 -66.52 1.65
CA LYS C 82 29.10 -66.29 1.07
C LYS C 82 28.65 -64.84 1.16
N LEU C 83 28.32 -64.26 0.01
CA LEU C 83 27.90 -62.87 0.00
C LEU C 83 26.43 -62.71 0.40
N PRO C 84 26.03 -61.48 0.74
CA PRO C 84 24.63 -61.11 0.94
C PRO C 84 23.79 -61.27 -0.31
N GLU C 85 22.47 -61.28 -0.13
CA GLU C 85 21.54 -61.26 -1.26
C GLU C 85 20.64 -60.05 -1.14
N CYS C 86 20.28 -59.49 -2.29
CA CYS C 86 19.30 -58.40 -2.32
C CYS C 86 17.88 -58.85 -2.67
N GLU C 87 16.94 -58.56 -1.79
CA GLU C 87 15.59 -59.08 -1.94
C GLU C 87 14.53 -58.00 -1.97
N ALA C 88 13.59 -58.14 -2.90
CA ALA C 88 12.54 -57.16 -3.12
C ALA C 88 11.66 -56.93 -1.88
N VAL C 89 11.46 -55.67 -1.54
CA VAL C 89 10.55 -55.28 -0.49
C VAL C 89 9.15 -55.46 -1.01
N CYS C 90 8.26 -56.00 -0.18
CA CYS C 90 6.92 -56.32 -0.64
C CYS C 90 5.80 -55.48 0.03
N GLY C 91 4.68 -55.28 -0.66
CA GLY C 91 3.54 -54.61 -0.10
C GLY C 91 3.76 -53.19 0.38
N LYS C 92 4.61 -52.43 -0.33
CA LYS C 92 4.92 -51.04 0.05
C LYS C 92 4.94 -50.12 -1.16
N PRO C 93 3.78 -49.88 -1.79
CA PRO C 93 3.72 -49.10 -3.03
C PRO C 93 4.39 -47.74 -2.87
N LYS C 94 5.07 -47.24 -3.89
CA LYS C 94 5.68 -45.93 -3.81
C LYS C 94 4.63 -44.84 -3.57
N ASN C 95 3.44 -45.02 -4.12
CA ASN C 95 2.33 -44.08 -3.93
C ASN C 95 1.01 -44.78 -3.75
N PRO C 96 0.70 -45.17 -2.49
CA PRO C 96 -0.53 -45.88 -2.10
C PRO C 96 -1.77 -45.06 -2.37
N VAL C 97 -2.94 -45.70 -2.42
CA VAL C 97 -4.17 -44.99 -2.75
C VAL C 97 -4.49 -43.76 -1.87
N ILE C 103 -14.01 -54.34 -13.69
CA ILE C 103 -14.68 -53.60 -12.62
C ILE C 103 -15.70 -52.69 -13.29
N MET C 104 -16.98 -52.78 -12.92
CA MET C 104 -17.98 -52.03 -13.62
C MET C 104 -17.92 -50.57 -13.18
N GLY C 105 -17.88 -50.37 -11.89
CA GLY C 105 -17.61 -48.99 -11.50
C GLY C 105 -16.16 -48.46 -11.56
N GLY C 106 -15.92 -47.47 -10.71
CA GLY C 106 -14.90 -46.46 -10.99
C GLY C 106 -13.64 -46.59 -10.19
N SER C 107 -13.02 -45.44 -9.93
CA SER C 107 -11.63 -45.29 -9.43
C SER C 107 -10.48 -45.71 -10.35
N LEU C 108 -10.19 -44.83 -11.30
CA LEU C 108 -9.05 -44.96 -12.17
C LEU C 108 -7.77 -44.97 -11.33
N ASP C 109 -6.81 -45.85 -11.63
CA ASP C 109 -5.60 -45.88 -10.82
C ASP C 109 -4.65 -44.89 -11.45
N ALA C 110 -4.60 -43.71 -10.84
CA ALA C 110 -3.90 -42.59 -11.42
C ALA C 110 -2.43 -42.62 -11.09
N LYS C 111 -2.12 -43.00 -9.84
CA LYS C 111 -0.77 -42.90 -9.30
C LYS C 111 0.05 -44.16 -9.52
N GLY C 112 -0.58 -45.20 -10.04
CA GLY C 112 0.07 -46.51 -10.10
C GLY C 112 0.26 -47.10 -8.71
N SER C 113 -0.87 -47.27 -8.00
CA SER C 113 -0.87 -47.62 -6.58
C SER C 113 -0.96 -49.11 -6.37
N PHE C 114 -1.02 -49.87 -7.46
CA PHE C 114 -1.16 -51.31 -7.34
C PHE C 114 -0.10 -52.01 -8.16
N PRO C 115 1.16 -51.89 -7.71
CA PRO C 115 2.36 -52.40 -8.39
C PRO C 115 2.32 -53.92 -8.58
N TRP C 116 1.59 -54.61 -7.70
CA TRP C 116 1.53 -56.06 -7.74
C TRP C 116 0.56 -56.64 -8.77
N GLN C 117 -0.30 -55.81 -9.36
CA GLN C 117 -1.32 -56.25 -10.33
C GLN C 117 -0.73 -56.67 -11.66
N ALA C 118 -1.03 -57.88 -12.12
CA ALA C 118 -0.58 -58.21 -13.47
C ALA C 118 -1.78 -58.52 -14.38
N LYS C 119 -1.63 -58.29 -15.68
CA LYS C 119 -2.70 -58.53 -16.65
C LYS C 119 -2.33 -59.77 -17.43
N MET C 120 -3.22 -60.76 -17.46
CA MET C 120 -2.96 -62.00 -18.19
C MET C 120 -3.92 -62.18 -19.38
N ILE C 121 -3.37 -62.60 -20.52
CA ILE C 121 -4.21 -62.78 -21.73
C ILE C 121 -4.15 -64.18 -22.38
N SER C 122 -5.32 -64.80 -22.50
CA SER C 122 -5.42 -66.13 -23.09
C SER C 122 -5.09 -66.12 -24.58
N HIS C 123 -4.77 -67.28 -25.14
CA HIS C 123 -4.45 -67.37 -26.56
C HIS C 123 -5.59 -66.84 -27.41
N HIS C 124 -6.81 -67.00 -26.92
CA HIS C 124 -8.02 -66.55 -27.62
C HIS C 124 -8.48 -65.15 -27.20
N ASN C 125 -7.56 -64.43 -26.57
CA ASN C 125 -7.68 -62.99 -26.28
C ASN C 125 -8.66 -62.55 -25.20
N LEU C 126 -8.75 -63.32 -24.12
CA LEU C 126 -9.51 -62.91 -22.95
C LEU C 126 -8.57 -62.45 -21.83
N THR C 127 -8.83 -61.25 -21.31
CA THR C 127 -8.01 -60.68 -20.26
C THR C 127 -8.46 -61.20 -18.89
N SER C 128 -7.51 -61.43 -17.99
CA SER C 128 -7.78 -61.86 -16.63
C SER C 128 -6.70 -61.35 -15.65
N GLY C 129 -6.86 -61.61 -14.36
CA GLY C 129 -5.94 -61.06 -13.37
C GLY C 129 -4.84 -61.97 -12.84
N ALA C 130 -3.79 -61.35 -12.30
CA ALA C 130 -2.66 -62.10 -11.78
C ALA C 130 -2.24 -61.75 -10.37
N THR C 131 -1.78 -60.54 -10.06
CA THR C 131 -1.16 -60.35 -8.68
C THR C 131 0.13 -61.09 -8.25
N LEU C 132 1.25 -60.45 -8.60
CA LEU C 132 2.62 -60.79 -8.19
C LEU C 132 2.89 -60.89 -6.66
N ILE C 133 3.32 -62.07 -6.28
CA ILE C 133 3.45 -62.47 -4.90
C ILE C 133 4.91 -62.36 -4.36
N ASN C 134 5.86 -62.28 -5.28
CA ASN C 134 7.30 -62.11 -5.00
C ASN C 134 8.06 -61.83 -6.32
N GLU C 135 9.38 -61.76 -6.27
CA GLU C 135 10.15 -61.45 -7.48
C GLU C 135 9.92 -62.36 -8.71
N GLN C 136 9.85 -63.68 -8.55
CA GLN C 136 9.41 -64.57 -9.64
C GLN C 136 8.07 -65.34 -9.65
N TRP C 137 7.18 -65.11 -8.69
CA TRP C 137 5.87 -65.78 -8.69
C TRP C 137 4.63 -64.86 -8.68
N LEU C 138 3.53 -65.33 -9.26
CA LEU C 138 2.25 -64.64 -9.17
C LEU C 138 1.14 -65.66 -8.89
N LEU C 139 0.20 -65.29 -8.02
CA LEU C 139 -1.01 -66.09 -7.78
C LEU C 139 -1.98 -65.86 -8.97
N THR C 140 -2.94 -66.76 -9.18
CA THR C 140 -4.02 -66.50 -10.13
C THR C 140 -5.08 -67.56 -9.87
N THR C 141 -6.19 -67.52 -10.60
CA THR C 141 -7.21 -68.55 -10.42
C THR C 141 -6.99 -69.67 -11.43
N ALA C 142 -7.32 -70.89 -11.03
CA ALA C 142 -7.20 -72.04 -11.92
C ALA C 142 -8.06 -71.84 -13.14
N LYS C 143 -9.22 -71.22 -12.96
CA LYS C 143 -10.12 -70.94 -14.06
C LYS C 143 -9.51 -70.02 -15.13
N ASN C 144 -8.92 -68.90 -14.68
CA ASN C 144 -8.19 -68.00 -15.57
C ASN C 144 -7.20 -68.73 -16.45
N LEU C 145 -6.47 -69.64 -15.79
CA LEU C 145 -5.40 -70.42 -16.41
C LEU C 145 -5.95 -71.26 -17.58
N ARG C 146 -7.15 -71.78 -17.41
CA ARG C 146 -7.73 -72.65 -18.39
C ARG C 146 -8.61 -71.94 -19.42
N LEU C 147 -8.68 -70.61 -19.40
CA LEU C 147 -9.57 -69.88 -20.30
C LEU C 147 -9.45 -70.33 -21.77
N GLY C 148 -8.24 -70.54 -22.24
CA GLY C 148 -8.13 -71.06 -23.59
C GLY C 148 -8.77 -72.41 -23.88
N HIS C 149 -8.66 -73.36 -22.93
CA HIS C 149 -8.58 -74.82 -23.21
C HIS C 149 -9.63 -75.78 -22.57
N LYS C 150 -9.51 -77.09 -22.83
CA LYS C 150 -10.41 -78.04 -22.15
C LYS C 150 -9.99 -78.14 -20.68
N ASN C 151 -10.89 -78.30 -19.76
CA ASN C 151 -10.56 -78.37 -18.33
C ASN C 151 -9.63 -79.51 -18.00
N ASP C 152 -9.42 -80.65 -18.75
CA ASP C 152 -8.33 -81.58 -18.47
C ASP C 152 -6.97 -81.25 -19.06
N THR C 153 -6.82 -80.11 -19.74
CA THR C 153 -5.54 -79.73 -20.35
C THR C 153 -4.41 -79.69 -19.32
N LYS C 154 -3.24 -80.22 -19.70
CA LYS C 154 -2.11 -80.24 -18.76
C LYS C 154 -1.45 -78.86 -18.66
N ALA C 155 -0.89 -78.56 -17.49
CA ALA C 155 -0.28 -77.26 -17.24
C ALA C 155 0.89 -76.99 -18.19
N LYS C 156 1.65 -78.04 -18.48
CA LYS C 156 2.77 -77.98 -19.42
C LYS C 156 2.34 -77.33 -20.76
N ASP C 157 1.14 -77.68 -21.22
CA ASP C 157 0.60 -77.19 -22.48
C ASP C 157 -0.07 -75.83 -22.40
N ILE C 158 -0.52 -75.42 -21.22
CA ILE C 158 -1.18 -74.13 -21.06
C ILE C 158 -0.18 -72.99 -21.04
N ALA C 159 0.97 -73.21 -20.39
CA ALA C 159 1.92 -72.10 -20.16
C ALA C 159 2.46 -71.36 -21.42
N PRO C 160 2.91 -72.09 -22.46
CA PRO C 160 3.41 -71.41 -23.66
C PRO C 160 2.36 -70.52 -24.28
N THR C 161 1.10 -70.79 -23.96
CA THR C 161 -0.08 -70.14 -24.52
C THR C 161 -0.36 -68.77 -23.94
N LEU C 162 0.09 -68.56 -22.72
CA LEU C 162 -0.23 -67.35 -22.01
C LEU C 162 0.64 -66.20 -22.42
N ARG C 163 0.09 -65.00 -22.23
CA ARG C 163 0.85 -63.77 -22.20
C ARG C 163 0.55 -63.12 -20.85
N LEU C 164 1.58 -62.54 -20.22
CA LEU C 164 1.46 -61.96 -18.88
C LEU C 164 2.15 -60.62 -18.90
N TYR C 165 1.54 -59.60 -18.30
CA TYR C 165 2.15 -58.27 -18.24
C TYR C 165 2.06 -57.70 -16.83
N VAL C 166 3.08 -56.94 -16.42
CA VAL C 166 3.06 -56.24 -15.12
C VAL C 166 3.39 -54.77 -15.37
N GLY C 167 3.16 -53.91 -14.37
CA GLY C 167 3.47 -52.49 -14.49
C GLY C 167 2.84 -51.81 -15.70
N LYS C 168 3.63 -51.02 -16.43
CA LYS C 168 3.23 -50.52 -17.75
C LYS C 168 3.25 -51.74 -18.65
N LYS C 169 3.31 -51.59 -19.95
CA LYS C 169 3.10 -52.79 -20.75
C LYS C 169 4.13 -53.91 -20.65
N GLN C 170 5.03 -53.86 -19.65
CA GLN C 170 6.10 -54.86 -19.48
C GLN C 170 5.55 -56.26 -19.53
N GLU C 171 6.04 -57.04 -20.49
CA GLU C 171 5.68 -58.44 -20.54
C GLU C 171 6.69 -59.18 -19.71
N VAL C 172 6.23 -60.20 -19.00
CA VAL C 172 7.16 -61.09 -18.33
C VAL C 172 7.02 -62.46 -18.95
N GLU C 173 8.14 -63.17 -19.08
CA GLU C 173 8.18 -64.44 -19.76
C GLU C 173 7.96 -65.53 -18.72
N ILE C 174 6.91 -66.33 -18.91
CA ILE C 174 6.59 -67.33 -17.89
C ILE C 174 7.20 -68.72 -18.15
N GLU C 175 7.79 -69.30 -17.11
CA GLU C 175 8.42 -70.62 -17.18
C GLU C 175 7.43 -71.78 -17.02
N LYS C 176 6.53 -71.65 -16.06
CA LYS C 176 5.83 -72.82 -15.52
C LYS C 176 4.52 -72.36 -14.94
N VAL C 177 3.60 -73.29 -14.75
CA VAL C 177 2.31 -73.02 -14.13
C VAL C 177 1.93 -74.21 -13.25
N ILE C 178 1.39 -73.96 -12.07
CA ILE C 178 0.99 -75.05 -11.18
C ILE C 178 -0.45 -74.85 -10.72
N PHE C 179 -1.32 -75.84 -10.99
CA PHE C 179 -2.70 -75.79 -10.54
C PHE C 179 -2.76 -76.20 -9.08
N HIS C 180 -3.76 -75.75 -8.34
CA HIS C 180 -3.87 -76.16 -6.94
C HIS C 180 -4.35 -77.61 -6.90
N PRO C 181 -3.87 -78.40 -5.93
CA PRO C 181 -4.23 -79.82 -5.80
C PRO C 181 -5.72 -80.09 -5.68
N ASP C 182 -6.52 -79.19 -5.11
CA ASP C 182 -7.94 -79.50 -4.98
C ASP C 182 -8.75 -78.80 -6.06
N ASN C 183 -9.09 -79.52 -7.12
CA ASN C 183 -9.61 -78.90 -8.32
C ASN C 183 -10.94 -78.26 -8.03
N SER C 184 -11.75 -78.98 -7.27
CA SER C 184 -13.17 -78.65 -7.10
C SER C 184 -13.43 -77.54 -6.10
N THR C 185 -12.47 -77.29 -5.22
CA THR C 185 -12.66 -76.46 -4.03
C THR C 185 -11.87 -75.15 -4.05
N VAL C 186 -10.57 -75.27 -4.24
CA VAL C 186 -9.72 -74.09 -4.30
C VAL C 186 -9.42 -73.63 -5.73
N ASP C 187 -9.92 -72.45 -6.11
CA ASP C 187 -9.70 -72.02 -7.48
C ASP C 187 -8.43 -71.16 -7.51
N ILE C 188 -7.30 -71.81 -7.76
CA ILE C 188 -6.00 -71.18 -7.57
C ILE C 188 -4.93 -71.82 -8.45
N GLY C 189 -4.02 -71.00 -8.97
CA GLY C 189 -2.83 -71.53 -9.61
C GLY C 189 -1.65 -70.62 -9.35
N LEU C 190 -0.46 -71.15 -9.55
CA LEU C 190 0.75 -70.34 -9.37
C LEU C 190 1.44 -70.15 -10.71
N ILE C 191 2.00 -68.97 -10.93
CA ILE C 191 2.72 -68.69 -12.18
C ILE C 191 4.17 -68.37 -11.83
N LYS C 192 5.10 -69.19 -12.28
CA LYS C 192 6.52 -68.91 -12.09
C LYS C 192 7.12 -68.28 -13.34
N LEU C 193 7.75 -67.12 -13.17
CA LEU C 193 8.41 -66.43 -14.28
C LEU C 193 9.75 -67.12 -14.56
N LYS C 194 10.26 -66.95 -15.78
CA LYS C 194 11.51 -67.58 -16.15
C LYS C 194 12.62 -67.00 -15.27
N GLN C 195 12.55 -65.71 -15.02
CA GLN C 195 13.49 -65.02 -14.16
C GLN C 195 12.80 -63.93 -13.33
N LYS C 196 13.48 -63.47 -12.29
CA LYS C 196 12.95 -62.46 -11.40
C LYS C 196 12.66 -61.17 -12.15
N VAL C 197 11.53 -60.52 -11.82
CA VAL C 197 11.21 -59.18 -12.34
C VAL C 197 12.03 -58.13 -11.61
N PRO C 198 12.66 -57.22 -12.34
CA PRO C 198 13.18 -56.06 -11.62
C PRO C 198 12.01 -55.29 -11.01
N VAL C 199 12.17 -54.94 -9.74
CA VAL C 199 11.17 -54.23 -8.94
C VAL C 199 11.49 -52.71 -8.89
N ASN C 200 10.43 -51.91 -9.02
CA ASN C 200 10.50 -50.45 -9.09
C ASN C 200 9.19 -49.84 -8.61
N GLU C 201 9.00 -48.54 -8.88
CA GLU C 201 7.71 -47.89 -8.63
C GLU C 201 6.53 -48.67 -9.19
N ARG C 202 6.70 -49.16 -10.42
CA ARG C 202 5.66 -49.79 -11.21
C ARG C 202 5.37 -51.23 -10.85
N VAL C 203 6.44 -52.01 -10.73
CA VAL C 203 6.33 -53.44 -10.45
C VAL C 203 6.88 -53.75 -9.08
N MET C 204 6.08 -54.43 -8.26
CA MET C 204 6.54 -54.88 -6.95
C MET C 204 5.50 -55.73 -6.28
N PRO C 205 5.96 -56.81 -5.61
CA PRO C 205 5.03 -57.82 -5.08
C PRO C 205 4.21 -57.33 -3.90
N ILE C 206 3.04 -57.93 -3.69
CA ILE C 206 2.26 -57.63 -2.50
C ILE C 206 2.77 -58.54 -1.35
N CYS C 207 2.28 -58.36 -0.13
CA CYS C 207 2.69 -59.27 0.94
C CYS C 207 1.65 -60.32 1.20
N LEU C 208 2.09 -61.52 1.53
CA LEU C 208 1.18 -62.56 2.00
C LEU C 208 0.89 -62.26 3.47
N PRO C 209 -0.33 -62.54 3.92
CA PRO C 209 -0.72 -62.16 5.28
C PRO C 209 -0.04 -63.04 6.33
N SER C 210 0.27 -62.46 7.49
CA SER C 210 0.71 -63.25 8.63
C SER C 210 -0.49 -63.57 9.52
N LYS C 211 -1.63 -62.93 9.25
CA LYS C 211 -2.84 -63.13 10.05
C LYS C 211 -4.10 -63.14 9.20
N ASP C 212 -5.24 -63.39 9.83
CA ASP C 212 -6.49 -63.44 9.10
C ASP C 212 -7.14 -62.06 9.17
N TYR C 213 -7.13 -61.33 8.05
CA TYR C 213 -7.74 -60.02 8.01
C TYR C 213 -9.24 -60.08 7.74
N VAL C 214 -9.76 -61.23 7.31
CA VAL C 214 -11.12 -61.18 6.79
C VAL C 214 -12.15 -61.39 7.89
N ASN C 215 -12.83 -60.28 8.16
CA ASN C 215 -13.92 -60.17 9.11
C ASN C 215 -14.87 -59.23 8.44
N VAL C 216 -16.16 -59.40 8.68
CA VAL C 216 -17.11 -58.64 7.89
C VAL C 216 -17.09 -57.15 8.20
N GLY C 217 -17.19 -56.35 7.15
CA GLY C 217 -17.14 -54.92 7.25
C GLY C 217 -15.81 -54.32 6.84
N LEU C 218 -14.73 -55.12 6.94
CA LEU C 218 -13.41 -54.68 6.46
C LEU C 218 -13.47 -54.35 4.98
N VAL C 219 -12.97 -53.18 4.59
CA VAL C 219 -12.97 -52.78 3.18
C VAL C 219 -11.61 -53.00 2.56
N GLY C 220 -11.55 -53.86 1.56
CA GLY C 220 -10.31 -54.12 0.86
C GLY C 220 -10.29 -53.37 -0.45
N TYR C 221 -9.13 -53.36 -1.10
CA TYR C 221 -9.01 -52.75 -2.40
C TYR C 221 -8.84 -53.81 -3.47
N VAL C 222 -9.69 -53.77 -4.49
CA VAL C 222 -9.56 -54.72 -5.56
C VAL C 222 -9.29 -53.98 -6.85
N SER C 223 -8.11 -54.20 -7.40
CA SER C 223 -7.71 -53.57 -8.66
C SER C 223 -8.00 -54.59 -9.77
N GLY C 224 -8.39 -54.16 -10.95
CA GLY C 224 -8.66 -55.17 -11.95
C GLY C 224 -8.70 -54.77 -13.40
N TRP C 225 -8.37 -55.73 -14.26
CA TRP C 225 -8.25 -55.49 -15.69
C TRP C 225 -9.48 -55.92 -16.44
N GLY C 226 -10.45 -56.44 -15.70
CA GLY C 226 -11.65 -57.02 -16.27
C GLY C 226 -12.60 -55.99 -16.85
N ARG C 227 -13.74 -56.49 -17.31
CA ARG C 227 -14.74 -55.72 -18.04
C ARG C 227 -15.43 -54.67 -17.16
N ASN C 228 -15.86 -53.60 -17.82
CA ASN C 228 -16.50 -52.46 -17.18
C ASN C 228 -18.00 -52.30 -17.53
N ALA C 229 -18.58 -51.17 -17.15
CA ALA C 229 -20.02 -50.95 -17.28
C ALA C 229 -20.49 -51.04 -18.72
N ASN C 230 -19.56 -50.97 -19.66
CA ASN C 230 -19.89 -51.09 -21.07
C ASN C 230 -19.66 -52.50 -21.59
N LEU C 231 -19.35 -53.37 -20.64
CA LEU C 231 -19.02 -54.78 -20.86
C LEU C 231 -17.78 -54.95 -21.74
N ASN C 232 -16.94 -53.93 -21.75
CA ASN C 232 -15.70 -53.95 -22.49
C ASN C 232 -14.55 -54.12 -21.52
N PHE C 233 -13.48 -54.82 -21.91
CA PHE C 233 -12.30 -54.91 -21.04
C PHE C 233 -11.81 -53.50 -20.86
N THR C 234 -11.57 -53.13 -19.61
CA THR C 234 -11.10 -51.79 -19.28
C THR C 234 -9.76 -51.51 -19.93
N GLU C 235 -9.64 -50.30 -20.47
CA GLU C 235 -8.42 -49.91 -21.16
C GLU C 235 -7.35 -49.44 -20.15
N HIS C 236 -7.82 -48.76 -19.09
CA HIS C 236 -6.95 -48.38 -17.97
C HIS C 236 -7.25 -49.17 -16.68
N LEU C 237 -6.20 -49.52 -15.93
CA LEU C 237 -6.39 -50.27 -14.67
C LEU C 237 -7.21 -49.45 -13.66
N LYS C 238 -8.20 -50.08 -13.01
CA LYS C 238 -9.04 -49.40 -12.04
C LYS C 238 -9.05 -50.15 -10.73
N TYR C 239 -9.59 -49.51 -9.67
CA TYR C 239 -9.81 -50.22 -8.40
C TYR C 239 -11.17 -49.92 -7.73
N VAL C 240 -11.74 -50.90 -7.05
CA VAL C 240 -12.93 -50.66 -6.24
C VAL C 240 -12.62 -50.92 -4.78
N MET C 241 -13.40 -50.32 -3.90
CA MET C 241 -13.35 -50.64 -2.48
C MET C 241 -14.58 -51.43 -2.06
N LEU C 242 -14.34 -52.67 -1.64
CA LEU C 242 -15.43 -53.59 -1.30
C LEU C 242 -15.33 -54.08 0.15
N PRO C 243 -16.48 -54.12 0.82
CA PRO C 243 -16.56 -54.65 2.19
C PRO C 243 -16.62 -56.18 2.17
N VAL C 244 -16.00 -56.86 3.11
CA VAL C 244 -16.23 -58.30 3.17
C VAL C 244 -17.63 -58.55 3.78
N ALA C 245 -18.27 -59.62 3.34
CA ALA C 245 -19.66 -59.88 3.69
C ALA C 245 -19.77 -61.14 4.54
N ASP C 246 -20.88 -61.22 5.27
CA ASP C 246 -21.21 -62.39 6.10
C ASP C 246 -21.19 -63.68 5.28
N GLN C 247 -20.46 -64.70 5.74
CA GLN C 247 -20.30 -65.95 4.98
C GLN C 247 -21.57 -66.79 4.89
N GLU C 248 -22.36 -66.82 5.95
CA GLU C 248 -23.66 -67.50 5.93
C GLU C 248 -24.66 -66.83 5.00
N LYS C 249 -24.72 -65.50 5.02
CA LYS C 249 -25.65 -64.75 4.16
C LYS C 249 -25.34 -65.01 2.69
N CYS C 250 -24.05 -65.07 2.40
CA CYS C 250 -23.54 -65.34 1.08
C CYS C 250 -23.93 -66.74 0.58
N VAL C 251 -23.67 -67.74 1.40
CA VAL C 251 -24.06 -69.12 1.07
C VAL C 251 -25.59 -69.30 0.94
N GLN C 252 -26.37 -68.65 1.79
CA GLN C 252 -27.83 -68.65 1.63
C GLN C 252 -28.26 -68.00 0.29
N TYR C 253 -27.44 -67.05 -0.17
CA TYR C 253 -27.70 -66.31 -1.39
C TYR C 253 -27.46 -67.16 -2.62
N TYR C 254 -26.30 -67.80 -2.66
CA TYR C 254 -25.94 -68.62 -3.81
C TYR C 254 -26.49 -70.04 -3.80
N GLU C 255 -26.63 -70.62 -2.60
CA GLU C 255 -27.09 -72.00 -2.42
C GLU C 255 -28.37 -72.04 -1.55
N GLY C 256 -28.86 -73.19 -1.16
CA GLY C 256 -30.16 -73.19 -0.46
C GLY C 256 -30.34 -72.30 0.80
N SER C 257 -29.54 -72.51 1.85
CA SER C 257 -28.62 -73.64 1.89
C SER C 257 -28.50 -74.50 3.14
N THR C 258 -27.85 -73.95 4.17
CA THR C 258 -26.59 -74.54 4.72
C THR C 258 -26.48 -76.07 4.79
N VAL C 259 -27.58 -76.78 5.00
CA VAL C 259 -27.60 -78.25 4.86
C VAL C 259 -27.43 -78.65 3.38
N PRO C 260 -26.35 -79.38 3.05
CA PRO C 260 -25.97 -79.73 1.68
C PRO C 260 -27.06 -80.34 0.81
N GLU C 261 -27.85 -81.27 1.33
CA GLU C 261 -28.86 -81.92 0.50
C GLU C 261 -30.01 -81.00 0.10
N LYS C 262 -30.12 -79.84 0.77
CA LYS C 262 -31.14 -78.85 0.43
C LYS C 262 -30.64 -77.74 -0.49
N LYS C 263 -29.34 -77.74 -0.77
CA LYS C 263 -28.74 -76.71 -1.60
C LYS C 263 -29.28 -76.75 -3.03
N THR C 264 -29.62 -75.58 -3.56
CA THR C 264 -30.02 -75.48 -4.95
C THR C 264 -29.18 -74.38 -5.53
N PRO C 265 -29.02 -74.36 -6.86
CA PRO C 265 -28.25 -73.31 -7.54
C PRO C 265 -29.04 -72.00 -7.68
N LYS C 266 -28.98 -71.14 -6.69
CA LYS C 266 -29.77 -69.92 -6.68
C LYS C 266 -29.08 -68.71 -7.30
N SER C 267 -27.91 -68.92 -7.91
CA SER C 267 -27.14 -67.79 -8.44
C SER C 267 -27.90 -66.97 -9.47
N PRO C 268 -28.07 -65.66 -9.19
CA PRO C 268 -28.78 -64.73 -10.09
C PRO C 268 -28.10 -64.52 -11.44
N VAL C 269 -26.82 -64.84 -11.61
CA VAL C 269 -26.22 -64.82 -12.94
C VAL C 269 -26.28 -66.27 -13.36
N GLY C 270 -25.83 -66.60 -14.56
CA GLY C 270 -26.02 -68.00 -14.97
C GLY C 270 -25.35 -69.07 -14.10
N VAL C 271 -24.21 -68.74 -13.50
CA VAL C 271 -23.25 -69.72 -13.02
C VAL C 271 -23.02 -69.67 -11.50
N GLN C 272 -22.54 -70.77 -10.92
CA GLN C 272 -22.36 -70.88 -9.48
C GLN C 272 -20.94 -70.58 -9.03
N PRO C 273 -20.78 -69.75 -7.97
CA PRO C 273 -19.46 -69.58 -7.34
C PRO C 273 -19.00 -70.90 -6.74
N ILE C 274 -17.68 -71.06 -6.57
CA ILE C 274 -17.17 -72.10 -5.65
C ILE C 274 -17.10 -71.52 -4.23
N LEU C 275 -17.88 -72.11 -3.32
CA LEU C 275 -18.06 -71.58 -1.98
C LEU C 275 -17.77 -72.61 -0.88
N ASN C 276 -16.76 -72.35 -0.07
CA ASN C 276 -16.43 -73.25 1.03
C ASN C 276 -15.70 -72.53 2.15
N GLU C 277 -15.12 -73.29 3.06
CA GLU C 277 -14.34 -72.74 4.17
C GLU C 277 -13.17 -71.91 3.68
N HIS C 278 -12.69 -72.22 2.48
CA HIS C 278 -11.49 -71.60 1.92
C HIS C 278 -11.76 -70.35 1.12
N THR C 279 -13.02 -69.90 1.12
CA THR C 279 -13.44 -68.69 0.40
C THR C 279 -14.10 -67.69 1.34
N PHE C 280 -14.20 -66.45 0.88
CA PHE C 280 -14.98 -65.42 1.57
C PHE C 280 -15.66 -64.52 0.56
N CYS C 281 -16.61 -63.72 1.02
CA CYS C 281 -17.38 -62.92 0.08
C CYS C 281 -17.24 -61.43 0.32
N ALA C 282 -17.37 -60.66 -0.75
CA ALA C 282 -17.41 -59.22 -0.64
C ALA C 282 -18.68 -58.69 -1.28
N GLY C 283 -19.23 -57.61 -0.76
CA GLY C 283 -20.42 -56.99 -1.33
C GLY C 283 -20.06 -56.01 -2.44
N LEU C 284 -20.95 -55.07 -2.71
CA LEU C 284 -20.67 -54.04 -3.70
C LEU C 284 -20.16 -52.81 -2.96
N SER C 285 -19.71 -51.80 -3.69
CA SER C 285 -19.17 -50.61 -3.03
C SER C 285 -20.29 -49.70 -2.54
N LYS C 286 -19.92 -48.62 -1.84
CA LYS C 286 -20.89 -47.60 -1.42
C LYS C 286 -21.66 -47.10 -2.65
N TYR C 287 -20.96 -47.02 -3.76
CA TYR C 287 -21.49 -46.49 -4.98
C TYR C 287 -22.03 -47.54 -5.91
N GLN C 288 -22.21 -48.76 -5.40
CA GLN C 288 -22.82 -49.83 -6.18
C GLN C 288 -21.96 -50.36 -7.30
N GLU C 289 -20.64 -50.24 -7.15
CA GLU C 289 -19.67 -50.74 -8.13
C GLU C 289 -19.36 -52.19 -7.88
N ASP C 290 -19.04 -52.92 -8.95
CA ASP C 290 -18.69 -54.31 -8.74
C ASP C 290 -17.62 -54.73 -9.69
N THR C 291 -17.33 -55.99 -9.54
CA THR C 291 -16.27 -56.68 -10.16
C THR C 291 -16.92 -57.44 -11.34
N CYS C 292 -16.19 -57.66 -12.43
CA CYS C 292 -16.77 -58.32 -13.58
C CYS C 292 -15.75 -59.17 -14.31
N TYR C 293 -16.14 -59.68 -15.47
CA TYR C 293 -15.35 -60.68 -16.21
C TYR C 293 -13.92 -60.19 -16.42
N GLY C 294 -12.96 -61.00 -15.98
CA GLY C 294 -11.57 -60.66 -16.18
C GLY C 294 -10.95 -60.13 -14.92
N ASP C 295 -11.78 -59.85 -13.91
CA ASP C 295 -11.24 -59.35 -12.65
C ASP C 295 -10.69 -60.44 -11.71
N ALA C 296 -11.01 -61.71 -11.99
CA ALA C 296 -10.56 -62.81 -11.15
C ALA C 296 -9.05 -62.94 -11.24
N GLY C 297 -8.41 -63.34 -10.14
CA GLY C 297 -6.96 -63.44 -10.11
C GLY C 297 -6.35 -62.20 -9.45
N SER C 298 -7.11 -61.10 -9.41
CA SER C 298 -6.68 -59.91 -8.70
C SER C 298 -6.76 -60.09 -7.19
N ALA C 299 -6.04 -59.26 -6.44
CA ALA C 299 -6.03 -59.42 -4.99
C ALA C 299 -7.11 -58.59 -4.34
N PHE C 300 -7.68 -59.13 -3.25
CA PHE C 300 -8.48 -58.33 -2.35
C PHE C 300 -7.38 -57.87 -1.39
N ALA C 301 -7.00 -56.61 -1.56
CA ALA C 301 -5.78 -56.10 -0.96
C ALA C 301 -6.14 -55.30 0.27
N VAL C 302 -5.66 -55.73 1.43
CA VAL C 302 -5.87 -54.92 2.63
C VAL C 302 -4.61 -54.16 3.04
N HIS C 303 -4.82 -52.94 3.53
CA HIS C 303 -3.73 -52.08 3.98
C HIS C 303 -3.70 -52.12 5.51
N ASP C 304 -2.68 -52.78 6.07
CA ASP C 304 -2.55 -52.91 7.52
C ASP C 304 -1.98 -51.63 8.10
N LYS C 305 -2.75 -50.96 8.96
CA LYS C 305 -2.34 -49.65 9.45
C LYS C 305 -1.19 -49.74 10.44
N ASP C 306 -0.99 -50.91 11.03
CA ASP C 306 0.09 -51.10 11.99
C ASP C 306 1.44 -51.25 11.27
N ASP C 307 1.41 -51.99 10.17
CA ASP C 307 2.56 -52.27 9.32
C ASP C 307 2.88 -51.11 8.39
N ASP C 308 1.85 -50.32 8.10
CA ASP C 308 1.77 -49.53 6.87
C ASP C 308 2.15 -50.38 5.65
N THR C 309 1.72 -51.63 5.64
CA THR C 309 2.01 -52.49 4.48
C THR C 309 0.74 -53.10 3.82
N TRP C 310 0.90 -53.51 2.58
CA TRP C 310 -0.23 -54.02 1.82
C TRP C 310 -0.20 -55.51 1.68
N TYR C 311 -1.24 -56.15 2.21
CA TYR C 311 -1.34 -57.59 2.19
C TYR C 311 -2.45 -58.11 1.26
N ALA C 312 -2.21 -59.28 0.67
CA ALA C 312 -3.26 -59.91 -0.12
C ALA C 312 -4.07 -60.85 0.80
N ALA C 313 -5.27 -60.39 1.17
CA ALA C 313 -6.14 -61.20 2.01
C ALA C 313 -6.89 -62.21 1.14
N GLY C 314 -7.12 -61.85 -0.11
CA GLY C 314 -7.80 -62.78 -0.98
C GLY C 314 -7.43 -62.68 -2.46
N ILE C 315 -7.77 -63.72 -3.21
CA ILE C 315 -7.73 -63.68 -4.66
C ILE C 315 -9.14 -63.88 -5.22
N LEU C 316 -9.60 -62.92 -6.02
CA LEU C 316 -10.93 -62.97 -6.63
C LEU C 316 -11.08 -64.25 -7.42
N SER C 317 -12.10 -65.03 -7.08
CA SER C 317 -12.39 -66.27 -7.79
C SER C 317 -13.57 -66.10 -8.73
N PHE C 318 -14.71 -65.70 -8.16
CA PHE C 318 -15.95 -65.49 -8.92
C PHE C 318 -16.07 -64.03 -9.35
N ASP C 319 -15.78 -63.78 -10.63
CA ASP C 319 -15.86 -62.44 -11.21
C ASP C 319 -17.14 -62.22 -12.04
N LYS C 320 -18.07 -63.16 -11.97
CA LYS C 320 -19.28 -63.10 -12.77
C LYS C 320 -20.40 -62.27 -12.11
N SER C 321 -20.22 -61.77 -10.89
CA SER C 321 -21.29 -61.02 -10.23
C SER C 321 -21.75 -59.91 -11.12
N CYS C 322 -20.79 -59.18 -11.69
CA CYS C 322 -21.09 -57.96 -12.45
C CYS C 322 -22.03 -57.09 -11.60
N ARG C 323 -23.03 -56.37 -12.09
CA ARG C 323 -23.77 -55.73 -10.97
C ARG C 323 -24.96 -56.56 -10.57
N THR C 324 -25.02 -57.74 -11.19
CA THR C 324 -26.19 -58.56 -11.20
C THR C 324 -26.36 -59.34 -9.90
N ALA C 325 -25.27 -59.81 -9.32
CA ALA C 325 -25.29 -60.57 -8.07
C ALA C 325 -24.67 -59.73 -6.97
N GLU C 326 -25.06 -59.94 -5.72
CA GLU C 326 -24.64 -59.09 -4.62
C GLU C 326 -23.22 -59.30 -4.15
N TYR C 327 -22.65 -60.46 -4.45
CA TYR C 327 -21.41 -60.88 -3.83
C TYR C 327 -20.38 -61.47 -4.81
N GLY C 328 -19.14 -60.99 -4.74
CA GLY C 328 -18.02 -61.67 -5.37
C GLY C 328 -17.45 -62.66 -4.37
N VAL C 329 -16.76 -63.67 -4.87
CA VAL C 329 -16.22 -64.71 -3.99
C VAL C 329 -14.71 -64.82 -4.15
N TYR C 330 -13.98 -64.78 -3.04
CA TYR C 330 -12.52 -64.73 -3.05
C TYR C 330 -11.97 -65.96 -2.34
N VAL C 331 -10.96 -66.61 -2.89
CA VAL C 331 -10.31 -67.67 -2.11
C VAL C 331 -9.42 -66.97 -1.10
N ARG C 332 -9.50 -67.40 0.16
CA ARG C 332 -8.71 -66.73 1.20
C ARG C 332 -7.26 -67.18 1.24
N VAL C 333 -6.36 -66.21 1.14
CA VAL C 333 -4.93 -66.47 1.06
C VAL C 333 -4.37 -67.28 2.25
N THR C 334 -4.97 -67.12 3.44
CA THR C 334 -4.58 -67.94 4.59
C THR C 334 -4.65 -69.43 4.28
N SER C 335 -5.74 -69.87 3.65
CA SER C 335 -5.90 -71.26 3.28
C SER C 335 -4.83 -71.79 2.32
N ILE C 336 -4.34 -70.94 1.43
CA ILE C 336 -3.35 -71.40 0.47
C ILE C 336 -1.90 -71.10 0.84
N LEU C 337 -1.70 -70.48 2.00
CA LEU C 337 -0.37 -70.05 2.42
C LEU C 337 0.66 -71.17 2.48
N ASP C 338 0.30 -72.24 3.18
CA ASP C 338 1.16 -73.39 3.33
C ASP C 338 1.60 -73.87 1.97
N TRP C 339 0.60 -74.11 1.13
CA TRP C 339 0.83 -74.65 -0.19
C TRP C 339 1.75 -73.76 -1.04
N ILE C 340 1.61 -72.45 -0.90
CA ILE C 340 2.40 -71.50 -1.66
C ILE C 340 3.89 -71.61 -1.33
N GLN C 341 4.22 -71.64 -0.05
CA GLN C 341 5.61 -71.68 0.35
C GLN C 341 6.20 -73.01 -0.03
N THR C 342 5.38 -74.04 0.18
CA THR C 342 5.74 -75.42 -0.14
C THR C 342 6.06 -75.56 -1.62
N THR C 343 5.22 -74.95 -2.48
CA THR C 343 5.34 -75.10 -3.90
C THR C 343 6.56 -74.36 -4.43
N ILE C 344 6.74 -73.13 -3.94
CA ILE C 344 7.88 -72.31 -4.32
C ILE C 344 9.20 -73.00 -3.93
N ALA C 345 9.16 -73.78 -2.85
CA ALA C 345 10.32 -74.54 -2.43
C ALA C 345 10.90 -75.46 -3.54
N ASP C 346 10.09 -75.74 -4.58
CA ASP C 346 10.53 -76.50 -5.76
C ASP C 346 10.04 -75.81 -7.07
N VAL D 1 83.00 -53.09 51.05
CA VAL D 1 83.08 -51.76 51.62
C VAL D 1 83.82 -51.81 52.95
N LEU D 2 84.59 -52.87 53.17
CA LEU D 2 85.43 -52.90 54.39
C LEU D 2 84.68 -52.90 55.73
N SER D 3 84.18 -54.07 56.09
CA SER D 3 83.53 -54.29 57.38
C SER D 3 84.54 -54.26 58.51
N ALA D 4 84.05 -54.42 59.74
CA ALA D 4 84.92 -54.43 60.91
C ALA D 4 85.88 -55.62 60.83
N ALA D 5 85.36 -56.74 60.33
CA ALA D 5 86.16 -57.96 60.17
C ALA D 5 87.19 -57.79 59.06
N ASP D 6 86.79 -57.16 57.97
CA ASP D 6 87.71 -56.79 56.91
C ASP D 6 88.87 -55.93 57.44
N LYS D 7 88.52 -54.87 58.16
CA LYS D 7 89.48 -53.94 58.69
C LYS D 7 90.43 -54.66 59.62
N ALA D 8 89.90 -55.54 60.46
CA ALA D 8 90.75 -56.35 61.32
C ALA D 8 91.78 -57.13 60.51
N ASN D 9 91.32 -57.87 59.51
CA ASN D 9 92.19 -58.67 58.64
C ASN D 9 93.29 -57.86 57.98
N VAL D 10 92.92 -56.70 57.43
CA VAL D 10 93.83 -55.79 56.74
C VAL D 10 94.89 -55.27 57.68
N LYS D 11 94.46 -54.76 58.83
CA LYS D 11 95.39 -54.25 59.82
C LYS D 11 96.34 -55.36 60.24
N ALA D 12 95.79 -56.53 60.52
CA ALA D 12 96.55 -57.70 60.94
C ALA D 12 97.59 -58.09 59.89
N ALA D 13 97.17 -58.12 58.62
CA ALA D 13 98.01 -58.64 57.55
C ALA D 13 99.11 -57.66 57.21
N TRP D 14 98.79 -56.38 57.15
CA TRP D 14 99.80 -55.37 56.86
C TRP D 14 100.80 -55.22 58.05
N GLY D 15 100.32 -55.33 59.29
CA GLY D 15 101.22 -55.30 60.43
C GLY D 15 102.26 -56.41 60.38
N LYS D 16 101.83 -57.56 59.84
CA LYS D 16 102.64 -58.76 59.75
C LYS D 16 103.75 -58.54 58.70
N VAL D 17 103.50 -57.63 57.77
CA VAL D 17 104.47 -57.27 56.73
C VAL D 17 105.65 -56.57 57.40
N GLY D 18 105.34 -55.55 58.19
CA GLY D 18 106.34 -54.90 59.03
C GLY D 18 107.39 -54.15 58.24
N GLY D 19 108.64 -54.36 58.62
CA GLY D 19 109.77 -53.72 57.97
C GLY D 19 109.96 -54.08 56.51
N GLN D 20 109.24 -55.09 56.03
CA GLN D 20 109.32 -55.47 54.61
C GLN D 20 108.54 -54.60 53.66
N ALA D 21 107.80 -53.64 54.21
CA ALA D 21 106.83 -52.86 53.44
C ALA D 21 107.41 -52.20 52.18
N GLY D 22 108.46 -51.39 52.40
CA GLY D 22 109.15 -50.72 51.32
C GLY D 22 109.67 -51.68 50.30
N ALA D 23 110.13 -52.84 50.75
CA ALA D 23 110.59 -53.91 49.84
C ALA D 23 109.45 -54.55 49.08
N HIS D 24 108.34 -54.81 49.76
CA HIS D 24 107.14 -55.33 49.09
C HIS D 24 106.61 -54.33 48.07
N GLY D 25 106.77 -53.03 48.39
CA GLY D 25 106.31 -51.98 47.51
C GLY D 25 107.06 -52.03 46.19
N ALA D 26 108.38 -52.10 46.31
CA ALA D 26 109.23 -52.17 45.13
C ALA D 26 109.04 -53.47 44.32
N GLU D 27 108.77 -54.57 45.00
CA GLU D 27 108.58 -55.85 44.32
C GLU D 27 107.29 -55.83 43.50
N ALA D 28 106.25 -55.25 44.08
CA ALA D 28 104.99 -55.15 43.38
C ALA D 28 105.16 -54.31 42.12
N LEU D 29 105.92 -53.21 42.23
CA LEU D 29 106.20 -52.38 41.07
C LEU D 29 106.94 -53.15 39.97
N GLU D 30 107.98 -53.89 40.33
CA GLU D 30 108.71 -54.64 39.32
C GLU D 30 107.83 -55.71 38.65
N ARG D 31 106.94 -56.33 39.42
CA ARG D 31 106.06 -57.35 38.90
C ARG D 31 105.09 -56.74 37.90
N MET D 32 104.64 -55.53 38.20
CA MET D 32 103.69 -54.81 37.34
C MET D 32 104.30 -54.38 36.00
N PHE D 33 105.45 -53.72 36.06
CA PHE D 33 106.21 -53.32 34.87
C PHE D 33 106.60 -54.50 33.98
N LEU D 34 106.95 -55.64 34.58
CA LEU D 34 107.21 -56.85 33.81
C LEU D 34 105.93 -57.56 33.33
N GLY D 35 104.99 -57.82 34.25
CA GLY D 35 103.76 -58.51 33.91
C GLY D 35 102.87 -57.74 32.93
N PHE D 36 102.82 -56.42 33.11
CA PHE D 36 101.93 -55.58 32.34
C PHE D 36 102.70 -54.37 31.82
N PRO D 37 103.52 -54.60 30.79
CA PRO D 37 104.52 -53.65 30.27
C PRO D 37 103.94 -52.30 29.90
N THR D 38 102.63 -52.25 29.66
CA THR D 38 101.99 -50.98 29.30
C THR D 38 102.04 -49.96 30.41
N THR D 39 102.08 -50.44 31.65
CA THR D 39 102.11 -49.58 32.84
C THR D 39 103.39 -48.74 32.86
N LYS D 40 104.42 -49.23 32.16
CA LYS D 40 105.70 -48.53 32.01
C LYS D 40 105.53 -47.13 31.44
N THR D 41 104.43 -46.93 30.73
CA THR D 41 104.11 -45.68 30.05
C THR D 41 104.14 -44.46 30.93
N TYR D 42 103.74 -44.65 32.19
CA TYR D 42 103.57 -43.53 33.09
C TYR D 42 104.89 -43.13 33.72
N PHE D 43 105.92 -43.95 33.50
CA PHE D 43 107.20 -43.72 34.14
C PHE D 43 108.34 -43.59 33.11
N PRO D 44 108.22 -42.62 32.17
CA PRO D 44 109.24 -42.54 31.13
C PRO D 44 110.53 -41.98 31.68
N HIS D 45 110.44 -41.26 32.79
CA HIS D 45 111.56 -40.58 33.42
C HIS D 45 112.29 -41.49 34.40
N PHE D 46 111.83 -42.74 34.50
CA PHE D 46 112.39 -43.72 35.41
C PHE D 46 113.33 -44.69 34.71
N ASN D 47 114.38 -45.08 35.41
CA ASN D 47 115.15 -46.22 35.01
C ASN D 47 114.31 -47.37 35.52
N LEU D 48 113.74 -48.18 34.63
CA LEU D 48 112.94 -49.31 35.03
C LEU D 48 113.67 -50.67 34.99
N SER D 49 114.96 -50.68 34.65
CA SER D 49 115.74 -51.92 34.60
C SER D 49 115.86 -52.54 35.96
N HIS D 50 116.18 -53.84 36.00
CA HIS D 50 116.21 -54.55 37.27
C HIS D 50 117.23 -53.97 38.24
N GLY D 51 116.82 -53.78 39.48
CA GLY D 51 117.72 -53.31 40.51
C GLY D 51 117.79 -51.81 40.57
N SER D 52 116.99 -51.14 39.75
CA SER D 52 116.93 -49.69 39.74
C SER D 52 116.52 -49.21 41.13
N ASP D 53 117.31 -48.32 41.73
CA ASP D 53 116.92 -47.82 43.05
C ASP D 53 116.00 -46.60 42.94
N GLN D 54 115.70 -46.19 41.72
CA GLN D 54 114.66 -45.21 41.46
C GLN D 54 113.28 -45.87 41.62
N VAL D 55 113.18 -47.14 41.22
CA VAL D 55 111.96 -47.86 41.57
C VAL D 55 111.99 -48.39 43.00
N LYS D 56 113.16 -48.77 43.51
CA LYS D 56 113.24 -49.23 44.88
C LYS D 56 112.69 -48.11 45.79
N ALA D 57 113.07 -46.87 45.45
CA ALA D 57 112.61 -45.67 46.12
C ALA D 57 111.13 -45.44 45.96
N HIS D 58 110.62 -45.49 44.72
CA HIS D 58 109.22 -45.24 44.49
C HIS D 58 108.37 -46.28 45.23
N GLY D 59 108.87 -47.50 45.33
CA GLY D 59 108.14 -48.55 46.02
C GLY D 59 108.00 -48.22 47.49
N GLN D 60 108.99 -47.54 48.04
CA GLN D 60 108.90 -47.14 49.43
C GLN D 60 107.76 -46.16 49.63
N LYS D 61 107.66 -45.15 48.76
CA LYS D 61 106.57 -44.17 48.81
C LYS D 61 105.19 -44.84 48.73
N VAL D 62 105.08 -45.82 47.83
CA VAL D 62 103.85 -46.55 47.65
C VAL D 62 103.51 -47.35 48.92
N ALA D 63 104.52 -48.02 49.47
CA ALA D 63 104.34 -48.78 50.71
C ALA D 63 103.95 -47.87 51.86
N ASP D 64 104.52 -46.67 51.89
CA ASP D 64 104.17 -45.75 52.93
C ASP D 64 102.73 -45.27 52.83
N ALA D 65 102.29 -44.90 51.62
CA ALA D 65 100.92 -44.45 51.39
C ALA D 65 99.96 -45.53 51.89
N LEU D 66 100.31 -46.78 51.57
CA LEU D 66 99.56 -47.95 52.00
C LEU D 66 99.51 -48.10 53.51
N THR D 67 100.66 -47.96 54.16
CA THR D 67 100.66 -48.04 55.61
C THR D 67 99.76 -46.95 56.20
N LYS D 68 99.81 -45.75 55.61
CA LYS D 68 98.98 -44.64 56.10
C LYS D 68 97.49 -44.98 55.95
N ALA D 69 97.14 -45.54 54.79
CA ALA D 69 95.80 -46.03 54.55
C ALA D 69 95.34 -47.06 55.60
N VAL D 70 96.16 -48.09 55.87
CA VAL D 70 95.82 -49.12 56.85
C VAL D 70 95.57 -48.50 58.21
N GLY D 71 96.27 -47.42 58.55
CA GLY D 71 96.06 -46.79 59.83
C GLY D 71 94.80 -45.93 59.85
N HIS D 72 94.41 -45.51 58.66
CA HIS D 72 93.25 -44.67 58.42
C HIS D 72 91.97 -45.32 57.87
N LEU D 73 91.81 -46.63 57.97
CA LEU D 73 90.73 -47.34 57.22
C LEU D 73 89.32 -46.74 57.30
N ASP D 74 88.99 -46.03 58.36
CA ASP D 74 87.66 -45.43 58.48
C ASP D 74 87.54 -44.17 57.65
N ASP D 75 88.65 -43.61 57.20
CA ASP D 75 88.60 -42.55 56.22
C ASP D 75 89.72 -42.75 55.20
N LEU D 76 89.42 -43.39 54.07
CA LEU D 76 90.42 -43.45 53.00
C LEU D 76 90.59 -42.15 52.25
N PRO D 77 89.48 -41.45 51.92
CA PRO D 77 89.71 -40.29 51.06
C PRO D 77 90.61 -39.27 51.75
N GLY D 78 90.47 -39.15 53.07
CA GLY D 78 91.29 -38.26 53.85
C GLY D 78 92.75 -38.69 53.94
N ALA D 79 93.00 -39.97 54.20
CA ALA D 79 94.37 -40.47 54.26
C ALA D 79 95.10 -40.25 52.93
N LEU D 80 94.45 -40.63 51.84
CA LEU D 80 94.99 -40.62 50.50
C LEU D 80 94.85 -39.27 49.82
N SER D 81 94.39 -38.26 50.56
CA SER D 81 93.91 -36.98 50.01
C SER D 81 94.71 -36.40 48.85
N ALA D 82 95.99 -36.14 49.08
CA ALA D 82 96.83 -35.52 48.07
C ALA D 82 97.03 -36.37 46.83
N LEU D 83 97.06 -37.68 47.05
CA LEU D 83 97.30 -38.65 45.98
C LEU D 83 96.16 -38.84 44.98
N SER D 84 94.96 -38.42 45.35
CA SER D 84 93.83 -38.53 44.43
C SER D 84 93.96 -37.57 43.30
N ASP D 85 94.20 -36.29 43.57
CA ASP D 85 94.38 -35.33 42.50
C ASP D 85 95.63 -35.62 41.69
N LEU D 86 96.62 -36.19 42.36
CA LEU D 86 97.87 -36.54 41.70
C LEU D 86 97.64 -37.60 40.61
N HIS D 87 97.03 -38.72 40.95
CA HIS D 87 96.84 -39.76 39.96
C HIS D 87 95.75 -39.44 38.96
N ALA D 88 94.70 -38.78 39.42
CA ALA D 88 93.53 -38.57 38.57
C ALA D 88 93.72 -37.38 37.65
N HIS D 89 94.36 -36.33 38.15
CA HIS D 89 94.50 -35.09 37.39
C HIS D 89 95.87 -34.82 36.76
N LYS D 90 96.92 -34.72 37.57
CA LYS D 90 98.25 -34.45 37.04
C LYS D 90 98.76 -35.60 36.20
N LEU D 91 98.80 -36.79 36.79
CA LEU D 91 99.32 -37.98 36.11
C LEU D 91 98.32 -38.58 35.16
N ARG D 92 97.04 -38.37 35.47
CA ARG D 92 95.91 -38.87 34.71
C ARG D 92 96.03 -40.32 34.34
N VAL D 93 96.22 -41.18 35.34
CA VAL D 93 96.47 -42.60 35.07
C VAL D 93 95.15 -43.35 34.97
N ASP D 94 94.96 -44.04 33.85
CA ASP D 94 93.72 -44.74 33.55
C ASP D 94 93.43 -45.77 34.63
N PRO D 95 92.19 -45.77 35.12
CA PRO D 95 91.78 -46.67 36.19
C PRO D 95 92.12 -48.18 36.02
N VAL D 96 92.18 -48.74 34.80
CA VAL D 96 92.58 -50.16 34.65
C VAL D 96 93.92 -50.48 35.32
N ASN D 97 94.81 -49.50 35.39
CA ASN D 97 96.11 -49.82 35.89
C ASN D 97 96.07 -50.15 37.39
N PHE D 98 95.12 -49.57 38.10
CA PHE D 98 95.07 -49.74 39.54
C PHE D 98 94.75 -51.17 39.92
N LYS D 99 93.88 -51.84 39.16
CA LYS D 99 93.65 -53.25 39.42
C LYS D 99 94.90 -54.07 39.10
N LEU D 100 95.69 -53.60 38.13
CA LEU D 100 96.97 -54.25 37.80
C LEU D 100 97.93 -54.19 38.99
N LEU D 101 98.24 -52.98 39.46
CA LEU D 101 99.11 -52.84 40.63
C LEU D 101 98.55 -53.57 41.86
N SER D 102 97.24 -53.49 42.07
CA SER D 102 96.66 -54.14 43.25
C SER D 102 96.94 -55.62 43.20
N HIS D 103 96.91 -56.13 41.96
CA HIS D 103 97.06 -57.55 41.71
C HIS D 103 98.46 -57.96 42.11
N CYS D 104 99.42 -57.16 41.66
CA CYS D 104 100.83 -57.42 41.92
C CYS D 104 101.14 -57.33 43.41
N LEU D 105 100.50 -56.37 44.09
CA LEU D 105 100.64 -56.23 45.53
C LEU D 105 100.20 -57.52 46.22
N LEU D 106 99.04 -58.00 45.79
CA LEU D 106 98.49 -59.26 46.26
C LEU D 106 99.44 -60.45 45.96
N VAL D 107 100.06 -60.45 44.80
CA VAL D 107 100.98 -61.53 44.42
C VAL D 107 102.18 -61.56 45.36
N THR D 108 102.71 -60.36 45.61
CA THR D 108 103.87 -60.19 46.46
C THR D 108 103.52 -60.63 47.87
N LEU D 109 102.37 -60.17 48.34
CA LEU D 109 101.90 -60.48 49.67
C LEU D 109 101.74 -62.00 49.86
N ALA D 110 101.07 -62.66 48.92
CA ALA D 110 100.90 -64.11 48.93
C ALA D 110 102.24 -64.87 48.87
N ALA D 111 103.16 -64.42 48.02
CA ALA D 111 104.47 -65.07 47.91
C ALA D 111 105.25 -65.02 49.22
N HIS D 112 105.26 -63.85 49.86
CA HIS D 112 106.01 -63.63 51.10
C HIS D 112 105.33 -64.04 52.39
N HIS D 113 104.02 -64.22 52.38
CA HIS D 113 103.33 -64.62 53.60
C HIS D 113 102.31 -65.71 53.34
N PRO D 114 102.78 -66.87 52.86
CA PRO D 114 101.84 -67.89 52.40
C PRO D 114 100.92 -68.43 53.49
N ASP D 115 101.37 -68.43 54.74
CA ASP D 115 100.55 -68.99 55.80
C ASP D 115 99.69 -67.94 56.49
N ASP D 116 99.89 -66.68 56.13
CA ASP D 116 99.01 -65.64 56.63
C ASP D 116 97.98 -65.18 55.60
N PHE D 117 98.07 -65.70 54.38
CA PHE D 117 97.17 -65.24 53.34
C PHE D 117 96.11 -66.30 53.04
N ASN D 118 95.10 -66.35 53.90
CA ASN D 118 94.02 -67.31 53.76
C ASN D 118 92.91 -66.63 52.98
N PRO D 119 91.95 -67.41 52.42
CA PRO D 119 91.00 -66.77 51.51
C PRO D 119 90.23 -65.60 52.13
N SER D 120 89.89 -65.63 53.41
CA SER D 120 89.26 -64.47 54.04
C SER D 120 90.13 -63.22 54.00
N VAL D 121 91.42 -63.39 54.32
CA VAL D 121 92.38 -62.31 54.31
C VAL D 121 92.63 -61.83 52.87
N HIS D 122 92.75 -62.79 51.95
CA HIS D 122 92.86 -62.49 50.54
C HIS D 122 91.70 -61.56 50.14
N ALA D 123 90.49 -61.94 50.58
CA ALA D 123 89.29 -61.19 50.23
C ALA D 123 89.31 -59.79 50.82
N SER D 124 89.74 -59.67 52.07
CA SER D 124 89.81 -58.38 52.72
C SER D 124 90.85 -57.48 52.07
N LEU D 125 92.02 -58.04 51.72
CA LEU D 125 93.09 -57.22 51.15
C LEU D 125 92.71 -56.76 49.76
N ASP D 126 91.97 -57.61 49.04
CA ASP D 126 91.55 -57.29 47.71
C ASP D 126 90.61 -56.12 47.75
N LYS D 127 89.72 -56.15 48.74
CA LYS D 127 88.72 -55.11 48.87
C LYS D 127 89.35 -53.79 49.28
N PHE D 128 90.33 -53.88 50.18
CA PHE D 128 91.07 -52.74 50.63
C PHE D 128 91.77 -52.08 49.43
N LEU D 129 92.50 -52.88 48.67
CA LEU D 129 93.24 -52.35 47.53
C LEU D 129 92.24 -51.82 46.50
N ALA D 130 91.09 -52.47 46.38
CA ALA D 130 90.01 -51.97 45.55
C ALA D 130 89.54 -50.57 46.00
N ASN D 131 89.32 -50.40 47.31
CA ASN D 131 88.90 -49.12 47.87
C ASN D 131 89.92 -48.02 47.65
N VAL D 132 91.20 -48.36 47.81
CA VAL D 132 92.27 -47.42 47.51
C VAL D 132 92.22 -47.04 46.02
N SER D 133 92.16 -48.06 45.16
CA SER D 133 91.97 -47.85 43.72
C SER D 133 90.83 -46.89 43.41
N THR D 134 89.71 -47.03 44.10
CA THR D 134 88.59 -46.14 43.83
C THR D 134 88.86 -44.70 44.21
N VAL D 135 89.34 -44.52 45.45
CA VAL D 135 89.67 -43.19 45.95
C VAL D 135 90.66 -42.50 45.01
N LEU D 136 91.63 -43.26 44.49
CA LEU D 136 92.64 -42.67 43.58
C LEU D 136 92.14 -42.51 42.14
N THR D 137 91.06 -43.21 41.77
CA THR D 137 90.46 -42.98 40.44
C THR D 137 89.18 -42.19 40.33
N SER D 138 88.56 -41.79 41.44
CA SER D 138 87.19 -41.29 41.37
C SER D 138 87.06 -39.90 40.76
N LYS D 139 88.18 -39.18 40.68
CA LYS D 139 88.19 -37.85 40.08
C LYS D 139 88.65 -37.86 38.63
N TYR D 140 88.95 -39.03 38.09
CA TYR D 140 89.36 -39.17 36.69
C TYR D 140 88.30 -38.57 35.72
N ARG D 141 88.71 -37.66 34.84
CA ARG D 141 87.71 -36.95 34.04
C ARG D 141 87.97 -37.07 32.57
N VAL E 1 99.91 -67.95 22.08
CA VAL E 1 100.33 -66.61 22.48
C VAL E 1 101.83 -66.43 22.34
N HIS E 2 102.24 -65.19 22.07
CA HIS E 2 103.63 -64.96 21.74
C HIS E 2 104.38 -65.12 23.05
N LEU E 3 105.25 -66.12 23.10
CA LEU E 3 105.96 -66.49 24.33
C LEU E 3 107.39 -66.88 24.01
N SER E 4 108.33 -66.32 24.75
CA SER E 4 109.76 -66.45 24.43
C SER E 4 110.30 -67.85 24.71
N ALA E 5 111.47 -68.14 24.14
CA ALA E 5 112.13 -69.44 24.32
C ALA E 5 112.40 -69.73 25.79
N GLU E 6 112.89 -68.71 26.51
CA GLU E 6 113.20 -68.88 27.93
C GLU E 6 111.94 -68.78 28.77
N GLU E 7 110.96 -68.04 28.27
CA GLU E 7 109.69 -67.87 28.96
C GLU E 7 108.93 -69.22 28.97
N LYS E 8 109.02 -69.98 27.88
CA LYS E 8 108.37 -71.28 27.80
C LYS E 8 108.97 -72.26 28.79
N GLU E 9 110.29 -72.27 28.89
CA GLU E 9 110.98 -73.14 29.84
C GLU E 9 110.57 -72.80 31.26
N ALA E 10 110.47 -71.51 31.52
CA ALA E 10 110.10 -70.99 32.82
C ALA E 10 108.74 -71.53 33.24
N VAL E 11 107.74 -71.27 32.40
CA VAL E 11 106.39 -71.71 32.63
C VAL E 11 106.34 -73.24 32.72
N LEU E 12 106.82 -73.94 31.69
CA LEU E 12 106.78 -75.41 31.71
C LEU E 12 107.52 -75.96 32.92
N GLY E 13 108.66 -75.36 33.25
CA GLY E 13 109.48 -75.84 34.35
C GLY E 13 108.75 -75.72 35.66
N LEU E 14 108.21 -74.53 35.92
CA LEU E 14 107.48 -74.26 37.15
C LEU E 14 106.27 -75.16 37.30
N TRP E 15 105.50 -75.28 36.22
CA TRP E 15 104.33 -76.15 36.19
C TRP E 15 104.63 -77.59 36.63
N GLY E 16 105.86 -78.06 36.40
CA GLY E 16 106.28 -79.37 36.88
C GLY E 16 106.31 -79.44 38.40
N LYS E 17 106.64 -78.33 39.07
CA LYS E 17 106.60 -78.40 40.52
C LYS E 17 105.43 -77.62 41.10
N VAL E 18 104.21 -78.04 40.80
CA VAL E 18 103.01 -77.47 41.42
C VAL E 18 101.97 -78.56 41.33
N ASN E 19 101.07 -78.61 42.31
CA ASN E 19 100.03 -79.61 42.25
C ASN E 19 98.83 -78.97 41.57
N VAL E 20 98.58 -79.30 40.31
CA VAL E 20 97.57 -78.55 39.57
C VAL E 20 96.16 -78.82 40.10
N ASP E 21 95.92 -80.06 40.53
CA ASP E 21 94.63 -80.42 41.11
C ASP E 21 94.35 -79.59 42.36
N GLU E 22 95.39 -79.39 43.16
CA GLU E 22 95.27 -78.63 44.39
C GLU E 22 95.15 -77.14 44.13
N VAL E 23 95.88 -76.61 43.14
CA VAL E 23 95.76 -75.16 42.90
C VAL E 23 94.42 -74.82 42.28
N GLY E 24 93.89 -75.66 41.38
CA GLY E 24 92.56 -75.44 40.84
C GLY E 24 91.49 -75.35 41.91
N GLY E 25 91.55 -76.28 42.86
CA GLY E 25 90.59 -76.30 43.96
C GLY E 25 90.71 -75.07 44.84
N GLU E 26 91.94 -74.62 45.00
CA GLU E 26 92.17 -73.42 45.79
C GLU E 26 91.76 -72.17 45.01
N ALA E 27 92.14 -72.13 43.74
CA ALA E 27 91.90 -70.96 42.91
C ALA E 27 90.42 -70.72 42.69
N LEU E 28 89.67 -71.78 42.37
CA LEU E 28 88.23 -71.63 42.20
C LEU E 28 87.56 -71.18 43.50
N GLY E 29 87.96 -71.78 44.61
CA GLY E 29 87.42 -71.41 45.91
C GLY E 29 87.70 -69.96 46.27
N ARG E 30 88.89 -69.49 45.96
CA ARG E 30 89.22 -68.11 46.28
C ARG E 30 88.44 -67.16 45.39
N LEU E 31 88.29 -67.50 44.10
CA LEU E 31 87.50 -66.70 43.18
C LEU E 31 86.09 -66.56 43.73
N LEU E 32 85.50 -67.68 44.13
CA LEU E 32 84.18 -67.68 44.75
C LEU E 32 84.06 -66.81 46.02
N VAL E 33 85.10 -66.82 46.86
CA VAL E 33 85.09 -66.03 48.09
C VAL E 33 85.36 -64.56 47.79
N VAL E 34 86.35 -64.29 46.93
CA VAL E 34 86.80 -62.93 46.66
C VAL E 34 85.85 -62.12 45.73
N TYR E 35 85.28 -62.78 44.73
CA TYR E 35 84.37 -62.12 43.80
C TYR E 35 83.03 -62.86 43.83
N PRO E 36 82.21 -62.56 44.85
CA PRO E 36 81.04 -63.36 45.21
C PRO E 36 80.00 -63.49 44.11
N TRP E 37 79.97 -62.62 43.12
CA TRP E 37 78.95 -62.76 42.08
C TRP E 37 79.25 -64.00 41.24
N THR E 38 80.44 -64.57 41.39
CA THR E 38 80.78 -65.77 40.65
C THR E 38 80.08 -67.00 41.24
N GLN E 39 79.66 -66.89 42.50
CA GLN E 39 78.89 -67.97 43.13
C GLN E 39 77.56 -68.24 42.38
N ARG E 40 77.10 -67.24 41.64
CA ARG E 40 75.85 -67.33 40.93
C ARG E 40 75.88 -68.47 39.91
N PHE E 41 77.07 -68.77 39.37
CA PHE E 41 77.18 -69.84 38.37
C PHE E 41 77.17 -71.24 38.98
N PHE E 42 77.50 -71.28 40.27
CA PHE E 42 77.60 -72.48 41.08
C PHE E 42 76.47 -72.89 42.04
N GLU E 43 75.29 -72.29 41.91
CA GLU E 43 74.19 -72.54 42.85
C GLU E 43 74.04 -74.02 43.17
N SER E 44 74.23 -74.86 42.16
CA SER E 44 74.05 -76.31 42.27
C SER E 44 75.13 -77.05 43.07
N PHE E 45 76.17 -76.36 43.46
CA PHE E 45 77.29 -76.99 44.16
C PHE E 45 77.05 -77.13 45.66
N GLY E 46 75.87 -76.73 46.14
CA GLY E 46 75.63 -76.78 47.57
C GLY E 46 76.04 -75.54 48.33
N ASP E 47 76.56 -75.70 49.54
CA ASP E 47 76.69 -74.56 50.44
C ASP E 47 77.89 -73.69 50.09
N LEU E 48 77.59 -72.49 49.61
CA LEU E 48 78.56 -71.43 49.37
C LEU E 48 78.55 -70.25 50.37
N SER E 49 77.78 -70.36 51.45
CA SER E 49 77.47 -69.21 52.33
C SER E 49 78.66 -68.44 52.92
N ASN E 50 79.55 -69.13 53.63
CA ASN E 50 80.77 -68.50 54.16
C ASN E 50 82.02 -69.06 53.51
N ALA E 51 83.17 -68.50 53.88
CA ALA E 51 84.42 -68.84 53.20
C ALA E 51 84.86 -70.27 53.47
N ASP E 52 84.75 -70.72 54.72
CA ASP E 52 85.17 -72.08 55.08
C ASP E 52 84.30 -73.09 54.34
N ALA E 53 83.04 -72.73 54.18
CA ALA E 53 82.10 -73.54 53.42
C ALA E 53 82.53 -73.65 51.96
N VAL E 54 82.89 -72.53 51.33
CA VAL E 54 83.32 -72.55 49.94
C VAL E 54 84.59 -73.38 49.76
N MET E 55 85.59 -73.15 50.62
CA MET E 55 86.83 -73.88 50.49
C MET E 55 86.60 -75.34 50.83
N GLY E 56 85.80 -75.60 51.85
CA GLY E 56 85.49 -76.96 52.25
C GLY E 56 84.58 -77.72 51.29
N ASN E 57 84.04 -77.05 50.29
CA ASN E 57 83.08 -77.67 49.38
C ASN E 57 83.71 -78.70 48.43
N PRO E 58 83.30 -79.97 48.55
CA PRO E 58 83.82 -81.08 47.75
C PRO E 58 83.60 -80.89 46.24
N LYS E 59 82.51 -80.24 45.84
CA LYS E 59 82.22 -79.98 44.41
C LYS E 59 83.09 -78.86 43.86
N VAL E 60 83.37 -77.86 44.68
CA VAL E 60 84.29 -76.80 44.28
C VAL E 60 85.68 -77.41 44.03
N LYS E 61 86.18 -78.17 45.02
CA LYS E 61 87.49 -78.84 44.91
C LYS E 61 87.58 -79.60 43.61
N ALA E 62 86.53 -80.36 43.31
CA ALA E 62 86.49 -81.28 42.18
C ALA E 62 86.36 -80.55 40.85
N HIS E 63 85.59 -79.47 40.83
CA HIS E 63 85.42 -78.68 39.60
C HIS E 63 86.69 -77.89 39.29
N GLY E 64 87.35 -77.40 40.35
CA GLY E 64 88.58 -76.64 40.18
C GLY E 64 89.68 -77.44 39.52
N LYS E 65 89.77 -78.73 39.86
CA LYS E 65 90.72 -79.65 39.21
C LYS E 65 90.50 -79.67 37.71
N LYS E 66 89.22 -79.68 37.34
CA LYS E 66 88.79 -79.75 35.95
C LYS E 66 89.23 -78.52 35.15
N VAL E 67 89.04 -77.33 35.70
CA VAL E 67 89.48 -76.11 35.01
C VAL E 67 91.02 -76.00 34.95
N LEU E 68 91.71 -76.26 36.07
CA LEU E 68 93.18 -76.26 36.08
C LEU E 68 93.78 -77.42 35.26
N GLN E 69 93.07 -78.51 35.08
CA GLN E 69 93.60 -79.53 34.20
C GLN E 69 93.34 -79.17 32.75
N SER E 70 92.37 -78.28 32.55
CA SER E 70 92.11 -77.71 31.23
C SER E 70 93.24 -76.76 30.88
N PHE E 71 93.74 -76.07 31.90
CA PHE E 71 94.90 -75.19 31.76
C PHE E 71 96.15 -75.96 31.36
N SER E 72 96.35 -77.13 31.96
CA SER E 72 97.49 -77.98 31.64
C SER E 72 97.49 -78.29 30.15
N ASP E 73 96.31 -78.60 29.62
CA ASP E 73 96.17 -78.90 28.21
C ASP E 73 96.45 -77.66 27.37
N GLY E 74 96.21 -76.49 27.95
CA GLY E 74 96.56 -75.24 27.32
C GLY E 74 98.06 -75.09 27.09
N LEU E 75 98.84 -75.30 28.14
CA LEU E 75 100.29 -75.30 28.05
C LEU E 75 100.83 -76.28 26.99
N LYS E 76 100.15 -77.42 26.83
CA LYS E 76 100.55 -78.41 25.83
C LYS E 76 100.63 -77.80 24.43
N HIS E 77 99.56 -77.11 23.99
CA HIS E 77 99.63 -76.34 22.75
C HIS E 77 99.43 -74.86 22.98
N LEU E 78 100.51 -74.08 22.97
CA LEU E 78 100.39 -72.62 23.11
C LEU E 78 100.12 -71.93 21.78
N ASP E 79 100.69 -72.49 20.71
CA ASP E 79 100.63 -71.87 19.39
C ASP E 79 99.20 -71.86 18.86
N ASN E 80 98.47 -72.94 19.09
CA ASN E 80 97.06 -72.93 18.81
C ASN E 80 96.31 -72.98 20.15
N LEU E 81 95.95 -71.81 20.65
CA LEU E 81 95.16 -71.67 21.88
C LEU E 81 93.65 -71.64 21.60
N LYS E 82 93.28 -70.90 20.55
CA LYS E 82 91.90 -70.55 20.26
C LYS E 82 91.11 -71.81 20.01
N GLY E 83 91.75 -72.75 19.30
CA GLY E 83 91.14 -74.01 18.94
C GLY E 83 91.07 -75.03 20.05
N THR E 84 92.07 -75.05 20.92
CA THR E 84 92.05 -75.89 22.13
C THR E 84 90.78 -75.58 22.93
N PHE E 85 90.58 -74.29 23.24
CA PHE E 85 89.47 -73.85 24.08
C PHE E 85 88.19 -73.48 23.32
N ALA E 86 88.21 -73.65 22.00
CA ALA E 86 87.04 -73.36 21.17
C ALA E 86 85.76 -74.04 21.66
N LYS E 87 85.86 -75.33 22.03
CA LYS E 87 84.69 -76.06 22.52
C LYS E 87 84.18 -75.48 23.83
N LEU E 88 85.10 -75.28 24.77
CA LEU E 88 84.77 -74.68 26.05
C LEU E 88 84.26 -73.25 25.93
N SER E 89 84.75 -72.52 24.92
CA SER E 89 84.32 -71.15 24.70
C SER E 89 82.84 -71.07 24.35
N GLU E 90 82.39 -72.02 23.54
CA GLU E 90 80.99 -72.15 23.16
C GLU E 90 80.15 -72.39 24.42
N LEU E 91 80.58 -73.34 25.23
CA LEU E 91 79.95 -73.66 26.50
C LEU E 91 79.89 -72.42 27.40
N HIS E 92 81.03 -71.78 27.63
CA HIS E 92 81.06 -70.64 28.53
C HIS E 92 80.28 -69.44 28.02
N CYS E 93 80.35 -69.15 26.73
CA CYS E 93 79.53 -68.07 26.21
C CYS E 93 78.05 -68.40 26.03
N ASP E 94 77.77 -69.32 25.11
CA ASP E 94 76.41 -69.51 24.62
C ASP E 94 75.51 -70.32 25.57
N GLN E 95 76.13 -71.09 26.46
CA GLN E 95 75.40 -71.93 27.41
C GLN E 95 75.35 -71.26 28.78
N LEU E 96 76.52 -71.03 29.37
CA LEU E 96 76.65 -70.46 30.71
C LEU E 96 76.56 -68.93 30.88
N HIS E 97 76.85 -68.16 29.84
CA HIS E 97 76.77 -66.69 29.87
C HIS E 97 77.70 -66.00 30.88
N VAL E 98 78.96 -66.45 30.94
CA VAL E 98 79.96 -65.87 31.83
C VAL E 98 80.63 -64.62 31.22
N ASP E 99 80.59 -63.46 31.87
CA ASP E 99 81.32 -62.31 31.32
C ASP E 99 82.84 -62.57 31.33
N PRO E 100 83.53 -62.26 30.22
CA PRO E 100 84.98 -62.46 30.09
C PRO E 100 85.80 -61.82 31.21
N GLU E 101 85.22 -60.83 31.89
N GLU E 101 85.27 -60.82 31.90
CA GLU E 101 85.85 -60.24 33.08
CA GLU E 101 86.09 -60.27 32.95
C GLU E 101 86.20 -61.33 34.06
C GLU E 101 86.12 -61.24 34.15
N ASN E 102 85.35 -62.32 34.12
CA ASN E 102 85.50 -63.39 35.09
C ASN E 102 86.63 -64.35 34.74
N PHE E 103 86.86 -64.59 33.44
CA PHE E 103 88.02 -65.36 33.00
C PHE E 103 89.29 -64.64 33.47
N ARG E 104 89.38 -63.35 33.17
CA ARG E 104 90.51 -62.56 33.60
C ARG E 104 90.74 -62.60 35.15
N LEU E 105 89.66 -62.43 35.91
CA LEU E 105 89.73 -62.53 37.36
C LEU E 105 90.21 -63.89 37.85
N LEU E 106 89.65 -64.97 37.31
CA LEU E 106 90.09 -66.32 37.71
C LEU E 106 91.55 -66.55 37.33
N GLY E 107 91.92 -66.08 36.13
CA GLY E 107 93.30 -66.14 35.68
C GLY E 107 94.28 -65.53 36.69
N ASN E 108 94.02 -64.29 37.08
CA ASN E 108 94.80 -63.64 38.14
C ASN E 108 94.75 -64.33 39.50
N VAL E 109 93.60 -64.84 39.90
CA VAL E 109 93.53 -65.61 41.15
C VAL E 109 94.51 -66.79 41.09
N ILE E 110 94.49 -67.53 39.98
CA ILE E 110 95.40 -68.65 39.77
C ILE E 110 96.84 -68.18 39.94
N VAL E 111 97.15 -67.03 39.32
CA VAL E 111 98.46 -66.41 39.51
C VAL E 111 98.76 -66.15 41.00
N VAL E 112 97.81 -65.63 41.78
CA VAL E 112 98.15 -65.41 43.19
C VAL E 112 98.26 -66.69 43.98
N VAL E 113 97.56 -67.76 43.60
CA VAL E 113 97.81 -69.00 44.34
C VAL E 113 99.11 -69.68 43.91
N LEU E 114 99.51 -69.50 42.65
CA LEU E 114 100.84 -69.98 42.23
C LEU E 114 101.94 -69.29 43.05
N ALA E 115 101.80 -67.97 43.22
CA ALA E 115 102.72 -67.19 44.03
C ALA E 115 102.71 -67.74 45.46
N ARG E 116 101.51 -67.96 46.01
CA ARG E 116 101.42 -68.40 47.39
C ARG E 116 102.04 -69.76 47.62
N ARG E 117 101.85 -70.67 46.66
CA ARG E 117 102.42 -72.01 46.79
C ARG E 117 103.90 -72.07 46.41
N LEU E 118 104.30 -71.32 45.39
CA LEU E 118 105.68 -71.39 44.92
C LEU E 118 106.67 -70.41 45.53
N GLY E 119 106.16 -69.39 46.23
CA GLY E 119 107.01 -68.42 46.91
C GLY E 119 108.10 -67.78 46.04
N HIS E 120 109.34 -67.85 46.50
CA HIS E 120 110.48 -67.23 45.82
C HIS E 120 110.72 -67.79 44.42
N ASP E 121 110.29 -69.02 44.18
CA ASP E 121 110.37 -69.59 42.83
C ASP E 121 109.51 -68.79 41.84
N PHE E 122 108.45 -68.14 42.32
CA PHE E 122 107.57 -67.44 41.40
C PHE E 122 107.97 -65.98 41.50
N ASN E 123 109.00 -65.65 40.73
CA ASN E 123 109.64 -64.34 40.78
C ASN E 123 109.03 -63.45 39.71
N PRO E 124 109.27 -62.14 39.75
CA PRO E 124 108.65 -61.26 38.75
C PRO E 124 108.73 -61.72 37.28
N ASN E 125 109.85 -62.29 36.86
CA ASN E 125 109.96 -62.69 35.46
C ASN E 125 109.13 -63.90 35.10
N VAL E 126 109.05 -64.86 36.02
CA VAL E 126 108.23 -66.04 35.77
C VAL E 126 106.74 -65.69 35.88
N GLN E 127 106.40 -64.73 36.75
CA GLN E 127 105.02 -64.25 36.79
C GLN E 127 104.65 -63.54 35.49
N ALA E 128 105.59 -62.79 34.92
CA ALA E 128 105.34 -62.07 33.68
C ALA E 128 105.00 -63.03 32.54
N ALA E 129 105.71 -64.16 32.52
CA ALA E 129 105.44 -65.22 31.56
C ALA E 129 104.10 -65.92 31.84
N PHE E 130 103.72 -66.02 33.11
CA PHE E 130 102.43 -66.61 33.42
C PHE E 130 101.27 -65.70 33.07
N GLN E 131 101.48 -64.40 33.20
CA GLN E 131 100.47 -63.43 32.82
C GLN E 131 100.16 -63.58 31.34
N LYS E 132 101.20 -63.76 30.52
CA LYS E 132 101.02 -63.95 29.09
C LYS E 132 100.16 -65.18 28.85
N VAL E 133 100.38 -66.22 29.66
CA VAL E 133 99.61 -67.46 29.55
C VAL E 133 98.16 -67.32 30.01
N VAL E 134 97.92 -66.76 31.19
CA VAL E 134 96.53 -66.61 31.66
C VAL E 134 95.73 -65.63 30.78
N ALA E 135 96.41 -64.67 30.16
CA ALA E 135 95.73 -63.76 29.24
C ALA E 135 95.42 -64.52 27.97
N GLY E 136 96.20 -65.55 27.69
CA GLY E 136 95.99 -66.32 26.48
C GLY E 136 94.78 -67.21 26.57
N VAL E 137 94.58 -67.85 27.72
CA VAL E 137 93.42 -68.73 27.85
C VAL E 137 92.13 -67.96 28.13
N ALA E 138 92.23 -66.82 28.84
CA ALA E 138 91.09 -65.91 28.98
C ALA E 138 90.62 -65.44 27.57
N ASN E 139 91.55 -65.01 26.73
CA ASN E 139 91.17 -64.54 25.41
C ASN E 139 90.69 -65.66 24.50
N ALA E 140 91.14 -66.88 24.77
CA ALA E 140 90.74 -68.02 23.98
C ALA E 140 89.32 -68.46 24.37
N LEU E 141 88.95 -68.22 25.63
CA LEU E 141 87.59 -68.54 26.12
C LEU E 141 86.58 -67.50 25.73
N ALA E 142 87.03 -66.25 25.61
CA ALA E 142 86.17 -65.17 25.18
C ALA E 142 86.05 -65.09 23.64
N HIS E 143 86.71 -66.00 22.94
CA HIS E 143 86.81 -65.93 21.48
C HIS E 143 85.48 -66.13 20.76
N LYS E 144 84.66 -67.05 21.28
CA LYS E 144 83.44 -67.48 20.60
C LYS E 144 82.31 -66.49 20.86
N TYR E 145 82.66 -65.36 21.49
CA TYR E 145 81.67 -64.38 21.89
C TYR E 145 81.58 -63.28 20.86
N HIS E 146 80.71 -63.46 19.88
CA HIS E 146 80.48 -62.44 18.87
C HIS E 146 81.75 -61.92 18.16
N CYS F 33 43.76 -50.86 -7.12
CA CYS F 33 42.94 -50.91 -5.92
C CYS F 33 41.92 -52.06 -5.90
N PRO F 34 41.94 -52.89 -4.82
CA PRO F 34 41.25 -54.19 -4.65
C PRO F 34 39.78 -54.23 -5.01
N LYS F 35 39.38 -55.38 -5.55
CA LYS F 35 38.11 -55.53 -6.28
C LYS F 35 37.21 -56.60 -5.67
N PRO F 36 36.26 -56.18 -4.82
CA PRO F 36 35.35 -57.08 -4.10
C PRO F 36 34.27 -57.58 -5.03
N PRO F 37 33.71 -58.75 -4.73
CA PRO F 37 32.78 -59.42 -5.63
C PRO F 37 31.49 -58.65 -5.78
N GLU F 38 30.75 -58.95 -6.85
CA GLU F 38 29.51 -58.25 -7.11
C GLU F 38 28.25 -58.96 -6.63
N ILE F 39 27.38 -58.16 -6.01
CA ILE F 39 26.04 -58.58 -5.66
C ILE F 39 25.00 -58.18 -6.75
N PRO F 40 24.03 -59.07 -7.05
CA PRO F 40 22.98 -58.55 -7.93
C PRO F 40 22.07 -57.61 -7.14
N LYS F 41 21.67 -56.50 -7.77
CA LYS F 41 20.86 -55.45 -7.16
C LYS F 41 21.48 -54.77 -5.95
N GLY F 42 22.80 -54.74 -5.85
CA GLY F 42 23.44 -54.10 -4.71
C GLY F 42 24.83 -53.54 -4.95
N TYR F 43 25.23 -52.57 -4.13
CA TYR F 43 26.48 -51.88 -4.36
C TYR F 43 27.40 -51.94 -3.13
N VAL F 44 28.71 -51.76 -3.34
CA VAL F 44 29.63 -51.75 -2.23
C VAL F 44 29.94 -50.37 -1.66
N GLU F 45 30.13 -50.31 -0.36
CA GLU F 45 30.70 -49.15 0.33
C GLU F 45 32.11 -49.53 0.81
N HIS F 46 33.14 -48.86 0.29
CA HIS F 46 34.53 -49.23 0.63
C HIS F 46 35.01 -48.72 1.98
N MET F 47 35.74 -49.59 2.68
CA MET F 47 36.38 -49.21 3.94
C MET F 47 37.81 -49.73 4.00
N VAL F 48 38.60 -49.15 4.88
CA VAL F 48 39.92 -49.69 5.24
C VAL F 48 40.13 -49.60 6.74
N ARG F 49 40.79 -50.60 7.32
CA ARG F 49 41.28 -50.53 8.70
C ARG F 49 42.79 -50.42 8.67
N TYR F 50 43.33 -49.38 9.30
CA TYR F 50 44.78 -49.25 9.47
C TYR F 50 45.32 -50.16 10.58
N HIS F 51 46.46 -50.79 10.30
CA HIS F 51 47.17 -51.61 11.28
C HIS F 51 48.61 -51.16 11.33
N CYS F 52 49.33 -51.56 12.37
CA CYS F 52 50.73 -51.15 12.51
C CYS F 52 51.73 -52.28 12.41
N GLN F 53 52.90 -51.96 11.86
CA GLN F 53 54.02 -52.87 11.76
C GLN F 53 54.32 -53.31 13.19
N THR F 54 54.77 -54.55 13.37
CA THR F 54 55.04 -55.04 14.73
C THR F 54 56.14 -54.24 15.44
N TYR F 55 56.05 -54.22 16.76
CA TYR F 55 56.76 -53.28 17.64
C TYR F 55 56.18 -51.86 17.62
N TYR F 56 55.21 -51.61 16.74
CA TYR F 56 54.55 -50.30 16.70
C TYR F 56 53.06 -50.38 17.08
N LYS F 57 52.44 -49.22 17.25
CA LYS F 57 51.12 -49.19 17.81
C LYS F 57 50.37 -47.99 17.25
N LEU F 58 49.08 -48.18 16.97
CA LEU F 58 48.25 -47.17 16.33
C LEU F 58 48.03 -45.99 17.26
N ARG F 59 48.34 -44.78 16.79
CA ARG F 59 47.96 -43.61 17.56
C ARG F 59 46.95 -42.74 16.80
N THR F 60 45.69 -42.80 17.20
CA THR F 60 44.67 -41.88 16.71
C THR F 60 43.47 -41.88 17.65
N ALA F 61 42.68 -40.81 17.61
CA ALA F 61 41.54 -40.64 18.51
C ALA F 61 40.44 -41.69 18.32
N GLY F 62 40.04 -41.92 17.07
CA GLY F 62 39.01 -42.91 16.78
C GLY F 62 39.61 -44.18 16.25
N ASP F 63 38.75 -45.19 15.97
CA ASP F 63 39.26 -46.50 15.60
C ASP F 63 40.04 -46.34 14.33
N GLY F 64 40.64 -47.40 13.83
CA GLY F 64 41.46 -47.12 12.64
C GLY F 64 40.67 -47.32 11.33
N VAL F 65 39.37 -47.09 11.31
CA VAL F 65 38.62 -47.45 10.13
C VAL F 65 38.05 -46.22 9.37
N TYR F 66 38.43 -46.14 8.09
CA TYR F 66 38.09 -45.04 7.22
C TYR F 66 37.24 -45.57 6.09
N THR F 67 36.08 -44.96 5.90
CA THR F 67 35.19 -45.35 4.83
C THR F 67 35.22 -44.27 3.74
N LEU F 68 35.04 -44.68 2.49
CA LEU F 68 35.13 -43.77 1.35
C LEU F 68 33.89 -42.88 1.15
N ASP F 69 34.14 -41.56 1.10
CA ASP F 69 33.13 -40.53 0.92
C ASP F 69 32.50 -40.62 -0.46
N SER F 70 31.31 -40.02 -0.60
CA SER F 70 30.75 -39.69 -1.91
C SER F 70 31.49 -38.45 -2.43
N ASN F 71 32.25 -37.83 -1.53
CA ASN F 71 33.16 -36.74 -1.87
C ASN F 71 34.54 -37.29 -2.26
N LYS F 72 34.61 -38.62 -2.40
CA LYS F 72 35.79 -39.37 -2.83
C LYS F 72 36.99 -39.38 -1.86
N GLN F 73 36.74 -39.06 -0.59
CA GLN F 73 37.80 -38.97 0.40
C GLN F 73 37.59 -39.93 1.57
N TRP F 74 38.69 -40.48 2.07
CA TRP F 74 38.63 -41.43 3.17
C TRP F 74 38.37 -40.75 4.49
N THR F 75 37.33 -41.19 5.19
CA THR F 75 36.88 -40.48 6.38
C THR F 75 36.69 -41.39 7.60
N ASN F 76 37.04 -40.88 8.78
CA ASN F 76 36.77 -41.57 10.03
C ASN F 76 35.66 -40.81 10.77
N LYS F 77 34.77 -41.54 11.46
CA LYS F 77 33.64 -40.89 12.14
C LYS F 77 34.10 -39.83 13.13
N VAL F 78 35.12 -40.16 13.92
CA VAL F 78 35.81 -39.20 14.81
C VAL F 78 36.98 -38.33 14.25
N THR F 79 37.87 -38.89 13.41
CA THR F 79 39.01 -38.11 12.90
C THR F 79 38.91 -37.45 11.51
N GLY F 80 37.89 -37.81 10.70
CA GLY F 80 37.58 -37.05 9.50
C GLY F 80 38.68 -36.82 8.48
N GLU F 81 39.23 -37.90 7.91
CA GLU F 81 40.32 -37.84 6.92
C GLU F 81 41.70 -37.59 7.54
N LYS F 82 41.75 -37.17 8.79
CA LYS F 82 43.02 -37.14 9.51
C LYS F 82 43.43 -38.58 9.78
N LEU F 83 44.59 -38.96 9.26
CA LEU F 83 44.99 -40.36 9.29
C LEU F 83 45.51 -40.81 10.66
N PRO F 84 45.64 -42.13 10.87
CA PRO F 84 46.26 -42.53 12.12
C PRO F 84 47.78 -42.45 12.00
N GLU F 85 48.47 -42.73 13.09
CA GLU F 85 49.90 -42.55 13.14
C GLU F 85 50.47 -43.81 13.78
N CYS F 86 51.68 -44.18 13.38
CA CYS F 86 52.32 -45.34 14.00
C CYS F 86 53.50 -44.95 14.91
N GLU F 87 53.36 -45.21 16.20
CA GLU F 87 54.47 -44.95 17.11
C GLU F 87 54.92 -46.22 17.82
N ALA F 88 56.17 -46.22 18.25
CA ALA F 88 56.81 -47.40 18.83
C ALA F 88 56.21 -47.85 20.17
N VAL F 89 55.89 -49.14 20.26
CA VAL F 89 55.54 -49.71 21.55
C VAL F 89 56.76 -49.57 22.40
N CYS F 90 56.59 -49.02 23.60
CA CYS F 90 57.71 -48.80 24.52
C CYS F 90 57.64 -49.75 25.72
N GLY F 91 58.77 -50.03 26.32
CA GLY F 91 58.81 -50.80 27.56
C GLY F 91 58.37 -52.24 27.46
N LYS F 92 58.54 -52.85 26.30
CA LYS F 92 58.14 -54.24 26.12
C LYS F 92 59.20 -54.97 25.34
N PRO F 93 60.28 -55.39 25.99
CA PRO F 93 61.40 -56.06 25.30
C PRO F 93 60.92 -57.37 24.67
N LYS F 94 61.49 -57.76 23.53
CA LYS F 94 61.16 -59.04 22.92
C LYS F 94 61.62 -60.18 23.84
N ASN F 95 62.77 -60.01 24.47
CA ASN F 95 63.29 -61.06 25.32
C ASN F 95 63.67 -60.52 26.67
N PRO F 96 62.70 -60.43 27.60
CA PRO F 96 62.95 -59.92 28.95
C PRO F 96 63.93 -60.77 29.76
N VAL F 97 64.26 -60.34 30.98
CA VAL F 97 65.12 -61.15 31.83
C VAL F 97 64.34 -62.26 32.56
N ILE F 103 79.62 -51.72 35.56
CA ILE F 103 79.08 -52.61 36.59
C ILE F 103 80.19 -53.58 37.01
N MET F 104 80.53 -53.60 38.31
CA MET F 104 81.67 -54.41 38.73
C MET F 104 81.27 -55.87 38.76
N GLY F 105 80.15 -56.14 39.39
CA GLY F 105 79.66 -57.51 39.18
C GLY F 105 79.00 -57.95 37.83
N GLY F 106 78.21 -59.00 37.94
CA GLY F 106 77.89 -59.85 36.80
C GLY F 106 76.55 -59.66 36.15
N SER F 107 76.02 -60.77 35.67
CA SER F 107 74.86 -60.85 34.74
C SER F 107 75.04 -60.23 33.34
N LEU F 108 75.74 -60.97 32.50
CA LEU F 108 75.86 -60.69 31.09
C LEU F 108 74.47 -60.62 30.40
N ASP F 109 74.22 -59.62 29.55
CA ASP F 109 72.91 -59.54 28.96
C ASP F 109 72.96 -60.41 27.70
N ALA F 110 72.43 -61.63 27.84
CA ALA F 110 72.55 -62.64 26.82
C ALA F 110 71.47 -62.49 25.75
N LYS F 111 70.26 -62.15 26.19
CA LYS F 111 69.10 -62.18 25.31
C LYS F 111 68.84 -60.83 24.66
N GLY F 112 69.61 -59.82 25.04
CA GLY F 112 69.33 -58.47 24.58
C GLY F 112 68.04 -57.98 25.20
N SER F 113 68.02 -57.97 26.53
CA SER F 113 66.82 -57.69 27.31
C SER F 113 66.68 -56.22 27.67
N PHE F 114 67.62 -55.40 27.22
CA PHE F 114 67.58 -54.00 27.59
C PHE F 114 67.73 -53.14 26.36
N PRO F 115 66.69 -53.16 25.48
CA PRO F 115 66.65 -52.51 24.18
C PRO F 115 66.80 -51.02 24.29
N TRP F 116 66.42 -50.46 25.44
CA TRP F 116 66.48 -49.02 25.61
C TRP F 116 67.88 -48.47 25.97
N GLN F 117 68.82 -49.34 26.28
CA GLN F 117 70.17 -48.93 26.68
C GLN F 117 70.99 -48.35 25.53
N ALA F 118 71.54 -47.16 25.71
CA ALA F 118 72.48 -46.65 24.70
C ALA F 118 73.87 -46.45 25.28
N LYS F 119 74.90 -46.59 24.44
CA LYS F 119 76.29 -46.37 24.87
C LYS F 119 76.76 -45.04 24.32
N MET F 120 77.22 -44.14 25.18
CA MET F 120 77.71 -42.84 24.72
C MET F 120 79.22 -42.65 24.95
N ILE F 121 79.92 -42.12 23.94
CA ILE F 121 81.37 -41.95 24.06
C ILE F 121 81.86 -40.51 23.84
N SER F 122 82.60 -40.00 24.82
CA SER F 122 83.16 -38.64 24.75
C SER F 122 84.27 -38.51 23.73
N HIS F 123 84.54 -37.28 23.31
CA HIS F 123 85.58 -37.08 22.30
C HIS F 123 86.90 -37.62 22.77
N HIS F 124 87.10 -37.61 24.08
CA HIS F 124 88.33 -38.14 24.68
C HIS F 124 88.22 -39.61 25.12
N ASN F 125 87.21 -40.29 24.58
CA ASN F 125 87.06 -41.74 24.68
C ASN F 125 86.68 -42.31 26.04
N LEU F 126 85.85 -41.59 26.80
CA LEU F 126 85.18 -42.18 27.96
C LEU F 126 83.73 -42.65 27.67
N THR F 127 83.43 -43.90 28.03
CA THR F 127 82.10 -44.46 27.81
C THR F 127 81.14 -44.08 28.93
N SER F 128 79.89 -43.77 28.59
CA SER F 128 78.86 -43.49 29.60
C SER F 128 77.48 -43.99 29.13
N GLY F 129 76.46 -43.86 29.97
CA GLY F 129 75.14 -44.39 29.62
C GLY F 129 74.11 -43.40 29.05
N ALA F 130 73.11 -43.96 28.34
CA ALA F 130 72.08 -43.13 27.76
C ALA F 130 70.64 -43.55 28.07
N THR F 131 70.14 -44.73 27.69
CA THR F 131 68.65 -44.96 27.88
C THR F 131 67.59 -44.13 27.10
N LEU F 132 67.30 -44.64 25.90
CA LEU F 132 66.25 -44.18 24.99
C LEU F 132 64.80 -44.15 25.56
N ILE F 133 64.24 -42.96 25.55
CA ILE F 133 62.98 -42.64 26.17
C ILE F 133 61.78 -42.64 25.18
N ASN F 134 62.09 -42.58 23.90
CA ASN F 134 61.11 -42.63 22.79
C ASN F 134 61.84 -42.75 21.43
N GLU F 135 61.10 -42.66 20.33
CA GLU F 135 61.73 -42.84 19.02
C GLU F 135 62.90 -41.89 18.66
N GLN F 136 62.77 -40.59 18.96
CA GLN F 136 63.92 -39.67 18.86
C GLN F 136 64.66 -39.05 20.09
N TRP F 137 64.31 -39.43 21.33
CA TRP F 137 64.98 -38.86 22.52
C TRP F 137 65.61 -39.89 23.46
N LEU F 138 66.67 -39.50 24.15
CA LEU F 138 67.27 -40.31 25.21
C LEU F 138 67.57 -39.41 26.40
N LEU F 139 67.36 -39.92 27.62
CA LEU F 139 67.78 -39.25 28.86
C LEU F 139 69.28 -39.48 29.03
N THR F 140 69.97 -38.66 29.82
CA THR F 140 71.33 -38.96 30.24
C THR F 140 71.64 -38.02 31.40
N THR F 141 72.83 -38.12 32.00
CA THR F 141 73.19 -37.18 33.07
C THR F 141 73.95 -36.02 32.49
N ALA F 142 73.77 -34.84 33.10
CA ALA F 142 74.47 -33.63 32.66
C ALA F 142 75.98 -33.83 32.75
N LYS F 143 76.40 -34.61 33.74
CA LYS F 143 77.82 -34.88 33.93
C LYS F 143 78.40 -35.66 32.76
N ASN F 144 77.70 -36.71 32.34
CA ASN F 144 78.10 -37.50 31.19
C ASN F 144 78.34 -36.59 30.00
N LEU F 145 77.38 -35.70 29.79
CA LEU F 145 77.36 -34.79 28.66
C LEU F 145 78.62 -33.91 28.63
N ARG F 146 79.08 -33.52 29.81
CA ARG F 146 80.25 -32.66 29.86
C ARG F 146 81.58 -33.37 29.96
N LEU F 147 81.59 -34.70 29.92
CA LEU F 147 82.82 -35.42 30.13
C LEU F 147 84.00 -34.88 29.36
N GLY F 148 83.81 -34.49 28.11
CA GLY F 148 84.99 -33.99 27.48
C GLY F 148 85.44 -32.61 27.90
N HIS F 149 84.54 -31.82 28.45
CA HIS F 149 84.47 -30.38 28.31
C HIS F 149 84.66 -29.65 29.65
N LYS F 150 84.64 -28.32 29.69
CA LYS F 150 84.65 -27.52 30.93
C LYS F 150 83.26 -27.24 31.48
N ASN F 151 83.13 -26.96 32.79
CA ASN F 151 81.87 -26.65 33.46
C ASN F 151 80.93 -25.76 32.66
N ASP F 152 81.38 -24.84 32.01
CA ASP F 152 80.55 -23.84 31.34
C ASP F 152 80.33 -24.02 29.82
N THR F 153 80.83 -25.12 29.25
CA THR F 153 80.71 -25.33 27.80
C THR F 153 79.24 -25.32 27.35
N LYS F 154 78.95 -24.66 26.24
CA LYS F 154 77.58 -24.59 25.74
C LYS F 154 77.17 -25.90 25.08
N ALA F 155 75.88 -26.23 25.18
CA ALA F 155 75.40 -27.48 24.63
C ALA F 155 75.58 -27.58 23.11
N LYS F 156 75.44 -26.43 22.44
CA LYS F 156 75.66 -26.36 20.99
C LYS F 156 77.01 -26.95 20.59
N ASP F 157 78.03 -26.67 21.40
CA ASP F 157 79.41 -27.15 21.17
C ASP F 157 79.68 -28.57 21.64
N ILE F 158 78.93 -29.07 22.60
CA ILE F 158 79.14 -30.42 23.08
C ILE F 158 78.61 -31.46 22.10
N ALA F 159 77.49 -31.15 21.44
CA ALA F 159 76.79 -32.17 20.65
C ALA F 159 77.57 -32.82 19.47
N PRO F 160 78.22 -31.99 18.64
CA PRO F 160 78.99 -32.55 17.52
C PRO F 160 80.09 -33.50 18.00
N THR F 161 80.49 -33.33 19.25
CA THR F 161 81.57 -34.07 19.90
C THR F 161 81.20 -35.52 20.29
N LEU F 162 79.92 -35.75 20.49
CA LEU F 162 79.51 -37.02 21.01
C LEU F 162 79.42 -38.07 19.94
N ARG F 163 79.58 -39.30 20.38
CA ARG F 163 79.17 -40.47 19.62
C ARG F 163 78.16 -41.23 20.51
N LEU F 164 77.09 -41.76 19.89
CA LEU F 164 75.99 -42.41 20.60
C LEU F 164 75.67 -43.70 19.84
N TYR F 165 75.53 -44.81 20.55
CA TYR F 165 75.15 -46.08 19.92
C TYR F 165 74.00 -46.76 20.66
N VAL F 166 73.09 -47.42 19.93
CA VAL F 166 72.00 -48.20 20.53
C VAL F 166 72.04 -49.61 19.94
N GLY F 167 71.31 -50.57 20.50
CA GLY F 167 71.28 -51.94 20.00
C GLY F 167 72.65 -52.59 19.89
N LYS F 168 72.87 -53.26 18.76
CA LYS F 168 74.20 -53.72 18.36
C LYS F 168 74.95 -52.45 18.00
N LYS F 169 76.03 -52.50 17.27
CA LYS F 169 76.82 -51.27 17.26
C LYS F 169 76.20 -50.08 16.50
N GLN F 170 74.88 -50.11 16.26
CA GLN F 170 74.18 -49.03 15.56
C GLN F 170 74.49 -47.68 16.14
N GLU F 171 75.06 -46.81 15.33
CA GLU F 171 75.25 -45.44 15.74
C GLU F 171 74.02 -44.65 15.40
N VAL F 172 73.65 -43.71 16.25
CA VAL F 172 72.58 -42.78 15.92
C VAL F 172 73.17 -41.37 15.88
N GLU F 173 72.68 -40.56 14.95
CA GLU F 173 73.26 -39.26 14.71
C GLU F 173 72.48 -38.27 15.55
N ILE F 174 73.16 -37.57 16.44
CA ILE F 174 72.44 -36.69 17.34
C ILE F 174 72.34 -35.25 16.83
N GLU F 175 71.14 -34.67 16.93
CA GLU F 175 70.87 -33.30 16.51
C GLU F 175 71.21 -32.25 17.58
N LYS F 176 70.86 -32.53 18.82
CA LYS F 176 70.78 -31.47 19.81
C LYS F 176 70.96 -32.07 21.19
N VAL F 177 71.28 -31.23 22.15
CA VAL F 177 71.41 -31.67 23.54
C VAL F 177 70.83 -30.57 24.45
N ILE F 178 70.10 -30.95 25.49
CA ILE F 178 69.55 -29.96 26.41
C ILE F 178 69.92 -30.31 27.85
N PHE F 179 70.58 -29.40 28.55
CA PHE F 179 70.90 -29.63 29.98
C PHE F 179 69.67 -29.29 30.80
N HIS F 180 69.54 -29.89 31.97
CA HIS F 180 68.41 -29.58 32.84
C HIS F 180 68.64 -28.19 33.44
N PRO F 181 67.57 -27.42 33.62
CA PRO F 181 67.63 -26.05 34.17
C PRO F 181 68.30 -25.93 35.53
N ASP F 182 68.23 -26.94 36.39
CA ASP F 182 68.84 -26.76 37.70
C ASP F 182 70.19 -27.46 37.76
N ASN F 183 71.27 -26.70 37.60
CA ASN F 183 72.58 -27.28 37.34
C ASN F 183 73.04 -28.07 38.53
N SER F 184 72.78 -27.49 39.70
CA SER F 184 73.36 -27.93 40.96
C SER F 184 72.65 -29.12 41.58
N THR F 185 71.40 -29.33 41.18
CA THR F 185 70.50 -30.26 41.85
C THR F 185 70.12 -31.48 40.99
N VAL F 186 69.60 -31.22 39.81
CA VAL F 186 69.20 -32.32 38.94
C VAL F 186 70.27 -32.66 37.89
N ASP F 187 70.90 -33.83 38.00
CA ASP F 187 71.98 -34.15 37.07
C ASP F 187 71.35 -34.88 35.87
N ILE F 188 70.96 -34.12 34.86
CA ILE F 188 70.14 -34.66 33.78
C ILE F 188 70.34 -33.89 32.48
N GLY F 189 70.31 -34.58 31.35
CA GLY F 189 70.23 -33.91 30.07
C GLY F 189 69.38 -34.73 29.12
N LEU F 190 68.91 -34.10 28.04
CA LEU F 190 68.15 -34.81 27.03
C LEU F 190 68.92 -34.84 25.72
N ILE F 191 68.85 -35.95 25.00
CA ILE F 191 69.56 -36.05 23.72
C ILE F 191 68.54 -36.29 22.63
N LYS F 192 68.48 -35.37 21.67
CA LYS F 192 67.54 -35.50 20.55
C LYS F 192 68.30 -35.99 19.33
N LEU F 193 67.86 -37.12 18.78
CA LEU F 193 68.45 -37.66 17.55
C LEU F 193 67.98 -36.85 16.33
N LYS F 194 68.74 -36.92 15.25
CA LYS F 194 68.41 -36.12 14.06
C LYS F 194 67.10 -36.64 13.51
N GLN F 195 66.95 -37.96 13.55
CA GLN F 195 65.71 -38.61 13.13
C GLN F 195 65.38 -39.79 14.02
N LYS F 196 64.12 -40.24 13.94
CA LYS F 196 63.64 -41.36 14.74
C LYS F 196 64.44 -42.63 14.46
N VAL F 197 64.75 -43.40 15.52
CA VAL F 197 65.36 -44.73 15.36
C VAL F 197 64.32 -45.74 14.94
N PRO F 198 64.65 -46.54 13.92
CA PRO F 198 63.79 -47.70 13.72
C PRO F 198 63.84 -48.61 14.93
N VAL F 199 62.66 -48.99 15.42
CA VAL F 199 62.51 -49.85 16.58
C VAL F 199 62.31 -51.33 16.20
N ASN F 200 62.97 -52.24 16.93
CA ASN F 200 63.02 -53.67 16.64
C ASN F 200 63.30 -54.45 17.92
N GLU F 201 63.67 -55.72 17.81
CA GLU F 201 64.13 -56.49 18.96
C GLU F 201 65.22 -55.78 19.75
N ARG F 202 66.16 -55.20 19.02
CA ARG F 202 67.37 -54.64 19.60
C ARG F 202 67.20 -53.25 20.18
N VAL F 203 66.51 -52.41 19.43
CA VAL F 203 66.34 -51.01 19.83
C VAL F 203 64.88 -50.72 20.11
N MET F 204 64.61 -50.17 21.29
CA MET F 204 63.24 -49.76 21.63
C MET F 204 63.18 -49.04 22.97
N PRO F 205 62.38 -47.96 23.05
CA PRO F 205 62.41 -47.08 24.22
C PRO F 205 61.81 -47.72 25.45
N ILE F 206 62.26 -47.28 26.63
CA ILE F 206 61.63 -47.72 27.87
C ILE F 206 60.37 -46.86 28.12
N CYS F 207 59.58 -47.15 29.15
CA CYS F 207 58.43 -46.29 29.44
C CYS F 207 58.75 -45.36 30.57
N LEU F 208 58.19 -44.15 30.48
CA LEU F 208 58.25 -43.22 31.61
C LEU F 208 57.16 -43.63 32.60
N PRO F 209 57.41 -43.49 33.90
CA PRO F 209 56.47 -44.02 34.89
C PRO F 209 55.20 -43.17 34.98
N SER F 210 54.06 -43.78 35.24
CA SER F 210 52.85 -43.02 35.54
C SER F 210 52.71 -42.86 37.05
N LYS F 211 53.53 -43.59 37.80
CA LYS F 211 53.47 -43.55 39.25
C LYS F 211 54.85 -43.61 39.89
N ASP F 212 54.90 -43.50 41.21
CA ASP F 212 56.18 -43.52 41.91
C ASP F 212 56.48 -44.95 42.34
N TYR F 213 57.45 -45.56 41.66
CA TYR F 213 57.86 -46.93 41.99
C TYR F 213 58.89 -46.99 43.12
N VAL F 214 59.45 -45.85 43.50
CA VAL F 214 60.58 -45.96 44.41
C VAL F 214 60.19 -45.91 45.89
N ASN F 215 60.31 -47.10 46.48
CA ASN F 215 60.04 -47.39 47.87
C ASN F 215 61.14 -48.36 48.24
N VAL F 216 61.60 -48.32 49.49
CA VAL F 216 62.77 -49.12 49.78
C VAL F 216 62.47 -50.63 49.75
N GLY F 217 63.42 -51.36 49.14
CA GLY F 217 63.36 -52.80 49.03
C GLY F 217 63.01 -53.29 47.63
N LEU F 218 62.36 -52.43 46.85
CA LEU F 218 62.09 -52.74 45.46
C LEU F 218 63.40 -52.90 44.71
N VAL F 219 63.49 -53.98 43.93
CA VAL F 219 64.72 -54.29 43.19
C VAL F 219 64.52 -53.89 41.75
N GLY F 220 65.31 -52.92 41.30
CA GLY F 220 65.28 -52.53 39.90
C GLY F 220 66.41 -53.19 39.13
N TYR F 221 66.36 -53.06 37.81
CA TYR F 221 67.40 -53.60 36.95
C TYR F 221 68.19 -52.46 36.37
N VAL F 222 69.50 -52.50 36.55
CA VAL F 222 70.38 -51.47 36.00
C VAL F 222 71.35 -52.11 35.03
N SER F 223 71.22 -51.74 33.76
CA SER F 223 72.10 -52.27 32.73
C SER F 223 73.14 -51.21 32.47
N GLY F 224 74.36 -51.59 32.15
CA GLY F 224 75.35 -50.54 31.96
C GLY F 224 76.65 -50.85 31.24
N TRP F 225 77.20 -49.80 30.63
CA TRP F 225 78.35 -49.95 29.77
C TRP F 225 79.64 -49.62 30.50
N GLY F 226 79.52 -49.27 31.78
CA GLY F 226 80.59 -48.69 32.55
C GLY F 226 81.58 -49.74 32.93
N ARG F 227 82.58 -49.33 33.74
CA ARG F 227 83.73 -50.14 34.14
C ARG F 227 83.36 -51.31 35.04
N ASN F 228 84.08 -52.42 34.85
CA ASN F 228 83.93 -53.63 35.67
C ASN F 228 84.97 -53.87 36.80
N ALA F 229 84.98 -55.08 37.36
CA ALA F 229 85.84 -55.42 38.48
C ALA F 229 87.34 -55.30 38.16
N ASN F 230 87.66 -55.23 36.87
CA ASN F 230 89.04 -55.04 36.42
C ASN F 230 89.38 -53.57 36.12
N LEU F 231 88.41 -52.71 36.44
CA LEU F 231 88.39 -51.26 36.22
C LEU F 231 88.49 -50.90 34.75
N ASN F 232 88.05 -51.84 33.89
CA ASN F 232 88.06 -51.68 32.46
C ASN F 232 86.63 -51.49 31.98
N PHE F 233 86.39 -50.63 30.99
CA PHE F 233 85.04 -50.53 30.42
C PHE F 233 84.65 -51.89 29.94
N THR F 234 83.46 -52.33 30.33
CA THR F 234 82.95 -53.64 29.94
C THR F 234 82.81 -53.74 28.43
N GLU F 235 83.22 -54.89 27.90
CA GLU F 235 83.17 -55.13 26.47
C GLU F 235 81.77 -55.59 26.06
N HIS F 236 81.12 -56.38 26.90
CA HIS F 236 79.70 -56.72 26.71
C HIS F 236 78.76 -56.06 27.74
N LEU F 237 77.56 -55.68 27.29
CA LEU F 237 76.58 -55.04 28.17
C LEU F 237 76.14 -56.00 29.27
N LYS F 238 76.09 -55.51 30.50
CA LYS F 238 75.70 -56.33 31.65
C LYS F 238 74.58 -55.65 32.45
N TYR F 239 73.96 -56.39 33.36
CA TYR F 239 72.98 -55.80 34.25
C TYR F 239 73.11 -56.26 35.72
N VAL F 240 72.83 -55.37 36.67
CA VAL F 240 72.73 -55.78 38.07
C VAL F 240 71.32 -55.58 38.59
N MET F 241 70.97 -56.31 39.65
CA MET F 241 69.70 -56.08 40.34
C MET F 241 69.93 -55.45 41.68
N LEU F 242 69.48 -54.20 41.82
CA LEU F 242 69.76 -53.44 43.02
C LEU F 242 68.48 -53.05 43.76
N PRO F 243 68.47 -53.16 45.10
CA PRO F 243 67.35 -52.71 45.94
C PRO F 243 67.38 -51.19 46.16
N VAL F 244 66.23 -50.53 46.21
CA VAL F 244 66.29 -49.11 46.58
C VAL F 244 66.49 -49.02 48.10
N ALA F 245 67.23 -47.99 48.52
CA ALA F 245 67.66 -47.86 49.91
C ALA F 245 67.00 -46.69 50.59
N ASP F 246 66.95 -46.74 51.92
CA ASP F 246 66.40 -45.69 52.76
C ASP F 246 67.06 -44.36 52.45
N GLN F 247 66.29 -43.31 52.17
CA GLN F 247 66.87 -42.05 51.73
C GLN F 247 67.57 -41.34 52.85
N GLU F 248 67.05 -41.52 54.05
CA GLU F 248 67.61 -40.94 55.25
C GLU F 248 68.95 -41.57 55.61
N LYS F 249 69.06 -42.90 55.54
CA LYS F 249 70.31 -43.62 55.80
C LYS F 249 71.40 -43.23 54.83
N CYS F 250 70.97 -43.00 53.58
CA CYS F 250 71.82 -42.61 52.49
C CYS F 250 72.44 -41.23 52.73
N VAL F 251 71.61 -40.25 53.03
CA VAL F 251 72.07 -38.90 53.38
C VAL F 251 73.00 -38.86 54.62
N GLN F 252 72.70 -39.66 55.63
CA GLN F 252 73.58 -39.76 56.78
C GLN F 252 74.93 -40.35 56.38
N TYR F 253 74.91 -41.20 55.35
CA TYR F 253 76.11 -41.89 54.88
C TYR F 253 77.03 -40.94 54.11
N TYR F 254 76.46 -40.21 53.17
CA TYR F 254 77.25 -39.28 52.37
C TYR F 254 77.50 -37.91 53.01
N GLU F 255 76.57 -37.45 53.86
CA GLU F 255 76.63 -36.12 54.48
C GLU F 255 76.58 -36.24 56.02
N GLY F 256 76.49 -35.15 56.75
CA GLY F 256 76.55 -35.31 58.20
C GLY F 256 75.59 -36.25 58.94
N SER F 257 74.28 -36.02 58.87
CA SER F 257 73.75 -34.83 58.23
C SER F 257 72.61 -34.06 58.85
N THR F 258 71.38 -34.62 58.74
CA THR F 258 70.25 -33.96 58.02
C THR F 258 70.10 -32.45 58.11
N VAL F 259 70.52 -31.86 59.24
CA VAL F 259 70.64 -30.40 59.35
C VAL F 259 71.82 -29.86 58.52
N PRO F 260 71.52 -29.01 57.51
CA PRO F 260 72.48 -28.55 56.50
C PRO F 260 73.79 -28.02 57.06
N GLU F 261 73.75 -27.19 58.08
CA GLU F 261 74.99 -26.58 58.57
C GLU F 261 75.92 -27.57 59.25
N LYS F 262 75.43 -28.77 59.55
CA LYS F 262 76.29 -29.81 60.13
C LYS F 262 76.82 -30.82 59.11
N LYS F 263 76.34 -30.72 57.86
CA LYS F 263 76.76 -31.65 56.81
C LYS F 263 78.26 -31.57 56.55
N THR F 264 78.89 -32.72 56.42
CA THR F 264 80.29 -32.77 56.03
C THR F 264 80.36 -33.75 54.90
N PRO F 265 81.40 -33.67 54.07
CA PRO F 265 81.60 -34.62 52.96
C PRO F 265 82.13 -35.97 53.40
N LYS F 266 81.25 -36.88 53.80
CA LYS F 266 81.65 -38.17 54.32
C LYS F 266 81.78 -39.29 53.28
N SER F 267 81.68 -38.95 51.99
CA SER F 267 81.77 -39.96 50.94
C SER F 267 83.06 -40.76 50.97
N PRO F 268 82.94 -42.08 51.05
CA PRO F 268 84.08 -43.00 51.11
C PRO F 268 84.91 -43.07 49.84
N VAL F 269 84.39 -42.62 48.71
CA VAL F 269 85.21 -42.48 47.51
C VAL F 269 85.63 -41.02 47.49
N GLY F 270 86.43 -40.59 46.55
CA GLY F 270 86.83 -39.19 46.67
C GLY F 270 85.72 -38.13 46.67
N VAL F 271 84.62 -38.39 45.96
CA VAL F 271 83.70 -37.36 45.49
C VAL F 271 82.27 -37.49 46.06
N GLN F 272 81.54 -36.37 46.10
CA GLN F 272 80.21 -36.36 46.70
C GLN F 272 79.07 -36.53 45.69
N PRO F 273 78.09 -37.41 45.99
CA PRO F 273 76.87 -37.51 45.18
C PRO F 273 76.08 -36.20 45.24
N ILE F 274 75.26 -35.94 44.23
CA ILE F 274 74.22 -34.91 44.37
C ILE F 274 72.97 -35.56 44.99
N LEU F 275 72.59 -35.09 46.18
CA LEU F 275 71.54 -35.74 46.96
C LEU F 275 70.47 -34.76 47.42
N ASN F 276 69.25 -34.96 46.94
CA ASN F 276 68.15 -34.11 47.34
C ASN F 276 66.84 -34.84 47.16
N GLU F 277 65.74 -34.09 47.21
CA GLU F 277 64.40 -34.63 47.08
C GLU F 277 64.22 -35.30 45.75
N HIS F 278 65.02 -34.87 44.77
CA HIS F 278 64.89 -35.33 43.39
C HIS F 278 65.72 -36.56 43.06
N THR F 279 66.36 -37.11 44.08
CA THR F 279 67.18 -38.31 43.93
C THR F 279 66.72 -39.45 44.86
N PHE F 280 67.17 -40.66 44.54
CA PHE F 280 66.99 -41.77 45.45
C PHE F 280 68.25 -42.66 45.43
N CYS F 281 68.36 -43.60 46.36
CA CYS F 281 69.56 -44.39 46.43
C CYS F 281 69.26 -45.84 46.28
N ALA F 282 70.23 -46.58 45.74
CA ALA F 282 70.14 -48.04 45.70
C ALA F 282 71.34 -48.63 46.43
N GLY F 283 71.17 -49.82 47.01
CA GLY F 283 72.27 -50.54 47.66
C GLY F 283 73.07 -51.41 46.70
N LEU F 284 73.82 -52.38 47.24
CA LEU F 284 74.54 -53.31 46.37
C LEU F 284 73.63 -54.51 46.11
N SER F 285 74.03 -55.41 45.23
CA SER F 285 73.21 -56.61 44.99
C SER F 285 73.39 -57.68 46.08
N LYS F 286 72.62 -58.75 46.01
CA LYS F 286 72.76 -59.84 46.96
C LYS F 286 74.18 -60.33 46.92
N TYR F 287 74.78 -60.27 45.75
CA TYR F 287 76.13 -60.76 45.51
C TYR F 287 77.21 -59.70 45.61
N GLN F 288 76.87 -58.54 46.16
CA GLN F 288 77.84 -57.48 46.42
C GLN F 288 78.37 -56.83 45.16
N GLU F 289 77.54 -56.77 44.14
CA GLU F 289 77.87 -56.17 42.85
C GLU F 289 77.47 -54.72 42.88
N ASP F 290 78.22 -53.90 42.16
CA ASP F 290 77.85 -52.52 42.09
C ASP F 290 78.07 -51.98 40.74
N THR F 291 77.77 -50.70 40.67
CA THR F 291 77.75 -49.86 39.53
C THR F 291 79.08 -49.07 39.58
N CYS F 292 79.64 -48.73 38.43
CA CYS F 292 80.95 -48.04 38.43
C CYS F 292 81.06 -47.07 37.27
N TYR F 293 82.26 -46.54 37.05
CA TYR F 293 82.45 -45.41 36.15
C TYR F 293 81.89 -45.72 34.78
N GLY F 294 80.98 -44.88 34.30
CA GLY F 294 80.44 -45.06 32.96
C GLY F 294 79.04 -45.61 33.02
N ASP F 295 78.58 -46.03 34.20
CA ASP F 295 77.23 -46.56 34.31
C ASP F 295 76.17 -45.47 34.44
N ALA F 296 76.58 -44.24 34.73
CA ALA F 296 75.62 -43.14 34.89
C ALA F 296 74.91 -42.90 33.57
N GLY F 297 73.63 -42.54 33.65
CA GLY F 297 72.86 -42.29 32.45
C GLY F 297 71.99 -43.49 32.12
N SER F 298 72.35 -44.64 32.68
CA SER F 298 71.52 -45.84 32.55
C SER F 298 70.28 -45.77 33.46
N ALA F 299 69.26 -46.51 33.08
CA ALA F 299 68.03 -46.47 33.87
C ALA F 299 68.07 -47.43 35.05
N PHE F 300 67.39 -47.03 36.11
CA PHE F 300 67.02 -47.97 37.14
C PHE F 300 65.65 -48.39 36.63
N ALA F 301 65.60 -49.61 36.11
CA ALA F 301 64.47 -50.04 35.31
C ALA F 301 63.60 -50.95 36.15
N VAL F 302 62.36 -50.54 36.40
CA VAL F 302 61.47 -51.47 37.11
C VAL F 302 60.47 -52.14 36.18
N HIS F 303 60.16 -53.40 36.48
CA HIS F 303 59.24 -54.19 35.69
C HIS F 303 57.91 -54.22 36.45
N ASP F 304 56.90 -53.52 35.93
CA ASP F 304 55.59 -53.50 36.58
C ASP F 304 54.83 -54.78 36.22
N LYS F 305 54.50 -55.58 37.24
CA LYS F 305 53.86 -56.86 37.01
C LYS F 305 52.41 -56.73 36.57
N ASP F 306 51.80 -55.59 36.86
CA ASP F 306 50.43 -55.34 36.43
C ASP F 306 50.35 -55.03 34.94
N ASP F 307 51.30 -54.24 34.47
CA ASP F 307 51.42 -53.81 33.08
C ASP F 307 52.06 -54.85 32.21
N ASP F 308 52.82 -55.72 32.86
CA ASP F 308 53.94 -56.41 32.21
C ASP F 308 54.75 -55.45 31.36
N THR F 309 55.00 -54.24 31.86
CA THR F 309 55.81 -53.30 31.08
C THR F 309 57.00 -52.76 31.90
N TRP F 310 57.99 -52.24 31.19
CA TRP F 310 59.23 -51.81 31.81
C TRP F 310 59.32 -50.29 31.86
N TYR F 311 59.43 -49.77 33.08
CA TYR F 311 59.47 -48.34 33.33
C TYR F 311 60.83 -47.87 33.82
N ALA F 312 61.21 -46.65 33.44
CA ALA F 312 62.41 -46.08 34.00
C ALA F 312 62.06 -45.31 35.29
N ALA F 313 62.37 -45.89 36.44
CA ALA F 313 62.08 -45.23 37.69
C ALA F 313 63.17 -44.21 38.01
N GLY F 314 64.38 -44.44 37.52
CA GLY F 314 65.46 -43.52 37.80
C GLY F 314 66.52 -43.51 36.73
N ILE F 315 67.34 -42.47 36.73
CA ILE F 315 68.56 -42.44 35.92
C ILE F 315 69.78 -42.36 36.86
N LEU F 316 70.72 -43.30 36.72
CA LEU F 316 71.92 -43.31 37.54
C LEU F 316 72.68 -42.01 37.41
N SER F 317 72.95 -41.37 38.54
CA SER F 317 73.67 -40.12 38.57
C SER F 317 75.09 -40.36 39.08
N PHE F 318 75.18 -40.89 40.29
CA PHE F 318 76.48 -41.12 40.93
C PHE F 318 76.94 -42.54 40.65
N ASP F 319 77.88 -42.68 39.73
CA ASP F 319 78.39 -43.99 39.35
C ASP F 319 79.75 -44.27 39.96
N LYS F 320 80.18 -43.40 40.88
CA LYS F 320 81.48 -43.56 41.50
C LYS F 320 81.46 -44.55 42.66
N SER F 321 80.30 -45.11 43.00
CA SER F 321 80.22 -45.99 44.17
C SER F 321 81.26 -47.11 44.10
N CYS F 322 81.41 -47.68 42.91
CA CYS F 322 82.25 -48.88 42.68
C CYS F 322 81.99 -49.91 43.76
N ARG F 323 82.91 -50.68 44.28
CA ARG F 323 82.32 -51.43 45.42
C ARG F 323 82.62 -50.74 46.75
N THR F 324 83.17 -49.54 46.63
CA THR F 324 83.78 -48.83 47.71
C THR F 324 82.74 -48.16 48.62
N ALA F 325 81.66 -47.66 48.03
CA ALA F 325 80.62 -46.97 48.80
C ALA F 325 79.37 -47.82 48.71
N GLU F 326 78.47 -47.69 49.68
CA GLU F 326 77.32 -48.57 49.80
C GLU F 326 76.15 -48.25 48.88
N TYR F 327 76.10 -47.03 48.38
CA TYR F 327 74.92 -46.54 47.66
C TYR F 327 75.22 -45.82 46.35
N GLY F 328 74.50 -46.18 45.31
CA GLY F 328 74.52 -45.38 44.11
C GLY F 328 73.35 -44.42 44.22
N VAL F 329 73.43 -43.29 43.51
CA VAL F 329 72.39 -42.27 43.60
C VAL F 329 71.75 -42.00 42.24
N TYR F 330 70.43 -42.06 42.17
CA TYR F 330 69.70 -41.95 40.90
C TYR F 330 68.82 -40.74 40.98
N VAL F 331 68.71 -39.97 39.90
CA VAL F 331 67.69 -38.90 39.88
C VAL F 331 66.36 -39.56 39.57
N ARG F 332 65.32 -39.21 40.31
CA ARG F 332 64.05 -39.87 40.10
C ARG F 332 63.26 -39.30 38.92
N VAL F 333 62.86 -40.19 38.02
CA VAL F 333 62.23 -39.80 36.77
C VAL F 333 60.93 -39.03 37.03
N THR F 334 60.22 -39.32 38.12
CA THR F 334 59.02 -38.55 38.47
C THR F 334 59.30 -37.05 38.51
N SER F 335 60.40 -36.66 39.16
CA SER F 335 60.78 -35.27 39.28
C SER F 335 61.05 -34.57 37.95
N ILE F 336 61.56 -35.31 36.97
CA ILE F 336 61.86 -34.68 35.69
C ILE F 336 60.79 -34.88 34.63
N LEU F 337 59.68 -35.53 34.98
CA LEU F 337 58.64 -35.89 34.00
C LEU F 337 58.03 -34.71 33.26
N ASP F 338 57.62 -33.72 34.04
CA ASP F 338 57.05 -32.51 33.51
C ASP F 338 57.98 -31.91 32.50
N TRP F 339 59.22 -31.70 32.94
CA TRP F 339 60.25 -31.07 32.14
C TRP F 339 60.51 -31.81 30.82
N ILE F 340 60.49 -33.13 30.89
CA ILE F 340 60.73 -33.97 29.72
C ILE F 340 59.66 -33.76 28.62
N GLN F 341 58.39 -33.80 29.00
CA GLN F 341 57.32 -33.64 28.03
C GLN F 341 57.33 -32.23 27.50
N THR F 342 57.56 -31.29 28.41
CA THR F 342 57.65 -29.87 28.09
C THR F 342 58.77 -29.59 27.08
N THR F 343 59.94 -30.21 27.28
CA THR F 343 61.10 -29.98 26.45
C THR F 343 60.93 -30.59 25.07
N ILE F 344 60.44 -31.83 25.03
CA ILE F 344 60.18 -32.51 23.77
C ILE F 344 59.16 -31.73 22.93
N ALA F 345 58.26 -31.00 23.59
CA ALA F 345 57.27 -30.15 22.90
C ALA F 345 57.91 -29.12 21.96
N ASP F 346 59.21 -28.87 22.13
CA ASP F 346 60.01 -28.00 21.26
C ASP F 346 61.37 -28.62 20.89
N VAL G 1 -37.96 0.57 -49.43
CA VAL G 1 -38.69 1.02 -50.60
C VAL G 1 -38.46 0.05 -51.75
N LEU G 2 -38.08 -1.18 -51.46
CA LEU G 2 -37.99 -2.20 -52.54
C LEU G 2 -36.97 -1.91 -53.64
N SER G 3 -35.71 -2.21 -53.35
CA SER G 3 -34.63 -2.11 -54.32
C SER G 3 -34.74 -3.19 -55.38
N ALA G 4 -33.86 -3.13 -56.38
CA ALA G 4 -33.83 -4.17 -57.40
C ALA G 4 -33.55 -5.54 -56.75
N ALA G 5 -32.64 -5.54 -55.77
CA ALA G 5 -32.26 -6.76 -55.07
C ALA G 5 -33.45 -7.25 -54.26
N ASP G 6 -34.14 -6.32 -53.61
CA ASP G 6 -35.34 -6.65 -52.85
C ASP G 6 -36.33 -7.36 -53.75
N LYS G 7 -36.57 -6.74 -54.89
CA LYS G 7 -37.59 -7.20 -55.81
C LYS G 7 -37.22 -8.58 -56.27
N ALA G 8 -35.94 -8.79 -56.59
CA ALA G 8 -35.43 -10.11 -56.97
C ALA G 8 -35.79 -11.16 -55.92
N ASN G 9 -35.44 -10.88 -54.66
CA ASN G 9 -35.75 -11.75 -53.54
C ASN G 9 -37.23 -12.08 -53.41
N VAL G 10 -38.08 -11.07 -53.50
CA VAL G 10 -39.53 -11.24 -53.35
C VAL G 10 -40.03 -12.12 -54.48
N LYS G 11 -39.64 -11.81 -55.73
CA LYS G 11 -40.14 -12.55 -56.90
C LYS G 11 -39.71 -13.99 -56.73
N ALA G 12 -38.48 -14.17 -56.27
CA ALA G 12 -37.86 -15.49 -56.12
C ALA G 12 -38.55 -16.29 -55.05
N ALA G 13 -38.83 -15.64 -53.93
CA ALA G 13 -39.44 -16.31 -52.78
C ALA G 13 -40.91 -16.67 -53.02
N TRP G 14 -41.67 -15.75 -53.61
CA TRP G 14 -43.04 -16.04 -53.91
C TRP G 14 -43.16 -17.11 -55.03
N GLY G 15 -42.27 -17.07 -56.03
CA GLY G 15 -42.31 -18.07 -57.08
C GLY G 15 -42.09 -19.47 -56.53
N LYS G 16 -41.29 -19.53 -55.48
CA LYS G 16 -40.95 -20.75 -54.77
C LYS G 16 -42.14 -21.32 -53.99
N VAL G 17 -43.04 -20.44 -53.55
CA VAL G 17 -44.33 -20.84 -52.97
C VAL G 17 -45.19 -21.62 -53.97
N GLY G 18 -45.36 -21.06 -55.18
CA GLY G 18 -46.04 -21.76 -56.25
C GLY G 18 -47.48 -22.08 -55.96
N GLY G 19 -47.86 -23.33 -56.21
CA GLY G 19 -49.22 -23.78 -56.06
C GLY G 19 -49.74 -23.68 -54.63
N GLN G 20 -48.84 -23.46 -53.68
CA GLN G 20 -49.22 -23.42 -52.28
C GLN G 20 -49.80 -22.08 -51.85
N ALA G 21 -49.88 -21.12 -52.75
CA ALA G 21 -50.21 -19.75 -52.39
C ALA G 21 -51.55 -19.62 -51.69
N GLY G 22 -52.60 -20.10 -52.32
CA GLY G 22 -53.93 -20.02 -51.73
C GLY G 22 -53.96 -20.68 -50.35
N ALA G 23 -53.24 -21.78 -50.21
CA ALA G 23 -53.15 -22.49 -48.95
C ALA G 23 -52.36 -21.68 -47.93
N HIS G 24 -51.23 -21.07 -48.33
CA HIS G 24 -50.49 -20.18 -47.43
C HIS G 24 -51.35 -18.98 -47.05
N GLY G 25 -52.21 -18.53 -47.96
CA GLY G 25 -53.11 -17.41 -47.71
C GLY G 25 -54.10 -17.73 -46.61
N ALA G 26 -54.74 -18.89 -46.73
CA ALA G 26 -55.64 -19.36 -45.70
C ALA G 26 -54.97 -19.64 -44.33
N GLU G 27 -53.74 -20.15 -44.33
CA GLU G 27 -53.04 -20.42 -43.08
C GLU G 27 -52.68 -19.14 -42.36
N ALA G 28 -52.29 -18.12 -43.13
CA ALA G 28 -51.93 -16.86 -42.53
C ALA G 28 -53.17 -16.26 -41.89
N LEU G 29 -54.32 -16.36 -42.55
CA LEU G 29 -55.57 -15.88 -41.96
C LEU G 29 -55.92 -16.60 -40.64
N GLU G 30 -55.85 -17.92 -40.63
CA GLU G 30 -56.11 -18.65 -39.40
C GLU G 30 -55.14 -18.27 -38.28
N ARG G 31 -53.87 -18.03 -38.63
CA ARG G 31 -52.89 -17.69 -37.62
C ARG G 31 -53.24 -16.34 -36.99
N MET G 32 -53.66 -15.41 -37.84
CA MET G 32 -54.02 -14.07 -37.42
C MET G 32 -55.24 -14.10 -36.51
N PHE G 33 -56.32 -14.76 -36.95
CA PHE G 33 -57.55 -14.86 -36.16
C PHE G 33 -57.30 -15.52 -34.80
N LEU G 34 -56.39 -16.49 -34.77
CA LEU G 34 -56.07 -17.14 -33.51
C LEU G 34 -55.10 -16.33 -32.69
N GLY G 35 -54.02 -15.86 -33.32
CA GLY G 35 -52.99 -15.11 -32.60
C GLY G 35 -53.43 -13.73 -32.10
N PHE G 36 -54.28 -13.06 -32.89
CA PHE G 36 -54.72 -11.70 -32.62
C PHE G 36 -56.23 -11.62 -32.81
N PRO G 37 -56.97 -12.16 -31.86
CA PRO G 37 -58.41 -12.42 -31.93
C PRO G 37 -59.21 -11.19 -32.24
N THR G 38 -58.62 -10.02 -32.04
CA THR G 38 -59.32 -8.76 -32.33
C THR G 38 -59.62 -8.60 -33.82
N THR G 39 -58.71 -9.11 -34.65
CA THR G 39 -58.86 -9.02 -36.09
C THR G 39 -60.14 -9.70 -36.57
N LYS G 40 -60.67 -10.61 -35.75
CA LYS G 40 -61.91 -11.32 -36.06
C LYS G 40 -63.08 -10.35 -36.24
N THR G 41 -62.94 -9.16 -35.65
CA THR G 41 -63.95 -8.11 -35.70
C THR G 41 -64.45 -7.75 -37.09
N TYR G 42 -63.55 -7.83 -38.06
CA TYR G 42 -63.85 -7.37 -39.40
C TYR G 42 -64.56 -8.43 -40.19
N PHE G 43 -64.68 -9.62 -39.60
CA PHE G 43 -65.27 -10.75 -40.31
C PHE G 43 -66.46 -11.37 -39.55
N PRO G 44 -67.48 -10.56 -39.21
CA PRO G 44 -68.55 -11.10 -38.38
C PRO G 44 -69.41 -12.06 -39.18
N HIS G 45 -69.38 -11.90 -40.51
CA HIS G 45 -70.22 -12.65 -41.43
C HIS G 45 -69.55 -13.95 -41.86
N PHE G 46 -68.39 -14.21 -41.29
CA PHE G 46 -67.60 -15.38 -41.65
C PHE G 46 -67.73 -16.46 -40.60
N ASN G 47 -67.74 -17.71 -41.05
CA ASN G 47 -67.52 -18.82 -40.16
C ASN G 47 -66.01 -18.82 -40.00
N LEU G 48 -65.52 -18.55 -38.79
CA LEU G 48 -64.08 -18.52 -38.59
C LEU G 48 -63.53 -19.80 -37.95
N SER G 49 -64.40 -20.76 -37.69
CA SER G 49 -63.98 -22.01 -37.05
C SER G 49 -62.94 -22.72 -37.92
N HIS G 50 -62.15 -23.59 -37.30
CA HIS G 50 -61.09 -24.27 -38.05
C HIS G 50 -61.64 -25.06 -39.23
N GLY G 51 -60.96 -24.89 -40.36
CA GLY G 51 -61.28 -25.63 -41.57
C GLY G 51 -62.39 -25.02 -42.39
N SER G 52 -62.84 -23.86 -41.93
CA SER G 52 -63.93 -23.14 -42.58
C SER G 52 -63.51 -22.88 -44.01
N ASP G 53 -64.34 -23.25 -44.97
CA ASP G 53 -63.94 -23.05 -46.36
C ASP G 53 -64.36 -21.67 -46.87
N GLN G 54 -65.06 -20.95 -46.03
CA GLN G 54 -65.21 -19.50 -46.22
C GLN G 54 -63.90 -18.69 -46.00
N VAL G 55 -63.10 -19.10 -45.02
CA VAL G 55 -61.75 -18.55 -44.91
C VAL G 55 -60.77 -19.22 -45.88
N LYS G 56 -60.98 -20.51 -46.19
CA LYS G 56 -60.13 -21.17 -47.18
C LYS G 56 -60.19 -20.40 -48.50
N ALA G 57 -61.41 -20.01 -48.85
CA ALA G 57 -61.71 -19.18 -50.01
C ALA G 57 -61.09 -17.76 -49.90
N HIS G 58 -61.33 -17.07 -48.78
CA HIS G 58 -60.81 -15.73 -48.62
C HIS G 58 -59.30 -15.74 -48.72
N GLY G 59 -58.67 -16.78 -48.22
CA GLY G 59 -57.22 -16.86 -48.23
C GLY G 59 -56.70 -16.93 -49.64
N GLN G 60 -57.49 -17.55 -50.53
CA GLN G 60 -57.12 -17.64 -51.93
C GLN G 60 -57.13 -16.24 -52.58
N LYS G 61 -58.16 -15.44 -52.29
CA LYS G 61 -58.25 -14.07 -52.80
C LYS G 61 -57.06 -13.22 -52.35
N VAL G 62 -56.69 -13.39 -51.09
CA VAL G 62 -55.56 -12.67 -50.52
C VAL G 62 -54.25 -13.11 -51.18
N ALA G 63 -54.11 -14.41 -51.39
CA ALA G 63 -52.92 -14.94 -52.03
C ALA G 63 -52.86 -14.41 -53.47
N ASP G 64 -54.01 -14.34 -54.11
CA ASP G 64 -54.02 -13.85 -55.48
C ASP G 64 -53.60 -12.39 -55.57
N ALA G 65 -54.14 -11.55 -54.68
CA ALA G 65 -53.80 -10.13 -54.65
C ALA G 65 -52.29 -9.94 -54.50
N LEU G 66 -51.70 -10.72 -53.58
CA LEU G 66 -50.25 -10.82 -53.42
C LEU G 66 -49.52 -11.30 -54.69
N THR G 67 -49.99 -12.36 -55.33
CA THR G 67 -49.34 -12.81 -56.54
C THR G 67 -49.38 -11.68 -57.57
N LYS G 68 -50.49 -10.95 -57.63
CA LYS G 68 -50.60 -9.83 -58.56
C LYS G 68 -49.60 -8.74 -58.22
N ALA G 69 -49.49 -8.44 -56.93
CA ALA G 69 -48.50 -7.50 -56.46
C ALA G 69 -47.09 -7.93 -56.86
N VAL G 70 -46.72 -9.19 -56.64
CA VAL G 70 -45.37 -9.65 -56.96
C VAL G 70 -45.05 -9.53 -58.46
N GLY G 71 -46.06 -9.65 -59.31
CA GLY G 71 -45.86 -9.45 -60.73
C GLY G 71 -45.72 -7.98 -61.06
N HIS G 72 -46.32 -7.14 -60.24
CA HIS G 72 -46.34 -5.69 -60.43
C HIS G 72 -45.41 -4.79 -59.61
N LEU G 73 -44.36 -5.33 -59.01
CA LEU G 73 -43.61 -4.61 -57.97
C LEU G 73 -43.17 -3.17 -58.26
N ASP G 74 -43.07 -2.80 -59.53
CA ASP G 74 -42.72 -1.43 -59.87
C ASP G 74 -43.89 -0.47 -59.74
N ASP G 75 -45.11 -0.98 -59.67
CA ASP G 75 -46.26 -0.15 -59.36
C ASP G 75 -47.17 -0.91 -58.41
N LEU G 76 -47.02 -0.68 -57.11
CA LEU G 76 -47.98 -1.25 -56.17
C LEU G 76 -49.34 -0.58 -56.13
N PRO G 77 -49.37 0.74 -56.15
CA PRO G 77 -50.70 1.32 -56.04
C PRO G 77 -51.61 0.86 -57.18
N GLY G 78 -51.04 0.74 -58.38
CA GLY G 78 -51.77 0.28 -59.54
C GLY G 78 -52.24 -1.14 -59.44
N ALA G 79 -51.35 -2.07 -59.07
CA ALA G 79 -51.74 -3.47 -58.87
C ALA G 79 -52.90 -3.64 -57.87
N LEU G 80 -52.74 -3.02 -56.70
CA LEU G 80 -53.65 -3.14 -55.57
C LEU G 80 -54.85 -2.20 -55.67
N SER G 81 -54.99 -1.51 -56.79
CA SER G 81 -55.85 -0.33 -56.93
C SER G 81 -57.19 -0.40 -56.25
N ALA G 82 -57.99 -1.39 -56.62
CA ALA G 82 -59.35 -1.48 -56.09
C ALA G 82 -59.37 -1.74 -54.59
N LEU G 83 -58.36 -2.47 -54.12
CA LEU G 83 -58.30 -2.92 -52.73
C LEU G 83 -57.99 -1.82 -51.71
N SER G 84 -57.43 -0.71 -52.20
CA SER G 84 -57.11 0.42 -51.32
C SER G 84 -58.38 1.06 -50.81
N ASP G 85 -59.27 1.45 -51.70
CA ASP G 85 -60.54 2.04 -51.26
C ASP G 85 -61.37 1.03 -50.46
N LEU G 86 -61.29 -0.23 -50.84
CA LEU G 86 -61.99 -1.30 -50.13
C LEU G 86 -61.57 -1.36 -48.65
N HIS G 87 -60.28 -1.46 -48.37
CA HIS G 87 -59.85 -1.57 -46.99
C HIS G 87 -59.91 -0.25 -46.22
N ALA G 88 -59.58 0.83 -46.90
CA ALA G 88 -59.46 2.12 -46.24
C ALA G 88 -60.82 2.75 -46.05
N HIS G 89 -61.71 2.61 -47.02
CA HIS G 89 -63.00 3.30 -46.97
C HIS G 89 -64.20 2.43 -46.62
N LYS G 90 -64.50 1.42 -47.42
CA LYS G 90 -65.66 0.58 -47.16
C LYS G 90 -65.50 -0.20 -45.87
N LEU G 91 -64.42 -0.96 -45.77
CA LEU G 91 -64.14 -1.83 -44.61
C LEU G 91 -63.58 -1.05 -43.44
N ARG G 92 -62.93 0.05 -43.78
CA ARG G 92 -62.23 0.92 -42.83
C ARG G 92 -61.46 0.14 -41.76
N VAL G 93 -60.50 -0.66 -42.21
CA VAL G 93 -59.76 -1.49 -41.28
C VAL G 93 -58.55 -0.75 -40.76
N ASP G 94 -58.45 -0.61 -39.43
CA ASP G 94 -57.38 0.12 -38.77
C ASP G 94 -55.99 -0.38 -39.20
N PRO G 95 -55.11 0.54 -39.56
CA PRO G 95 -53.79 0.14 -40.06
C PRO G 95 -53.00 -0.83 -39.17
N VAL G 96 -53.20 -0.90 -37.84
CA VAL G 96 -52.43 -1.87 -37.03
C VAL G 96 -52.63 -3.29 -37.51
N ASN G 97 -53.78 -3.57 -38.11
CA ASN G 97 -54.05 -4.94 -38.41
C ASN G 97 -53.16 -5.45 -39.54
N PHE G 98 -52.76 -4.55 -40.44
CA PHE G 98 -51.96 -4.97 -41.58
C PHE G 98 -50.61 -5.47 -41.18
N LYS G 99 -49.99 -4.90 -40.16
CA LYS G 99 -48.73 -5.47 -39.67
C LYS G 99 -48.96 -6.86 -39.05
N LEU G 100 -50.15 -7.06 -38.48
CA LEU G 100 -50.51 -8.34 -37.88
C LEU G 100 -50.62 -9.44 -38.98
N LEU G 101 -51.41 -9.18 -40.01
CA LEU G 101 -51.51 -10.14 -41.11
C LEU G 101 -50.16 -10.32 -41.79
N SER G 102 -49.38 -9.25 -41.96
CA SER G 102 -48.09 -9.38 -42.65
C SER G 102 -47.20 -10.34 -41.87
N HIS G 103 -47.31 -10.24 -40.55
CA HIS G 103 -46.50 -11.02 -39.65
C HIS G 103 -46.88 -12.48 -39.85
N CYS G 104 -48.18 -12.75 -39.87
CA CYS G 104 -48.63 -14.10 -40.00
C CYS G 104 -48.25 -14.69 -41.37
N LEU G 105 -48.27 -13.85 -42.41
CA LEU G 105 -47.83 -14.29 -43.72
C LEU G 105 -46.39 -14.73 -43.63
N LEU G 106 -45.58 -13.89 -42.98
CA LEU G 106 -44.16 -14.19 -42.78
C LEU G 106 -43.98 -15.51 -41.97
N VAL G 107 -44.83 -15.72 -40.99
CA VAL G 107 -44.72 -16.93 -40.18
C VAL G 107 -44.96 -18.18 -41.04
N THR G 108 -45.98 -18.08 -41.89
CA THR G 108 -46.37 -19.20 -42.71
C THR G 108 -45.27 -19.48 -43.68
N LEU G 109 -44.77 -18.42 -44.29
CA LEU G 109 -43.70 -18.51 -45.27
C LEU G 109 -42.43 -19.19 -44.65
N ALA G 110 -42.00 -18.68 -43.48
CA ALA G 110 -40.86 -19.24 -42.78
C ALA G 110 -41.09 -20.73 -42.41
N ALA G 111 -42.30 -21.07 -41.96
CA ALA G 111 -42.59 -22.47 -41.53
C ALA G 111 -42.49 -23.44 -42.71
N HIS G 112 -43.06 -23.01 -43.85
CA HIS G 112 -43.13 -23.81 -45.08
C HIS G 112 -41.90 -23.78 -45.98
N HIS G 113 -41.05 -22.77 -45.82
CA HIS G 113 -39.85 -22.70 -46.64
C HIS G 113 -38.63 -22.33 -45.82
N PRO G 114 -38.27 -23.16 -44.84
CA PRO G 114 -37.21 -22.77 -43.91
C PRO G 114 -35.84 -22.54 -44.57
N ASP G 115 -35.56 -23.24 -45.67
CA ASP G 115 -34.25 -23.10 -46.28
C ASP G 115 -34.19 -22.03 -47.34
N ASP G 116 -35.35 -21.48 -47.68
CA ASP G 116 -35.41 -20.36 -48.59
C ASP G 116 -35.63 -19.02 -47.88
N PHE G 117 -35.79 -19.02 -46.57
CA PHE G 117 -36.11 -17.78 -45.88
C PHE G 117 -34.90 -17.37 -45.05
N ASN G 118 -33.91 -16.79 -45.73
CA ASN G 118 -32.68 -16.31 -45.09
C ASN G 118 -32.87 -14.85 -44.73
N PRO G 119 -32.04 -14.31 -43.83
CA PRO G 119 -32.38 -12.97 -43.32
C PRO G 119 -32.56 -11.89 -44.40
N SER G 120 -31.79 -11.95 -45.48
CA SER G 120 -31.99 -11.02 -46.59
C SER G 120 -33.37 -11.12 -47.23
N VAL G 121 -33.81 -12.35 -47.51
CA VAL G 121 -35.13 -12.61 -48.02
C VAL G 121 -36.22 -12.20 -47.02
N HIS G 122 -36.03 -12.58 -45.75
CA HIS G 122 -36.90 -12.16 -44.65
C HIS G 122 -37.08 -10.62 -44.73
N ALA G 123 -35.96 -9.90 -44.83
CA ALA G 123 -35.98 -8.46 -44.87
C ALA G 123 -36.73 -7.92 -46.08
N SER G 124 -36.50 -8.52 -47.25
CA SER G 124 -37.17 -8.10 -48.48
C SER G 124 -38.66 -8.39 -48.39
N LEU G 125 -39.03 -9.55 -47.84
CA LEU G 125 -40.44 -9.89 -47.85
C LEU G 125 -41.15 -8.98 -46.89
N ASP G 126 -40.48 -8.62 -45.79
CA ASP G 126 -41.08 -7.78 -44.76
C ASP G 126 -41.34 -6.43 -45.35
N LYS G 127 -40.42 -5.96 -46.17
CA LYS G 127 -40.56 -4.65 -46.76
C LYS G 127 -41.68 -4.63 -47.76
N PHE G 128 -41.78 -5.72 -48.53
CA PHE G 128 -42.82 -5.85 -49.52
C PHE G 128 -44.19 -5.84 -48.84
N LEU G 129 -44.35 -6.67 -47.81
CA LEU G 129 -45.62 -6.71 -47.08
C LEU G 129 -45.90 -5.33 -46.47
N ALA G 130 -44.84 -4.66 -46.01
CA ALA G 130 -44.96 -3.31 -45.47
C ALA G 130 -45.48 -2.33 -46.54
N ASN G 131 -44.90 -2.39 -47.73
CA ASN G 131 -45.36 -1.55 -48.83
C ASN G 131 -46.81 -1.81 -49.21
N VAL G 132 -47.22 -3.09 -49.27
CA VAL G 132 -48.62 -3.44 -49.52
C VAL G 132 -49.47 -2.83 -48.43
N SER G 133 -49.09 -3.07 -47.18
CA SER G 133 -49.80 -2.47 -46.04
C SER G 133 -49.99 -0.95 -46.17
N THR G 134 -48.97 -0.24 -46.63
CA THR G 134 -49.09 1.20 -46.78
C THR G 134 -50.07 1.53 -47.87
N VAL G 135 -49.93 0.87 -49.03
CA VAL G 135 -50.83 1.12 -50.16
C VAL G 135 -52.27 0.92 -49.72
N LEU G 136 -52.49 -0.13 -48.95
CA LEU G 136 -53.84 -0.44 -48.48
C LEU G 136 -54.30 0.44 -47.32
N THR G 137 -53.39 1.09 -46.61
CA THR G 137 -53.82 2.02 -45.55
C THR G 137 -53.73 3.54 -45.79
N SER G 138 -53.17 3.96 -46.91
CA SER G 138 -52.81 5.36 -47.02
C SER G 138 -54.02 6.28 -47.19
N LYS G 139 -55.16 5.70 -47.53
CA LYS G 139 -56.37 6.50 -47.71
C LYS G 139 -57.25 6.49 -46.46
N TYR G 140 -56.81 5.80 -45.41
CA TYR G 140 -57.54 5.76 -44.14
C TYR G 140 -57.78 7.16 -43.55
N ARG G 141 -59.04 7.49 -43.28
CA ARG G 141 -59.35 8.87 -42.91
C ARG G 141 -60.07 8.96 -41.58
N VAL H 1 -49.03 -13.66 -17.50
CA VAL H 1 -50.06 -13.43 -18.52
C VAL H 1 -51.08 -14.56 -18.56
N HIS H 2 -52.31 -14.23 -18.93
CA HIS H 2 -53.39 -15.19 -18.80
C HIS H 2 -53.12 -16.23 -19.89
N LEU H 3 -52.86 -17.46 -19.47
CA LEU H 3 -52.46 -18.52 -20.40
C LEU H 3 -53.12 -19.82 -19.96
N SER H 4 -53.76 -20.50 -20.91
CA SER H 4 -54.57 -21.68 -20.61
C SER H 4 -53.74 -22.90 -20.19
N ALA H 5 -54.42 -23.87 -19.59
CA ALA H 5 -53.76 -25.09 -19.14
C ALA H 5 -53.07 -25.81 -20.30
N GLU H 6 -53.76 -25.90 -21.44
CA GLU H 6 -53.23 -26.58 -22.61
C GLU H 6 -52.22 -25.72 -23.35
N GLU H 7 -52.44 -24.41 -23.25
CA GLU H 7 -51.53 -23.43 -23.82
C GLU H 7 -50.16 -23.45 -23.16
N LYS H 8 -50.13 -23.63 -21.85
CA LYS H 8 -48.88 -23.73 -21.12
C LYS H 8 -48.09 -24.98 -21.54
N GLU H 9 -48.78 -26.11 -21.65
CA GLU H 9 -48.13 -27.35 -22.08
C GLU H 9 -47.55 -27.19 -23.46
N ALA H 10 -48.32 -26.52 -24.32
CA ALA H 10 -47.91 -26.26 -25.69
C ALA H 10 -46.58 -25.51 -25.73
N VAL H 11 -46.58 -24.36 -25.08
CA VAL H 11 -45.41 -23.50 -25.00
C VAL H 11 -44.25 -24.23 -24.33
N LEU H 12 -44.47 -24.74 -23.12
CA LEU H 12 -43.40 -25.46 -22.43
C LEU H 12 -42.90 -26.68 -23.21
N GLY H 13 -43.82 -27.38 -23.85
CA GLY H 13 -43.46 -28.57 -24.59
C GLY H 13 -42.58 -28.23 -25.78
N LEU H 14 -43.00 -27.22 -26.55
CA LEU H 14 -42.26 -26.80 -27.73
C LEU H 14 -40.88 -26.30 -27.36
N TRP H 15 -40.83 -25.47 -26.33
CA TRP H 15 -39.58 -24.92 -25.83
C TRP H 15 -38.50 -25.99 -25.53
N GLY H 16 -38.92 -27.19 -25.16
CA GLY H 16 -37.98 -28.29 -24.95
C GLY H 16 -37.30 -28.74 -26.22
N LYS H 17 -38.00 -28.56 -27.35
CA LYS H 17 -37.52 -28.91 -28.68
C LYS H 17 -36.89 -27.80 -29.52
N VAL H 18 -36.43 -26.71 -28.92
CA VAL H 18 -35.73 -25.67 -29.69
C VAL H 18 -34.39 -25.30 -29.05
N ASN H 19 -33.44 -24.83 -29.85
CA ASN H 19 -32.15 -24.47 -29.30
C ASN H 19 -32.23 -23.00 -29.00
N VAL H 20 -32.41 -22.65 -27.73
CA VAL H 20 -32.68 -21.24 -27.42
C VAL H 20 -31.47 -20.34 -27.69
N ASP H 21 -30.28 -20.85 -27.44
CA ASP H 21 -29.05 -20.10 -27.72
C ASP H 21 -28.94 -19.79 -29.20
N GLU H 22 -29.33 -20.73 -30.04
CA GLU H 22 -29.22 -20.52 -31.44
C GLU H 22 -30.37 -19.64 -31.94
N VAL H 23 -31.59 -19.77 -31.37
CA VAL H 23 -32.66 -18.90 -31.86
C VAL H 23 -32.46 -17.45 -31.44
N GLY H 24 -31.93 -17.21 -30.24
CA GLY H 24 -31.61 -15.85 -29.85
C GLY H 24 -30.61 -15.20 -30.79
N GLY H 25 -29.56 -15.94 -31.15
CA GLY H 25 -28.54 -15.45 -32.06
C GLY H 25 -29.10 -15.16 -33.44
N GLU H 26 -30.04 -16.00 -33.88
CA GLU H 26 -30.69 -15.76 -35.15
C GLU H 26 -31.69 -14.59 -35.07
N ALA H 27 -32.47 -14.57 -34.00
CA ALA H 27 -33.54 -13.61 -33.84
C ALA H 27 -32.97 -12.20 -33.70
N LEU H 28 -31.95 -12.04 -32.87
CA LEU H 28 -31.32 -10.72 -32.73
C LEU H 28 -30.73 -10.24 -34.06
N GLY H 29 -30.03 -11.14 -34.76
CA GLY H 29 -29.46 -10.84 -36.06
C GLY H 29 -30.51 -10.43 -37.08
N ARG H 30 -31.62 -11.15 -37.11
CA ARG H 30 -32.66 -10.78 -38.04
C ARG H 30 -33.29 -9.44 -37.68
N LEU H 31 -33.51 -9.17 -36.39
CA LEU H 31 -34.06 -7.90 -35.98
C LEU H 31 -33.15 -6.79 -36.48
N LEU H 32 -31.84 -6.94 -36.26
CA LEU H 32 -30.85 -5.97 -36.74
C LEU H 32 -30.87 -5.78 -38.28
N VAL H 33 -31.06 -6.85 -39.04
CA VAL H 33 -31.12 -6.75 -40.50
C VAL H 33 -32.45 -6.16 -40.99
N VAL H 34 -33.56 -6.66 -40.45
CA VAL H 34 -34.89 -6.29 -40.89
C VAL H 34 -35.34 -4.90 -40.41
N TYR H 35 -34.97 -4.50 -39.20
CA TYR H 35 -35.32 -3.18 -38.69
C TYR H 35 -34.04 -2.45 -38.28
N PRO H 36 -33.35 -1.85 -39.29
CA PRO H 36 -31.98 -1.36 -39.16
C PRO H 36 -31.79 -0.28 -38.11
N TRP H 37 -32.84 0.45 -37.71
CA TRP H 37 -32.64 1.45 -36.68
C TRP H 37 -32.29 0.79 -35.33
N THR H 38 -32.44 -0.53 -35.24
CA THR H 38 -32.08 -1.22 -34.01
C THR H 38 -30.56 -1.36 -33.90
N GLN H 39 -29.86 -1.28 -35.04
CA GLN H 39 -28.40 -1.34 -35.02
C GLN H 39 -27.82 -0.19 -34.20
N ARG H 40 -28.61 0.87 -34.03
CA ARG H 40 -28.19 2.03 -33.28
C ARG H 40 -27.78 1.68 -31.84
N PHE H 41 -28.42 0.68 -31.26
CA PHE H 41 -28.14 0.35 -29.86
C PHE H 41 -26.86 -0.47 -29.74
N PHE H 42 -26.48 -1.07 -30.86
CA PHE H 42 -25.33 -1.98 -30.99
C PHE H 42 -24.03 -1.48 -31.60
N GLU H 43 -23.85 -0.18 -31.72
CA GLU H 43 -22.65 0.40 -32.35
C GLU H 43 -21.37 -0.30 -31.89
N SER H 44 -21.31 -0.62 -30.61
CA SER H 44 -20.12 -1.21 -29.98
C SER H 44 -19.83 -2.67 -30.36
N PHE H 45 -20.76 -3.30 -31.09
CA PHE H 45 -20.64 -4.71 -31.42
C PHE H 45 -19.76 -4.96 -32.63
N GLY H 46 -19.19 -3.91 -33.21
CA GLY H 46 -18.42 -4.08 -34.43
C GLY H 46 -19.21 -4.00 -35.71
N ASP H 47 -18.85 -4.80 -36.71
CA ASP H 47 -19.35 -4.56 -38.07
C ASP H 47 -20.79 -5.03 -38.25
N LEU H 48 -21.67 -4.05 -38.41
CA LEU H 48 -23.06 -4.28 -38.73
C LEU H 48 -23.48 -3.93 -40.17
N SER H 49 -22.50 -3.63 -41.03
CA SER H 49 -22.77 -3.03 -42.35
C SER H 49 -23.75 -3.77 -43.29
N ASN H 50 -23.45 -5.04 -43.60
CA ASN H 50 -24.33 -5.85 -44.43
C ASN H 50 -24.93 -7.02 -43.64
N ALA H 51 -25.80 -7.80 -44.27
CA ALA H 51 -26.52 -8.86 -43.56
C ALA H 51 -25.62 -10.00 -43.12
N ASP H 52 -24.70 -10.43 -43.98
CA ASP H 52 -23.82 -11.53 -43.62
C ASP H 52 -22.94 -11.12 -42.45
N ALA H 53 -22.54 -9.85 -42.44
CA ALA H 53 -21.78 -9.28 -41.34
C ALA H 53 -22.56 -9.33 -40.02
N VAL H 54 -23.81 -8.89 -40.03
CA VAL H 54 -24.67 -8.94 -38.84
C VAL H 54 -24.86 -10.37 -38.37
N MET H 55 -25.22 -11.28 -39.27
CA MET H 55 -25.43 -12.66 -38.86
C MET H 55 -24.11 -13.28 -38.38
N GLY H 56 -23.03 -13.00 -39.10
CA GLY H 56 -21.73 -13.52 -38.77
C GLY H 56 -21.09 -12.92 -37.53
N ASN H 57 -21.70 -11.85 -37.00
CA ASN H 57 -21.12 -11.14 -35.86
C ASN H 57 -21.13 -11.94 -34.55
N PRO H 58 -19.92 -12.23 -34.00
CA PRO H 58 -19.76 -13.03 -32.78
C PRO H 58 -20.44 -12.40 -31.55
N LYS H 59 -20.49 -11.06 -31.51
CA LYS H 59 -21.10 -10.36 -30.38
C LYS H 59 -22.61 -10.39 -30.44
N VAL H 60 -23.15 -10.31 -31.66
CA VAL H 60 -24.58 -10.48 -31.88
C VAL H 60 -25.01 -11.87 -31.42
N LYS H 61 -24.33 -12.91 -31.90
CA LYS H 61 -24.63 -14.30 -31.54
C LYS H 61 -24.69 -14.44 -30.03
N ALA H 62 -23.69 -13.87 -29.37
CA ALA H 62 -23.50 -14.02 -27.94
C ALA H 62 -24.53 -13.23 -27.14
N HIS H 63 -24.84 -12.03 -27.60
CA HIS H 63 -25.85 -11.21 -26.94
C HIS H 63 -27.26 -11.79 -27.10
N GLY H 64 -27.52 -12.36 -28.27
CA GLY H 64 -28.82 -12.97 -28.56
C GLY H 64 -29.13 -14.12 -27.63
N LYS H 65 -28.11 -14.91 -27.29
CA LYS H 65 -28.26 -16.00 -26.34
C LYS H 65 -28.78 -15.44 -25.02
N LYS H 66 -28.24 -14.28 -24.65
CA LYS H 66 -28.50 -13.65 -23.36
C LYS H 66 -29.97 -13.23 -23.29
N VAL H 67 -30.50 -12.67 -24.38
CA VAL H 67 -31.89 -12.26 -24.37
C VAL H 67 -32.85 -13.46 -24.40
N LEU H 68 -32.59 -14.42 -25.28
CA LEU H 68 -33.39 -15.65 -25.33
C LEU H 68 -33.24 -16.52 -24.08
N GLN H 69 -32.13 -16.40 -23.36
CA GLN H 69 -32.06 -17.11 -22.11
C GLN H 69 -32.80 -16.36 -21.02
N SER H 70 -32.97 -15.07 -21.23
CA SER H 70 -33.81 -14.26 -20.36
C SER H 70 -35.29 -14.64 -20.58
N PHE H 71 -35.63 -14.96 -21.82
CA PHE H 71 -36.94 -15.47 -22.15
C PHE H 71 -37.23 -16.80 -21.44
N SER H 72 -36.23 -17.67 -21.39
CA SER H 72 -36.41 -18.97 -20.75
C SER H 72 -36.81 -18.77 -19.32
N ASP H 73 -36.20 -17.79 -18.66
CA ASP H 73 -36.52 -17.50 -17.29
C ASP H 73 -37.93 -16.92 -17.19
N GLY H 74 -38.36 -16.27 -18.26
CA GLY H 74 -39.72 -15.77 -18.34
C GLY H 74 -40.73 -16.90 -18.24
N LEU H 75 -40.59 -17.91 -19.11
CA LEU H 75 -41.43 -19.10 -19.07
C LEU H 75 -41.47 -19.77 -17.68
N LYS H 76 -40.36 -19.71 -16.96
CA LYS H 76 -40.29 -20.29 -15.63
C LYS H 76 -41.38 -19.69 -14.72
N HIS H 77 -41.47 -18.37 -14.63
CA HIS H 77 -42.59 -17.77 -13.91
C HIS H 77 -43.45 -16.92 -14.82
N LEU H 78 -44.60 -17.43 -15.24
CA LEU H 78 -45.51 -16.65 -16.07
C LEU H 78 -46.42 -15.75 -15.24
N ASP H 79 -46.79 -16.23 -14.06
CA ASP H 79 -47.77 -15.55 -13.23
C ASP H 79 -47.21 -14.24 -12.74
N ASN H 80 -45.94 -14.22 -12.38
CA ASN H 80 -45.29 -12.95 -12.09
C ASN H 80 -44.27 -12.69 -13.20
N LEU H 81 -44.70 -11.94 -14.20
CA LEU H 81 -43.82 -11.52 -15.29
C LEU H 81 -43.12 -10.17 -15.01
N LYS H 82 -43.91 -9.25 -14.45
CA LYS H 82 -43.52 -7.85 -14.31
C LYS H 82 -42.30 -7.75 -13.44
N GLY H 83 -42.27 -8.56 -12.39
CA GLY H 83 -41.19 -8.60 -11.43
C GLY H 83 -39.93 -9.33 -11.91
N THR H 84 -40.12 -10.38 -12.71
CA THR H 84 -39.00 -11.08 -13.33
C THR H 84 -38.17 -10.08 -14.14
N PHE H 85 -38.84 -9.36 -15.04
CA PHE H 85 -38.18 -8.42 -15.94
C PHE H 85 -38.08 -6.97 -15.40
N ALA H 86 -38.51 -6.74 -14.17
CA ALA H 86 -38.43 -5.42 -13.54
C ALA H 86 -37.03 -4.80 -13.60
N LYS H 87 -36.01 -5.60 -13.28
CA LYS H 87 -34.63 -5.13 -13.32
C LYS H 87 -34.21 -4.73 -14.73
N LEU H 88 -34.46 -5.63 -15.67
CA LEU H 88 -34.17 -5.38 -17.09
C LEU H 88 -34.97 -4.21 -17.67
N SER H 89 -36.17 -4.00 -17.14
CA SER H 89 -37.02 -2.91 -17.60
C SER H 89 -36.39 -1.56 -17.28
N GLU H 90 -35.82 -1.47 -16.08
CA GLU H 90 -35.11 -0.27 -15.63
C GLU H 90 -33.93 0.00 -16.56
N LEU H 91 -33.14 -1.03 -16.82
CA LEU H 91 -32.04 -0.99 -17.77
C LEU H 91 -32.52 -0.54 -19.15
N HIS H 92 -33.50 -1.23 -19.72
CA HIS H 92 -33.95 -0.90 -21.06
C HIS H 92 -34.60 0.47 -21.20
N CYS H 93 -35.38 0.89 -20.21
CA CYS H 93 -35.93 2.23 -20.24
C CYS H 93 -34.95 3.35 -19.88
N ASP H 94 -34.52 3.35 -18.62
CA ASP H 94 -33.84 4.50 -18.03
C ASP H 94 -32.36 4.62 -18.42
N GLN H 95 -31.78 3.50 -18.84
CA GLN H 95 -30.38 3.46 -19.24
C GLN H 95 -30.23 3.50 -20.77
N LEU H 96 -30.79 2.50 -21.44
CA LEU H 96 -30.67 2.36 -22.90
C LEU H 96 -31.64 3.17 -23.77
N HIS H 97 -32.81 3.55 -23.24
CA HIS H 97 -33.85 4.31 -23.99
C HIS H 97 -34.41 3.62 -25.29
N VAL H 98 -34.74 2.32 -25.19
CA VAL H 98 -35.34 1.56 -26.28
C VAL H 98 -36.86 1.83 -26.39
N ASP H 99 -37.40 2.26 -27.55
CA ASP H 99 -38.88 2.36 -27.64
C ASP H 99 -39.51 0.96 -27.56
N PRO H 100 -40.62 0.82 -26.78
CA PRO H 100 -41.33 -0.46 -26.59
C PRO H 100 -41.74 -1.11 -27.91
N GLU H 101 -41.82 -0.31 -28.98
N GLU H 101 -41.85 -0.37 -28.99
CA GLU H 101 -42.10 -0.84 -30.32
CA GLU H 101 -42.28 -1.06 -30.18
C GLU H 101 -41.11 -1.93 -30.60
C GLU H 101 -41.07 -1.83 -30.76
N ASN H 102 -39.89 -1.71 -30.15
CA ASN H 102 -38.79 -2.60 -30.48
C ASN H 102 -38.88 -3.95 -29.75
N PHE H 103 -39.37 -3.94 -28.52
CA PHE H 103 -39.64 -5.18 -27.81
C PHE H 103 -40.64 -5.99 -28.62
N ARG H 104 -41.72 -5.33 -29.04
CA ARG H 104 -42.76 -5.98 -29.83
C ARG H 104 -42.19 -6.55 -31.14
N LEU H 105 -41.37 -5.77 -31.84
CA LEU H 105 -40.76 -6.24 -33.09
C LEU H 105 -39.84 -7.43 -32.85
N LEU H 106 -38.98 -7.36 -31.83
CA LEU H 106 -38.09 -8.50 -31.53
C LEU H 106 -38.91 -9.71 -31.17
N GLY H 107 -39.95 -9.51 -30.35
CA GLY H 107 -40.86 -10.57 -29.98
C GLY H 107 -41.39 -11.33 -31.20
N ASN H 108 -41.92 -10.59 -32.17
CA ASN H 108 -42.42 -11.20 -33.38
C ASN H 108 -41.32 -11.85 -34.22
N VAL H 109 -40.14 -11.25 -34.27
CA VAL H 109 -39.02 -11.88 -34.98
C VAL H 109 -38.72 -13.27 -34.39
N ILE H 110 -38.65 -13.34 -33.06
CA ILE H 110 -38.44 -14.61 -32.38
C ILE H 110 -39.51 -15.63 -32.83
N VAL H 111 -40.76 -15.17 -32.84
CA VAL H 111 -41.88 -15.97 -33.35
C VAL H 111 -41.60 -16.46 -34.79
N VAL H 112 -41.10 -15.60 -35.67
CA VAL H 112 -40.86 -16.12 -37.03
C VAL H 112 -39.67 -17.03 -37.11
N VAL H 113 -38.69 -16.90 -36.21
CA VAL H 113 -37.61 -17.91 -36.26
C VAL H 113 -38.04 -19.22 -35.62
N LEU H 114 -38.94 -19.16 -34.63
CA LEU H 114 -39.50 -20.40 -34.07
C LEU H 114 -40.26 -21.18 -35.15
N ALA H 115 -41.00 -20.43 -35.97
CA ALA H 115 -41.75 -21.02 -37.07
C ALA H 115 -40.76 -21.65 -38.04
N ARG H 116 -39.71 -20.90 -38.38
CA ARG H 116 -38.73 -21.38 -39.36
C ARG H 116 -38.01 -22.64 -38.88
N ARG H 117 -37.66 -22.69 -37.60
CA ARG H 117 -36.95 -23.85 -37.09
C ARG H 117 -37.87 -25.04 -36.77
N LEU H 118 -39.07 -24.76 -36.27
CA LEU H 118 -39.98 -25.85 -35.88
C LEU H 118 -40.99 -26.27 -36.91
N GLY H 119 -41.14 -25.52 -37.99
CA GLY H 119 -42.02 -25.90 -39.08
C GLY H 119 -43.43 -26.30 -38.65
N HIS H 120 -43.86 -27.49 -39.08
CA HIS H 120 -45.21 -27.96 -38.84
C HIS H 120 -45.57 -28.09 -37.36
N ASP H 121 -44.56 -28.27 -36.53
CA ASP H 121 -44.75 -28.27 -35.09
C ASP H 121 -45.25 -26.90 -34.57
N PHE H 122 -44.90 -25.81 -35.25
CA PHE H 122 -45.36 -24.52 -34.79
C PHE H 122 -46.58 -24.16 -35.62
N ASN H 123 -47.73 -24.64 -35.17
CA ASN H 123 -49.00 -24.55 -35.88
C ASN H 123 -49.76 -23.37 -35.35
N PRO H 124 -50.82 -22.93 -36.04
CA PRO H 124 -51.53 -21.73 -35.58
C PRO H 124 -51.87 -21.65 -34.08
N ASN H 125 -52.26 -22.76 -33.47
CA ASN H 125 -52.64 -22.70 -32.08
C ASN H 125 -51.47 -22.51 -31.15
N VAL H 126 -50.33 -23.13 -31.49
CA VAL H 126 -49.14 -22.98 -30.65
C VAL H 126 -48.54 -21.61 -30.88
N GLN H 127 -48.65 -21.07 -32.08
CA GLN H 127 -48.23 -19.70 -32.32
C GLN H 127 -49.08 -18.72 -31.50
N ALA H 128 -50.38 -18.97 -31.42
CA ALA H 128 -51.27 -18.08 -30.67
C ALA H 128 -50.89 -18.04 -29.18
N ALA H 129 -50.48 -19.18 -28.64
CA ALA H 129 -49.99 -19.25 -27.28
C ALA H 129 -48.65 -18.52 -27.15
N PHE H 130 -47.82 -18.56 -28.19
CA PHE H 130 -46.54 -17.88 -28.07
C PHE H 130 -46.70 -16.38 -28.15
N GLN H 131 -47.68 -15.93 -28.93
CA GLN H 131 -47.98 -14.52 -29.05
C GLN H 131 -48.35 -13.97 -27.68
N LYS H 132 -49.16 -14.73 -26.93
CA LYS H 132 -49.53 -14.33 -25.58
C LYS H 132 -48.26 -14.16 -24.74
N VAL H 133 -47.31 -15.08 -24.91
CA VAL H 133 -46.03 -14.99 -24.18
C VAL H 133 -45.13 -13.83 -24.61
N VAL H 134 -44.89 -13.64 -25.92
CA VAL H 134 -44.03 -12.53 -26.34
C VAL H 134 -44.65 -11.17 -26.02
N ALA H 135 -45.98 -11.09 -26.01
CA ALA H 135 -46.64 -9.84 -25.62
C ALA H 135 -46.49 -9.65 -24.11
N GLY H 136 -46.32 -10.75 -23.39
CA GLY H 136 -46.17 -10.65 -21.96
C GLY H 136 -44.82 -10.10 -21.55
N VAL H 137 -43.75 -10.54 -22.24
CA VAL H 137 -42.43 -10.06 -21.87
C VAL H 137 -42.14 -8.69 -22.43
N ALA H 138 -42.73 -8.39 -23.60
CA ALA H 138 -42.70 -7.03 -24.14
C ALA H 138 -43.36 -6.03 -23.14
N ASN H 139 -44.54 -6.38 -22.65
CA ASN H 139 -45.24 -5.54 -21.71
C ASN H 139 -44.55 -5.48 -20.37
N ALA H 140 -43.80 -6.51 -20.05
CA ALA H 140 -43.10 -6.52 -18.77
C ALA H 140 -41.85 -5.66 -18.84
N LEU H 141 -41.26 -5.56 -20.05
CA LEU H 141 -40.08 -4.71 -20.27
C LEU H 141 -40.45 -3.23 -20.38
N ALA H 142 -41.63 -2.97 -20.91
CA ALA H 142 -42.13 -1.61 -21.03
C ALA H 142 -42.80 -1.10 -19.72
N HIS H 143 -42.78 -1.92 -18.68
CA HIS H 143 -43.50 -1.61 -17.46
C HIS H 143 -42.92 -0.41 -16.68
N LYS H 144 -41.59 -0.30 -16.66
CA LYS H 144 -40.89 0.66 -15.80
C LYS H 144 -40.84 2.04 -16.46
N TYR H 145 -41.57 2.12 -17.60
CA TYR H 145 -41.62 3.35 -18.38
C TYR H 145 -42.80 4.23 -18.05
N HIS H 146 -42.73 4.88 -16.94
CA HIS H 146 -43.62 5.99 -16.62
C HIS H 146 -45.00 5.39 -16.36
N CYS I 33 -41.32 44.17 1.45
CA CYS I 33 -40.97 45.47 2.00
C CYS I 33 -41.38 45.63 3.48
N PRO I 34 -40.39 45.48 4.40
CA PRO I 34 -40.45 46.11 5.73
C PRO I 34 -40.15 47.58 5.49
N LYS I 35 -40.82 48.52 6.15
CA LYS I 35 -40.48 49.90 5.88
C LYS I 35 -38.99 50.13 6.19
N PRO I 36 -38.33 50.97 5.38
CA PRO I 36 -36.93 51.44 5.60
C PRO I 36 -36.87 52.45 6.74
N PRO I 37 -35.76 52.46 7.49
CA PRO I 37 -35.71 53.29 8.71
C PRO I 37 -35.80 54.77 8.36
N GLU I 38 -36.26 55.59 9.30
CA GLU I 38 -36.35 57.00 8.99
C GLU I 38 -35.02 57.67 9.29
N ILE I 39 -34.65 58.63 8.45
CA ILE I 39 -33.48 59.47 8.73
C ILE I 39 -33.85 60.92 9.07
N PRO I 40 -33.25 61.45 10.14
CA PRO I 40 -33.54 62.81 10.62
C PRO I 40 -33.44 63.82 9.50
N LYS I 41 -34.44 64.69 9.40
CA LYS I 41 -34.58 65.70 8.34
C LYS I 41 -34.61 65.08 6.93
N GLY I 42 -35.05 63.84 6.80
CA GLY I 42 -35.18 63.29 5.46
C GLY I 42 -36.24 62.24 5.26
N TYR I 43 -36.73 62.17 4.03
CA TYR I 43 -37.84 61.29 3.68
C TYR I 43 -37.46 60.27 2.62
N VAL I 44 -38.41 59.40 2.31
CA VAL I 44 -38.13 58.25 1.46
C VAL I 44 -39.01 58.23 0.20
N GLU I 45 -38.40 57.86 -0.93
CA GLU I 45 -39.12 57.70 -2.17
C GLU I 45 -39.13 56.20 -2.47
N HIS I 46 -40.30 55.62 -2.79
CA HIS I 46 -40.39 54.18 -3.08
C HIS I 46 -40.29 53.83 -4.55
N MET I 47 -39.54 52.79 -4.89
CA MET I 47 -39.48 52.30 -6.27
C MET I 47 -39.59 50.79 -6.28
N VAL I 48 -39.78 50.25 -7.48
CA VAL I 48 -39.73 48.82 -7.74
C VAL I 48 -39.07 48.58 -9.08
N ARG I 49 -38.35 47.47 -9.18
CA ARG I 49 -37.85 46.99 -10.46
C ARG I 49 -38.51 45.64 -10.71
N TYR I 50 -39.07 45.47 -11.90
CA TYR I 50 -39.77 44.23 -12.26
C TYR I 50 -38.80 43.18 -12.81
N HIS I 51 -39.04 41.92 -12.47
CA HIS I 51 -38.27 40.84 -13.06
C HIS I 51 -39.23 39.75 -13.48
N CYS I 52 -38.77 38.89 -14.38
CA CYS I 52 -39.63 37.82 -14.88
C CYS I 52 -39.28 36.43 -14.34
N GLN I 53 -40.30 35.60 -14.26
CA GLN I 53 -40.13 34.21 -13.92
C GLN I 53 -39.13 33.58 -14.86
N THR I 54 -38.44 32.56 -14.38
CA THR I 54 -37.58 31.78 -15.24
C THR I 54 -38.42 31.19 -16.38
N TYR I 55 -37.83 31.16 -17.57
CA TYR I 55 -38.49 30.82 -18.85
C TYR I 55 -39.20 31.98 -19.51
N TYR I 56 -39.21 33.14 -18.84
CA TYR I 56 -39.84 34.36 -19.34
C TYR I 56 -38.87 35.55 -19.49
N LYS I 57 -39.29 36.57 -20.21
CA LYS I 57 -38.44 37.72 -20.51
C LYS I 57 -39.18 39.02 -20.29
N LEU I 58 -38.53 39.99 -19.64
CA LEU I 58 -39.15 41.29 -19.41
C LEU I 58 -39.36 41.96 -20.73
N ARG I 59 -40.55 42.50 -20.95
CA ARG I 59 -40.83 43.26 -22.16
C ARG I 59 -41.33 44.63 -21.73
N THR I 60 -40.51 45.67 -21.93
CA THR I 60 -40.90 47.03 -21.58
C THR I 60 -40.18 47.99 -22.48
N ALA I 61 -40.54 49.25 -22.33
CA ALA I 61 -40.07 50.29 -23.21
C ALA I 61 -38.78 51.10 -22.97
N GLY I 62 -38.46 51.64 -21.79
CA GLY I 62 -38.91 51.36 -20.44
C GLY I 62 -37.76 50.64 -19.76
N ASP I 63 -37.41 51.04 -18.53
CA ASP I 63 -36.26 50.43 -17.83
C ASP I 63 -36.60 49.43 -16.74
N GLY I 64 -37.89 49.13 -16.57
CA GLY I 64 -38.31 48.20 -15.54
C GLY I 64 -38.46 48.79 -14.15
N VAL I 65 -37.94 50.01 -13.96
CA VAL I 65 -38.06 50.66 -12.66
C VAL I 65 -39.23 51.65 -12.61
N TYR I 66 -40.09 51.46 -11.61
CA TYR I 66 -41.29 52.26 -11.44
C TYR I 66 -41.27 52.89 -10.08
N THR I 67 -41.80 54.09 -10.00
CA THR I 67 -41.61 54.88 -8.79
C THR I 67 -42.88 55.64 -8.35
N LEU I 68 -43.17 55.56 -7.06
CA LEU I 68 -44.41 56.08 -6.46
C LEU I 68 -44.58 57.61 -6.51
N ASP I 69 -45.71 58.07 -7.05
CA ASP I 69 -46.03 59.49 -7.14
C ASP I 69 -46.59 60.02 -5.83
N SER I 70 -46.76 61.34 -5.78
CA SER I 70 -47.55 62.01 -4.76
C SER I 70 -49.02 61.72 -5.03
N ASN I 71 -49.29 61.24 -6.25
CA ASN I 71 -50.62 60.91 -6.74
C ASN I 71 -50.92 59.46 -6.56
N LYS I 72 -50.02 58.76 -5.87
CA LYS I 72 -50.18 57.34 -5.60
C LYS I 72 -50.13 56.51 -6.89
N GLN I 73 -49.46 57.05 -7.90
CA GLN I 73 -49.25 56.32 -9.15
C GLN I 73 -47.84 55.75 -9.20
N TRP I 74 -47.72 54.53 -9.71
CA TRP I 74 -46.42 53.96 -9.97
C TRP I 74 -46.04 54.23 -11.40
N THR I 75 -44.97 55.00 -11.59
CA THR I 75 -44.70 55.58 -12.89
C THR I 75 -43.29 55.32 -13.38
N ASN I 76 -43.08 55.42 -14.70
CA ASN I 76 -41.76 55.28 -15.31
C ASN I 76 -41.61 56.33 -16.41
N LYS I 77 -40.43 56.95 -16.52
CA LYS I 77 -40.24 58.14 -17.39
C LYS I 77 -40.57 57.89 -18.86
N VAL I 78 -40.38 56.64 -19.28
CA VAL I 78 -40.60 56.19 -20.65
C VAL I 78 -42.03 55.77 -20.92
N THR I 79 -42.51 54.82 -20.13
CA THR I 79 -43.76 54.11 -20.33
C THR I 79 -44.98 54.63 -19.59
N GLY I 80 -44.82 55.75 -18.89
CA GLY I 80 -45.92 56.28 -18.12
C GLY I 80 -46.37 55.30 -17.07
N GLU I 81 -47.67 55.05 -16.97
CA GLU I 81 -48.18 54.20 -15.90
C GLU I 81 -48.14 52.73 -16.28
N LYS I 82 -47.82 52.49 -17.54
CA LYS I 82 -47.88 51.17 -18.14
C LYS I 82 -46.80 50.20 -17.63
N LEU I 83 -47.24 49.05 -17.14
CA LEU I 83 -46.28 48.13 -16.56
C LEU I 83 -45.62 47.27 -17.64
N PRO I 84 -44.53 46.61 -17.27
CA PRO I 84 -43.89 45.61 -18.13
C PRO I 84 -44.76 44.39 -18.35
N GLU I 85 -44.38 43.61 -19.35
CA GLU I 85 -45.06 42.35 -19.60
C GLU I 85 -44.04 41.24 -19.53
N CYS I 86 -44.46 40.08 -19.04
CA CYS I 86 -43.60 38.89 -19.08
C CYS I 86 -43.90 37.92 -20.21
N GLU I 87 -42.88 37.66 -21.02
CA GLU I 87 -43.09 36.90 -22.26
C GLU I 87 -42.22 35.65 -22.33
N ALA I 88 -42.84 34.55 -22.73
CA ALA I 88 -42.18 33.24 -22.83
C ALA I 88 -40.98 33.23 -23.75
N VAL I 89 -39.87 32.69 -23.24
CA VAL I 89 -38.68 32.48 -24.04
C VAL I 89 -38.97 31.32 -24.97
N CYS I 90 -38.52 31.42 -26.21
CA CYS I 90 -38.85 30.39 -27.18
C CYS I 90 -37.61 29.63 -27.72
N GLY I 91 -37.81 28.39 -28.14
CA GLY I 91 -36.75 27.61 -28.75
C GLY I 91 -35.51 27.38 -27.89
N LYS I 92 -35.69 27.23 -26.59
CA LYS I 92 -34.58 26.98 -25.66
C LYS I 92 -34.90 25.90 -24.65
N PRO I 93 -34.95 24.62 -25.10
CA PRO I 93 -35.38 23.52 -24.22
C PRO I 93 -34.51 23.42 -22.99
N LYS I 94 -35.07 23.08 -21.84
CA LYS I 94 -34.27 22.94 -20.63
C LYS I 94 -33.21 21.86 -20.80
N ASN I 95 -33.55 20.81 -21.55
CA ASN I 95 -32.61 19.73 -21.85
C ASN I 95 -32.71 19.26 -23.29
N PRO I 96 -31.96 19.94 -24.19
CA PRO I 96 -31.92 19.66 -25.63
C PRO I 96 -31.39 18.25 -25.89
N VAL I 97 -31.60 17.73 -27.10
CA VAL I 97 -31.15 16.37 -27.41
C VAL I 97 -29.64 16.08 -27.19
N ILE I 103 -43.80 7.92 -36.34
CA ILE I 103 -42.41 7.69 -36.78
C ILE I 103 -42.14 6.19 -36.67
N MET I 104 -41.73 5.56 -37.78
CA MET I 104 -41.59 4.11 -37.80
C MET I 104 -40.32 3.73 -37.07
N GLY I 105 -39.26 4.42 -37.40
CA GLY I 105 -38.10 4.18 -36.54
C GLY I 105 -38.05 4.85 -35.15
N GLY I 106 -36.80 4.99 -34.67
CA GLY I 106 -36.51 5.09 -33.25
C GLY I 106 -36.20 6.45 -32.71
N SER I 107 -35.36 6.47 -31.68
CA SER I 107 -35.09 7.61 -30.77
C SER I 107 -36.25 8.08 -29.89
N LEU I 108 -36.44 7.34 -28.82
CA LEU I 108 -37.38 7.67 -27.78
C LEU I 108 -36.98 9.02 -27.18
N ASP I 109 -37.93 9.93 -26.92
CA ASP I 109 -37.53 11.21 -26.35
C ASP I 109 -37.49 11.02 -24.83
N ALA I 110 -36.28 10.82 -24.33
CA ALA I 110 -36.08 10.44 -22.93
C ALA I 110 -36.11 11.66 -22.02
N LYS I 111 -35.49 12.75 -22.49
CA LYS I 111 -35.25 13.93 -21.66
C LYS I 111 -36.37 14.96 -21.73
N GLY I 112 -37.33 14.73 -22.60
CA GLY I 112 -38.34 15.76 -22.87
C GLY I 112 -37.75 16.96 -23.60
N SER I 113 -37.17 16.69 -24.78
CA SER I 113 -36.32 17.64 -25.49
C SER I 113 -37.10 18.39 -26.52
N PHE I 114 -38.39 18.12 -26.59
CA PHE I 114 -39.21 18.75 -27.61
C PHE I 114 -40.44 19.32 -26.98
N PRO I 115 -40.24 20.37 -26.16
CA PRO I 115 -41.28 21.03 -25.36
C PRO I 115 -42.39 21.62 -26.22
N TRP I 116 -42.06 21.95 -27.47
CA TRP I 116 -43.03 22.57 -28.34
C TRP I 116 -44.01 21.58 -28.98
N GLN I 117 -43.75 20.28 -28.87
CA GLN I 117 -44.62 19.27 -29.51
C GLN I 117 -45.98 19.13 -28.86
N ALA I 118 -47.05 19.25 -29.63
CA ALA I 118 -48.35 18.93 -29.05
C ALA I 118 -49.02 17.71 -29.73
N LYS I 119 -49.86 16.99 -29.00
CA LYS I 119 -50.59 15.84 -29.56
C LYS I 119 -52.05 16.22 -29.77
N MET I 120 -52.54 16.08 -31.00
CA MET I 120 -53.92 16.42 -31.29
C MET I 120 -54.77 15.18 -31.66
N ILE I 121 -55.97 15.09 -31.09
CA ILE I 121 -56.83 13.93 -31.34
C ILE I 121 -58.23 14.28 -31.89
N SER I 122 -58.55 13.68 -33.05
CA SER I 122 -59.84 13.89 -33.72
C SER I 122 -60.99 13.25 -32.95
N HIS I 123 -62.22 13.72 -33.22
CA HIS I 123 -63.37 13.19 -32.49
C HIS I 123 -63.48 11.69 -32.70
N HIS I 124 -63.04 11.24 -33.86
CA HIS I 124 -63.06 9.80 -34.18
C HIS I 124 -61.75 9.07 -33.83
N ASN I 125 -60.96 9.70 -32.98
CA ASN I 125 -59.79 9.09 -32.34
C ASN I 125 -58.58 8.83 -33.19
N LEU I 126 -58.29 9.74 -34.11
CA LEU I 126 -56.99 9.68 -34.80
C LEU I 126 -56.03 10.72 -34.24
N THR I 127 -54.81 10.30 -33.90
CA THR I 127 -53.78 11.20 -33.40
C THR I 127 -53.04 11.93 -34.52
N SER I 128 -52.68 13.20 -34.29
CA SER I 128 -51.89 13.99 -35.23
C SER I 128 -51.03 15.00 -34.49
N GLY I 129 -50.20 15.75 -35.22
CA GLY I 129 -49.26 16.66 -34.58
C GLY I 129 -49.63 18.14 -34.52
N ALA I 130 -49.02 18.86 -33.58
CA ALA I 130 -49.30 20.26 -33.45
C ALA I 130 -48.09 21.18 -33.45
N THR I 131 -47.16 21.10 -32.52
CA THR I 131 -46.12 22.24 -32.49
C THR I 131 -46.51 23.71 -32.15
N LEU I 132 -46.52 23.99 -30.84
CA LEU I 132 -46.69 25.29 -30.21
C LEU I 132 -45.68 26.36 -30.62
N ILE I 133 -46.21 27.43 -31.18
CA ILE I 133 -45.46 28.50 -31.80
C ILE I 133 -45.25 29.74 -30.89
N ASN I 134 -46.05 29.82 -29.83
CA ASN I 134 -45.97 30.86 -28.79
C ASN I 134 -46.88 30.52 -27.60
N GLU I 135 -47.06 31.44 -26.66
CA GLU I 135 -47.83 31.10 -25.46
C GLU I 135 -49.29 30.68 -25.69
N GLN I 136 -50.02 31.36 -26.59
CA GLN I 136 -51.34 30.86 -27.05
C GLN I 136 -51.64 30.29 -28.45
N TRP I 137 -50.62 30.13 -29.30
CA TRP I 137 -50.85 29.56 -30.65
C TRP I 137 -50.02 28.30 -30.99
N LEU I 138 -50.58 27.42 -31.82
CA LEU I 138 -49.87 26.28 -32.38
C LEU I 138 -50.14 26.21 -33.90
N LEU I 139 -49.09 25.86 -34.67
CA LEU I 139 -49.24 25.55 -36.10
C LEU I 139 -49.79 24.13 -36.23
N THR I 140 -50.41 23.78 -37.35
CA THR I 140 -50.74 22.39 -37.66
C THR I 140 -51.04 22.29 -39.16
N THR I 141 -51.37 21.10 -39.65
CA THR I 141 -51.79 21.01 -41.05
C THR I 141 -53.31 21.11 -41.18
N ALA I 142 -53.76 21.68 -42.29
CA ALA I 142 -55.16 21.81 -42.56
C ALA I 142 -55.79 20.44 -42.61
N LYS I 143 -55.04 19.45 -43.08
CA LYS I 143 -55.55 18.09 -43.21
C LYS I 143 -55.84 17.48 -41.84
N ASN I 144 -54.91 17.66 -40.91
CA ASN I 144 -55.06 17.17 -39.55
C ASN I 144 -56.35 17.71 -38.98
N LEU I 145 -56.57 19.01 -39.20
CA LEU I 145 -57.69 19.75 -38.66
C LEU I 145 -59.00 19.15 -39.14
N ARG I 146 -59.02 18.65 -40.37
CA ARG I 146 -60.24 18.09 -40.94
C ARG I 146 -60.41 16.58 -40.76
N LEU I 147 -59.49 15.91 -40.04
CA LEU I 147 -59.55 14.46 -39.93
C LEU I 147 -60.94 13.93 -39.55
N GLY I 148 -61.61 14.62 -38.66
CA GLY I 148 -62.95 14.16 -38.41
C GLY I 148 -63.96 14.19 -39.54
N HIS I 149 -63.86 15.23 -40.37
CA HIS I 149 -64.98 15.90 -41.03
C HIS I 149 -64.91 15.87 -42.57
N LYS I 150 -65.83 16.53 -43.26
CA LYS I 150 -65.72 16.50 -44.71
C LYS I 150 -65.22 17.82 -45.29
N ASN I 151 -64.59 17.74 -46.54
CA ASN I 151 -63.73 18.85 -47.06
C ASN I 151 -64.25 20.25 -46.73
N ASP I 152 -65.48 20.50 -46.77
CA ASP I 152 -66.05 21.84 -46.62
C ASP I 152 -66.49 22.28 -45.22
N THR I 153 -66.28 21.45 -44.21
CA THR I 153 -66.70 21.79 -42.85
C THR I 153 -66.11 23.12 -42.37
N LYS I 154 -66.91 23.93 -41.70
CA LYS I 154 -66.44 25.23 -41.24
C LYS I 154 -65.56 25.10 -40.00
N ALA I 155 -64.59 25.98 -39.86
CA ALA I 155 -63.66 25.91 -38.75
C ALA I 155 -64.38 26.06 -37.41
N LYS I 156 -65.40 26.92 -37.36
CA LYS I 156 -66.22 27.11 -36.16
C LYS I 156 -66.72 25.78 -35.61
N ASP I 157 -67.10 24.86 -36.50
CA ASP I 157 -67.62 23.55 -36.13
C ASP I 157 -66.56 22.49 -35.85
N ILE I 158 -65.35 22.66 -36.37
CA ILE I 158 -64.29 21.70 -36.13
C ILE I 158 -63.68 21.86 -34.74
N ALA I 159 -63.57 23.10 -34.27
CA ALA I 159 -62.83 23.38 -33.03
C ALA I 159 -63.34 22.67 -31.75
N PRO I 160 -64.65 22.74 -31.46
CA PRO I 160 -65.19 22.05 -30.28
C PRO I 160 -64.88 20.56 -30.28
N THR I 161 -64.61 20.01 -31.46
CA THR I 161 -64.39 18.60 -31.72
C THR I 161 -63.02 18.13 -31.31
N LEU I 162 -62.06 19.04 -31.32
CA LEU I 162 -60.71 18.62 -31.09
C LEU I 162 -60.39 18.43 -29.63
N ARG I 163 -59.41 17.57 -29.40
CA ARG I 163 -58.68 17.52 -28.13
C ARG I 163 -57.21 17.78 -28.44
N LEU I 164 -56.54 18.58 -27.60
CA LEU I 164 -55.15 18.99 -27.83
C LEU I 164 -54.38 18.80 -26.52
N TYR I 165 -53.19 18.23 -26.58
CA TYR I 165 -52.36 18.06 -25.39
C TYR I 165 -50.94 18.56 -25.61
N VAL I 166 -50.33 19.14 -24.58
CA VAL I 166 -48.90 19.52 -24.63
C VAL I 166 -48.15 18.94 -23.44
N GLY I 167 -46.82 18.93 -23.48
CA GLY I 167 -46.05 18.39 -22.36
C GLY I 167 -46.38 16.95 -21.98
N LYS I 168 -46.54 16.69 -20.69
CA LYS I 168 -47.10 15.44 -20.19
C LYS I 168 -48.56 15.50 -20.58
N LYS I 169 -49.44 14.76 -19.98
CA LYS I 169 -50.79 14.71 -20.54
C LYS I 169 -51.63 16.00 -20.49
N GLN I 170 -51.00 17.14 -20.20
CA GLN I 170 -51.71 18.44 -20.10
C GLN I 170 -52.58 18.69 -21.30
N GLU I 171 -53.87 18.85 -21.06
CA GLU I 171 -54.75 19.25 -22.12
C GLU I 171 -54.81 20.76 -22.12
N VAL I 172 -54.88 21.33 -23.30
CA VAL I 172 -55.11 22.75 -23.42
C VAL I 172 -56.44 22.97 -24.14
N GLU I 173 -57.18 23.98 -23.71
CA GLU I 173 -58.54 24.18 -24.16
C GLU I 173 -58.46 25.13 -25.33
N ILE I 174 -58.95 24.68 -26.49
CA ILE I 174 -58.79 25.51 -27.67
C ILE I 174 -60.00 26.45 -27.96
N GLU I 175 -59.68 27.71 -28.27
CA GLU I 175 -60.69 28.74 -28.59
C GLU I 175 -61.17 28.72 -30.05
N LYS I 176 -60.23 28.59 -30.97
CA LYS I 176 -60.52 28.94 -32.34
C LYS I 176 -59.53 28.18 -33.21
N VAL I 177 -59.87 28.07 -34.50
CA VAL I 177 -58.98 27.42 -35.48
C VAL I 177 -59.05 28.24 -36.77
N ILE I 178 -57.91 28.45 -37.44
CA ILE I 178 -57.91 29.21 -38.71
C ILE I 178 -57.21 28.41 -39.79
N PHE I 179 -57.91 28.14 -40.92
CA PHE I 179 -57.30 27.40 -42.06
C PHE I 179 -56.50 28.38 -42.88
N HIS I 180 -55.47 27.92 -43.60
CA HIS I 180 -54.70 28.84 -44.41
C HIS I 180 -55.55 29.23 -45.61
N PRO I 181 -55.42 30.47 -46.08
CA PRO I 181 -56.20 30.94 -47.24
C PRO I 181 -56.05 30.11 -48.50
N ASP I 182 -54.91 29.47 -48.75
CA ASP I 182 -54.79 28.78 -50.02
C ASP I 182 -55.00 27.30 -49.80
N ASN I 183 -56.21 26.81 -50.07
CA ASN I 183 -56.61 25.45 -49.67
C ASN I 183 -55.75 24.40 -50.35
N SER I 184 -55.48 24.63 -51.62
CA SER I 184 -54.93 23.63 -52.50
C SER I 184 -53.42 23.49 -52.41
N THR I 185 -52.79 24.52 -51.90
CA THR I 185 -51.33 24.66 -51.97
C THR I 185 -50.63 24.58 -50.62
N VAL I 186 -51.05 25.44 -49.69
CA VAL I 186 -50.48 25.44 -48.35
C VAL I 186 -51.27 24.61 -47.33
N ASP I 187 -50.70 23.50 -46.87
CA ASP I 187 -51.48 22.64 -45.97
C ASP I 187 -51.14 23.10 -44.54
N ILE I 188 -51.94 24.03 -44.02
CA ILE I 188 -51.62 24.69 -42.76
C ILE I 188 -52.86 25.20 -42.04
N GLY I 189 -52.86 25.11 -40.71
CA GLY I 189 -53.86 25.79 -39.92
C GLY I 189 -53.25 26.31 -38.63
N LEU I 190 -53.90 27.27 -38.00
CA LEU I 190 -53.41 27.82 -36.74
C LEU I 190 -54.43 27.45 -35.66
N ILE I 191 -53.93 27.11 -34.47
CA ILE I 191 -54.81 26.79 -33.35
C ILE I 191 -54.59 27.82 -32.25
N LYS I 192 -55.63 28.56 -31.89
CA LYS I 192 -55.54 29.51 -30.79
C LYS I 192 -56.15 28.92 -29.53
N LEU I 193 -55.35 28.87 -28.46
CA LEU I 193 -55.83 28.38 -27.17
C LEU I 193 -56.68 29.44 -26.48
N LYS I 194 -57.55 29.01 -25.58
CA LYS I 194 -58.44 29.95 -24.93
C LYS I 194 -57.61 30.93 -24.12
N GLN I 195 -56.55 30.42 -23.48
CA GLN I 195 -55.63 31.24 -22.71
C GLN I 195 -54.21 30.71 -22.86
N LYS I 196 -53.24 31.55 -22.50
CA LYS I 196 -51.81 31.22 -22.60
C LYS I 196 -51.49 29.97 -21.78
N VAL I 197 -50.62 29.11 -22.32
CA VAL I 197 -50.10 27.97 -21.55
C VAL I 197 -48.99 28.44 -20.63
N PRO I 198 -49.04 28.03 -19.37
CA PRO I 198 -47.84 28.23 -18.55
C PRO I 198 -46.69 27.44 -19.16
N VAL I 199 -45.55 28.11 -19.30
CA VAL I 199 -44.33 27.57 -19.90
C VAL I 199 -43.34 27.09 -18.81
N ASN I 200 -42.74 25.92 -19.04
CA ASN I 200 -41.85 25.25 -18.06
C ASN I 200 -40.89 24.35 -18.82
N GLU I 201 -40.22 23.44 -18.10
CA GLU I 201 -39.42 22.39 -18.74
C GLU I 201 -40.14 21.63 -19.85
N ARG I 202 -41.39 21.29 -19.56
CA ARG I 202 -42.20 20.42 -20.40
C ARG I 202 -42.85 21.12 -21.59
N VAL I 203 -43.42 22.28 -21.33
CA VAL I 203 -44.14 23.04 -22.36
C VAL I 203 -43.43 24.34 -22.65
N MET I 204 -43.14 24.59 -23.93
CA MET I 204 -42.54 25.84 -24.33
C MET I 204 -42.44 25.93 -25.84
N PRO I 205 -42.75 27.11 -26.40
CA PRO I 205 -42.85 27.25 -27.86
C PRO I 205 -41.52 27.13 -28.57
N ILE I 206 -41.55 26.74 -29.84
CA ILE I 206 -40.35 26.75 -30.68
C ILE I 206 -40.17 28.18 -31.25
N CYS I 207 -39.08 28.46 -31.96
CA CYS I 207 -38.93 29.77 -32.56
C CYS I 207 -39.26 29.70 -34.02
N LEU I 208 -39.86 30.79 -34.54
CA LEU I 208 -40.04 30.93 -35.98
C LEU I 208 -38.72 31.43 -36.57
N PRO I 209 -38.37 30.94 -37.76
CA PRO I 209 -37.06 31.29 -38.33
C PRO I 209 -36.97 32.77 -38.72
N SER I 210 -35.79 33.37 -38.57
CA SER I 210 -35.54 34.68 -39.16
C SER I 210 -34.89 34.53 -40.52
N LYS I 211 -34.48 33.32 -40.87
CA LYS I 211 -33.83 33.04 -42.15
C LYS I 211 -34.26 31.70 -42.74
N ASP I 212 -33.77 31.38 -43.94
CA ASP I 212 -34.15 30.14 -44.59
C ASP I 212 -33.08 29.13 -44.27
N TYR I 213 -33.42 28.16 -43.43
CA TYR I 213 -32.49 27.11 -43.09
C TYR I 213 -32.50 25.96 -44.10
N VAL I 214 -33.48 25.92 -45.00
CA VAL I 214 -33.60 24.67 -45.76
C VAL I 214 -32.77 24.67 -47.03
N ASN I 215 -31.73 23.85 -46.97
CA ASN I 215 -30.78 23.61 -48.02
C ASN I 215 -30.52 22.15 -47.90
N VAL I 216 -30.24 21.49 -49.02
CA VAL I 216 -30.14 20.03 -48.98
C VAL I 216 -28.91 19.54 -48.18
N GLY I 217 -29.18 18.51 -47.37
CA GLY I 217 -28.17 17.91 -46.52
C GLY I 217 -28.29 18.31 -45.06
N LEU I 218 -28.91 19.44 -44.78
CA LEU I 218 -29.19 19.85 -43.40
C LEU I 218 -30.07 18.80 -42.74
N VAL I 219 -29.69 18.38 -41.54
CA VAL I 219 -30.48 17.40 -40.80
C VAL I 219 -31.31 18.08 -39.70
N GLY I 220 -32.62 17.98 -39.82
CA GLY I 220 -33.51 18.55 -38.84
C GLY I 220 -33.97 17.46 -37.90
N TYR I 221 -34.65 17.86 -36.83
CA TYR I 221 -35.20 16.89 -35.90
C TYR I 221 -36.71 16.93 -36.04
N VAL I 222 -37.31 15.76 -36.24
CA VAL I 222 -38.76 15.68 -36.31
C VAL I 222 -39.22 14.79 -35.18
N SER I 223 -39.99 15.37 -34.27
CA SER I 223 -40.59 14.62 -33.15
C SER I 223 -42.03 14.33 -33.54
N GLY I 224 -42.58 13.17 -33.15
CA GLY I 224 -43.93 12.90 -33.59
C GLY I 224 -44.71 11.84 -32.88
N TRP I 225 -46.03 12.03 -32.89
CA TRP I 225 -46.95 11.19 -32.13
C TRP I 225 -47.58 10.13 -33.01
N GLY I 226 -47.19 10.14 -34.28
CA GLY I 226 -47.80 9.29 -35.30
C GLY I 226 -47.44 7.83 -35.16
N ARG I 227 -47.94 7.04 -36.10
CA ARG I 227 -47.80 5.58 -36.10
C ARG I 227 -46.37 5.10 -36.28
N ASN I 228 -46.08 3.93 -35.72
CA ASN I 228 -44.75 3.33 -35.74
C ASN I 228 -44.62 2.07 -36.61
N ALA I 229 -43.50 1.37 -36.48
CA ALA I 229 -43.22 0.18 -37.30
C ALA I 229 -44.27 -0.96 -37.20
N ASN I 230 -45.08 -0.90 -36.15
CA ASN I 230 -46.15 -1.85 -35.93
C ASN I 230 -47.49 -1.31 -36.42
N LEU I 231 -47.43 -0.16 -37.10
CA LEU I 231 -48.58 0.61 -37.59
C LEU I 231 -49.55 1.03 -36.48
N ASN I 232 -49.01 1.12 -35.26
CA ASN I 232 -49.76 1.55 -34.09
C ASN I 232 -49.33 2.98 -33.74
N PHE I 233 -50.26 3.82 -33.28
CA PHE I 233 -49.86 5.15 -32.76
C PHE I 233 -48.88 4.90 -31.66
N THR I 234 -47.73 5.59 -31.72
CA THR I 234 -46.69 5.46 -30.69
C THR I 234 -47.21 5.86 -29.32
N GLU I 235 -46.86 5.07 -28.30
CA GLU I 235 -47.32 5.36 -26.95
C GLU I 235 -46.43 6.40 -26.27
N HIS I 236 -45.13 6.37 -26.59
CA HIS I 236 -44.18 7.42 -26.18
C HIS I 236 -43.68 8.30 -27.32
N LEU I 237 -43.54 9.60 -27.06
CA LEU I 237 -43.08 10.53 -28.10
C LEU I 237 -41.69 10.13 -28.56
N LYS I 238 -41.46 10.21 -29.87
CA LYS I 238 -40.15 9.87 -30.43
C LYS I 238 -39.69 10.96 -31.38
N TYR I 239 -38.41 10.87 -31.77
CA TYR I 239 -37.89 11.78 -32.80
C TYR I 239 -36.98 11.09 -33.83
N VAL I 240 -37.05 11.52 -35.09
CA VAL I 240 -36.05 11.11 -36.07
C VAL I 240 -35.22 12.31 -36.56
N MET I 241 -34.02 12.01 -37.05
CA MET I 241 -33.18 12.99 -37.72
C MET I 241 -33.19 12.77 -39.23
N LEU I 242 -33.74 13.72 -39.96
CA LEU I 242 -33.89 13.57 -41.39
C LEU I 242 -33.18 14.69 -42.15
N PRO I 243 -32.51 14.32 -43.26
CA PRO I 243 -31.85 15.27 -44.15
C PRO I 243 -32.85 15.97 -45.08
N VAL I 244 -32.70 17.25 -45.37
CA VAL I 244 -33.55 17.80 -46.41
C VAL I 244 -33.02 17.33 -47.78
N ALA I 245 -33.94 17.15 -48.72
CA ALA I 245 -33.63 16.53 -50.00
C ALA I 245 -33.78 17.53 -51.12
N ASP I 246 -33.13 17.24 -52.25
CA ASP I 246 -33.24 18.02 -53.47
C ASP I 246 -34.68 18.19 -53.93
N GLN I 247 -35.13 19.43 -54.15
CA GLN I 247 -36.54 19.68 -54.49
C GLN I 247 -36.93 19.15 -55.86
N GLU I 248 -36.00 19.17 -56.80
CA GLU I 248 -36.29 18.70 -58.14
C GLU I 248 -36.40 17.19 -58.17
N LYS I 249 -35.52 16.51 -57.43
CA LYS I 249 -35.49 15.06 -57.37
C LYS I 249 -36.80 14.56 -56.76
N CYS I 250 -37.27 15.29 -55.76
CA CYS I 250 -38.49 15.01 -55.05
C CYS I 250 -39.72 15.12 -55.96
N VAL I 251 -39.84 16.23 -56.67
CA VAL I 251 -40.90 16.42 -57.66
C VAL I 251 -40.87 15.40 -58.81
N GLN I 252 -39.68 15.04 -59.31
CA GLN I 252 -39.57 13.98 -60.32
C GLN I 252 -40.06 12.64 -59.75
N TYR I 253 -39.92 12.47 -58.44
CA TYR I 253 -40.28 11.26 -57.73
C TYR I 253 -41.78 11.11 -57.61
N TYR I 254 -42.42 12.17 -57.13
CA TYR I 254 -43.87 12.15 -56.93
C TYR I 254 -44.71 12.47 -58.17
N GLU I 255 -44.16 13.27 -59.07
CA GLU I 255 -44.86 13.72 -60.29
C GLU I 255 -44.04 13.36 -61.55
N GLY I 256 -44.42 13.79 -62.74
CA GLY I 256 -43.71 13.35 -63.93
C GLY I 256 -42.18 13.53 -64.00
N SER I 257 -41.67 14.76 -63.92
CA SER I 257 -42.52 15.93 -63.95
C SER I 257 -42.16 17.11 -64.81
N THR I 258 -41.17 17.89 -64.34
CA THR I 258 -41.34 19.34 -64.03
C THR I 258 -42.31 20.18 -64.89
N VAL I 259 -42.40 19.92 -66.20
CA VAL I 259 -43.47 20.48 -67.02
C VAL I 259 -44.87 19.94 -66.60
N PRO I 260 -45.77 20.82 -66.13
CA PRO I 260 -47.06 20.47 -65.56
C PRO I 260 -47.93 19.51 -66.38
N GLU I 261 -48.03 19.70 -67.69
CA GLU I 261 -48.90 18.85 -68.51
C GLU I 261 -48.39 17.43 -68.66
N LYS I 262 -47.14 17.20 -68.29
CA LYS I 262 -46.58 15.85 -68.31
C LYS I 262 -46.61 15.15 -66.96
N LYS I 263 -47.04 15.87 -65.93
CA LYS I 263 -47.08 15.30 -64.58
C LYS I 263 -48.07 14.15 -64.48
N THR I 264 -47.64 13.09 -63.82
CA THR I 264 -48.53 11.97 -63.54
C THR I 264 -48.37 11.70 -62.06
N PRO I 265 -49.37 11.06 -61.44
CA PRO I 265 -49.30 10.66 -60.02
C PRO I 265 -48.44 9.41 -59.79
N LYS I 266 -47.13 9.62 -59.60
CA LYS I 266 -46.20 8.51 -59.44
C LYS I 266 -45.95 8.07 -58.00
N SER I 267 -46.72 8.61 -57.06
CA SER I 267 -46.52 8.31 -55.64
C SER I 267 -46.62 6.84 -55.33
N PRO I 268 -45.56 6.27 -54.75
CA PRO I 268 -45.50 4.86 -54.38
C PRO I 268 -46.49 4.44 -53.30
N VAL I 269 -46.99 5.36 -52.50
CA VAL I 269 -48.08 5.03 -51.58
C VAL I 269 -49.33 5.42 -52.31
N GLY I 270 -50.50 5.18 -51.78
CA GLY I 270 -51.66 5.48 -52.61
C GLY I 270 -51.86 6.93 -53.08
N VAL I 271 -51.41 7.89 -52.28
CA VAL I 271 -51.86 9.28 -52.35
C VAL I 271 -50.74 10.26 -52.68
N GLN I 272 -51.12 11.44 -53.19
CA GLN I 272 -50.13 12.43 -53.65
C GLN I 272 -49.81 13.52 -52.63
N PRO I 273 -48.51 13.81 -52.40
CA PRO I 273 -48.14 14.98 -51.58
C PRO I 273 -48.62 16.27 -52.23
N ILE I 274 -48.83 17.33 -51.45
CA ILE I 274 -48.94 18.66 -52.03
C ILE I 274 -47.53 19.23 -52.14
N LEU I 275 -47.11 19.54 -53.39
CA LEU I 275 -45.72 19.91 -53.69
C LEU I 275 -45.62 21.20 -54.49
N ASN I 276 -45.04 22.23 -53.91
CA ASN I 276 -44.86 23.49 -54.62
C ASN I 276 -43.70 24.29 -54.07
N GLU I 277 -43.62 25.56 -54.45
CA GLU I 277 -42.58 26.46 -53.97
C GLU I 277 -42.60 26.60 -52.46
N HIS I 278 -43.75 26.33 -51.86
CA HIS I 278 -43.95 26.55 -50.44
C HIS I 278 -43.66 25.34 -49.61
N THR I 279 -43.15 24.29 -50.25
CA THR I 279 -42.84 23.04 -49.56
C THR I 279 -41.38 22.66 -49.77
N PHE I 280 -40.90 21.78 -48.91
CA PHE I 280 -39.62 21.11 -49.13
C PHE I 280 -39.68 19.64 -48.69
N CYS I 281 -38.66 18.87 -49.07
CA CYS I 281 -38.71 17.43 -48.82
C CYS I 281 -37.56 16.98 -47.97
N ALA I 282 -37.81 15.93 -47.20
CA ALA I 282 -36.79 15.29 -46.39
C ALA I 282 -36.71 13.83 -46.77
N GLY I 283 -35.52 13.25 -46.66
CA GLY I 283 -35.30 11.84 -46.97
C GLY I 283 -35.53 10.96 -45.76
N LEU I 284 -35.00 9.74 -45.78
CA LEU I 284 -35.09 8.90 -44.59
C LEU I 284 -33.83 9.09 -43.74
N SER I 285 -33.79 8.51 -42.56
CA SER I 285 -32.63 8.70 -41.70
C SER I 285 -31.48 7.79 -42.14
N LYS I 286 -30.32 7.91 -41.49
CA LYS I 286 -29.19 7.03 -41.73
C LYS I 286 -29.62 5.58 -41.56
N TYR I 287 -30.51 5.38 -40.58
CA TYR I 287 -31.00 4.06 -40.22
C TYR I 287 -32.28 3.66 -40.90
N GLN I 288 -32.69 4.39 -41.92
CA GLN I 288 -33.86 4.05 -42.71
C GLN I 288 -35.17 4.23 -41.97
N GLU I 289 -35.19 5.16 -41.01
CA GLU I 289 -36.40 5.52 -40.28
C GLU I 289 -37.22 6.57 -41.01
N ASP I 290 -38.52 6.52 -40.83
CA ASP I 290 -39.33 7.52 -41.46
C ASP I 290 -40.47 7.92 -40.59
N THR I 291 -41.25 8.79 -41.19
CA THR I 291 -42.34 9.47 -40.62
C THR I 291 -43.61 8.74 -41.13
N CYS I 292 -44.67 8.70 -40.33
CA CYS I 292 -45.86 7.95 -40.75
C CYS I 292 -47.12 8.60 -40.22
N TYR I 293 -48.25 7.90 -40.36
CA TYR I 293 -49.57 8.50 -40.13
C TYR I 293 -49.66 9.15 -38.74
N GLY I 294 -49.98 10.43 -38.72
CA GLY I 294 -50.13 11.11 -37.44
C GLY I 294 -48.95 12.00 -37.15
N ASP I 295 -47.90 11.91 -37.95
CA ASP I 295 -46.73 12.73 -37.69
C ASP I 295 -46.86 14.13 -38.27
N ALA I 296 -47.83 14.34 -39.15
CA ALA I 296 -48.01 15.65 -39.80
C ALA I 296 -48.39 16.67 -38.74
N GLY I 297 -47.95 17.91 -38.93
CA GLY I 297 -48.22 18.95 -37.96
C GLY I 297 -47.06 19.15 -37.00
N SER I 298 -46.19 18.15 -36.92
CA SER I 298 -44.93 18.30 -36.17
C SER I 298 -43.91 19.16 -36.89
N ALA I 299 -42.94 19.69 -36.15
CA ALA I 299 -42.00 20.61 -36.79
C ALA I 299 -40.77 19.89 -37.29
N PHE I 300 -40.25 20.36 -38.43
CA PHE I 300 -38.93 19.95 -38.85
C PHE I 300 -38.12 21.01 -38.12
N ALA I 301 -37.48 20.59 -37.04
CA ALA I 301 -36.90 21.52 -36.08
C ALA I 301 -35.43 21.58 -36.31
N VAL I 302 -34.91 22.76 -36.67
CA VAL I 302 -33.46 22.92 -36.77
C VAL I 302 -32.84 23.64 -35.57
N HIS I 303 -31.65 23.21 -35.20
CA HIS I 303 -30.94 23.77 -34.07
C HIS I 303 -29.85 24.69 -34.63
N ASP I 304 -30.03 26.00 -34.47
CA ASP I 304 -29.06 26.98 -34.97
C ASP I 304 -27.90 27.07 -34.00
N LYS I 305 -26.70 26.72 -34.47
CA LYS I 305 -25.53 26.66 -33.60
C LYS I 305 -25.05 28.04 -33.17
N ASP I 306 -25.43 29.07 -33.93
CA ASP I 306 -25.03 30.45 -33.63
C ASP I 306 -25.86 31.01 -32.50
N ASP I 307 -27.16 30.72 -32.56
CA ASP I 307 -28.15 31.15 -31.57
C ASP I 307 -28.15 30.29 -30.33
N ASP I 308 -27.69 29.06 -30.51
CA ASP I 308 -28.05 27.92 -29.65
C ASP I 308 -29.56 27.89 -29.40
N THR I 309 -30.34 28.18 -30.45
CA THR I 309 -31.78 28.14 -30.32
C THR I 309 -32.46 27.22 -31.35
N TRP I 310 -33.68 26.81 -31.04
CA TRP I 310 -34.37 25.85 -31.86
C TRP I 310 -35.47 26.50 -32.68
N TYR I 311 -35.36 26.37 -34.01
CA TYR I 311 -36.29 27.00 -34.94
C TYR I 311 -37.12 25.97 -35.70
N ALA I 312 -38.36 26.33 -36.01
CA ALA I 312 -39.18 25.46 -36.83
C ALA I 312 -38.99 25.86 -38.30
N ALA I 313 -38.23 25.06 -39.03
CA ALA I 313 -37.99 25.34 -40.43
C ALA I 313 -39.15 24.84 -41.25
N GLY I 314 -39.83 23.80 -40.79
CA GLY I 314 -40.94 23.28 -41.56
C GLY I 314 -42.01 22.65 -40.69
N ILE I 315 -43.22 22.52 -41.24
CA ILE I 315 -44.26 21.68 -40.65
C ILE I 315 -44.56 20.48 -41.57
N LEU I 316 -44.41 19.26 -41.05
CA LEU I 316 -44.71 18.04 -41.81
C LEU I 316 -46.13 18.08 -42.37
N SER I 317 -46.25 17.89 -43.67
CA SER I 317 -47.52 17.92 -44.36
C SER I 317 -47.88 16.51 -44.79
N PHE I 318 -47.00 15.91 -45.59
CA PHE I 318 -47.21 14.55 -46.08
C PHE I 318 -46.56 13.52 -45.13
N ASP I 319 -47.39 12.89 -44.30
CA ASP I 319 -46.95 11.86 -43.35
C ASP I 319 -47.22 10.43 -43.83
N LYS I 320 -47.68 10.28 -45.07
CA LYS I 320 -47.97 8.98 -45.63
C LYS I 320 -46.77 8.23 -46.18
N SER I 321 -45.59 8.84 -46.22
CA SER I 321 -44.40 8.15 -46.75
C SER I 321 -44.22 6.78 -46.12
N CYS I 322 -44.32 6.71 -44.79
CA CYS I 322 -44.03 5.49 -43.99
C CYS I 322 -42.71 4.96 -44.44
N ARG I 323 -42.43 3.69 -44.58
CA ARG I 323 -41.08 3.54 -45.13
C ARG I 323 -41.13 3.33 -46.64
N THR I 324 -42.34 3.48 -47.16
CA THR I 324 -42.68 3.05 -48.50
C THR I 324 -42.23 4.03 -49.57
N ALA I 325 -42.23 5.31 -49.24
CA ALA I 325 -41.82 6.35 -50.18
C ALA I 325 -40.57 7.01 -49.65
N GLU I 326 -39.75 7.59 -50.52
CA GLU I 326 -38.45 8.10 -50.12
C GLU I 326 -38.47 9.43 -49.40
N TYR I 327 -39.55 10.18 -49.55
CA TYR I 327 -39.57 11.57 -49.13
C TYR I 327 -40.83 11.98 -48.38
N GLY I 328 -40.65 12.65 -47.23
CA GLY I 328 -41.75 13.35 -46.58
C GLY I 328 -41.76 14.77 -47.10
N VAL I 329 -42.91 15.41 -47.04
CA VAL I 329 -43.05 16.76 -47.58
C VAL I 329 -43.48 17.73 -46.47
N TYR I 330 -42.77 18.85 -46.36
CA TYR I 330 -42.99 19.80 -45.28
C TYR I 330 -43.35 21.14 -45.89
N VAL I 331 -44.33 21.85 -45.32
CA VAL I 331 -44.54 23.23 -45.77
C VAL I 331 -43.47 24.07 -45.09
N ARG I 332 -42.84 24.97 -45.85
CA ARG I 332 -41.76 25.76 -45.27
C ARG I 332 -42.26 26.98 -44.52
N VAL I 333 -41.85 27.08 -43.26
CA VAL I 333 -42.33 28.11 -42.36
C VAL I 333 -42.07 29.54 -42.87
N THR I 334 -41.00 29.74 -43.64
CA THR I 334 -40.74 31.03 -44.25
C THR I 334 -41.94 31.50 -45.07
N SER I 335 -42.51 30.60 -45.88
CA SER I 335 -43.66 30.93 -46.71
C SER I 335 -44.91 31.36 -45.92
N ILE I 336 -45.09 30.79 -44.74
CA ILE I 336 -46.26 31.15 -43.94
C ILE I 336 -45.99 32.21 -42.86
N LEU I 337 -44.77 32.72 -42.79
CA LEU I 337 -44.39 33.63 -41.72
C LEU I 337 -45.25 34.89 -41.67
N ASP I 338 -45.38 35.56 -42.81
CA ASP I 338 -46.17 36.78 -42.90
C ASP I 338 -47.56 36.52 -42.38
N TRP I 339 -48.18 35.49 -42.91
CA TRP I 339 -49.55 35.13 -42.58
C TRP I 339 -49.74 34.86 -41.10
N ILE I 340 -48.76 34.18 -40.50
CA ILE I 340 -48.81 33.86 -39.09
C ILE I 340 -48.89 35.10 -38.19
N GLN I 341 -48.03 36.08 -38.45
CA GLN I 341 -47.99 37.28 -37.62
C GLN I 341 -49.23 38.08 -37.85
N THR I 342 -49.60 38.16 -39.11
CA THR I 342 -50.79 38.85 -39.56
C THR I 342 -52.02 38.25 -38.87
N THR I 343 -52.14 36.93 -38.85
CA THR I 343 -53.31 36.29 -38.31
C THR I 343 -53.38 36.48 -36.80
N ILE I 344 -52.23 36.29 -36.13
CA ILE I 344 -52.18 36.44 -34.69
C ILE I 344 -52.56 37.87 -34.28
N ALA I 345 -52.28 38.85 -35.14
CA ALA I 345 -52.65 40.23 -34.92
C ALA I 345 -54.17 40.44 -34.67
N ASP I 346 -55.00 39.42 -35.01
CA ASP I 346 -56.44 39.40 -34.71
C ASP I 346 -56.86 38.03 -34.13
N VAL J 1 -10.98 109.97 11.23
CA VAL J 1 -9.72 109.68 11.88
C VAL J 1 -8.84 110.91 11.96
N LEU J 2 -9.44 112.10 11.88
CA LEU J 2 -8.68 113.34 12.06
C LEU J 2 -7.56 113.58 11.03
N SER J 3 -7.96 114.05 9.85
CA SER J 3 -7.01 114.47 8.82
C SER J 3 -6.26 115.75 9.21
N ALA J 4 -5.33 116.18 8.35
CA ALA J 4 -4.59 117.39 8.61
C ALA J 4 -5.54 118.59 8.63
N ALA J 5 -6.54 118.56 7.75
CA ALA J 5 -7.53 119.62 7.69
C ALA J 5 -8.42 119.61 8.93
N ASP J 6 -8.77 118.41 9.37
CA ASP J 6 -9.53 118.22 10.60
C ASP J 6 -8.79 118.85 11.77
N LYS J 7 -7.51 118.48 11.89
CA LYS J 7 -6.68 118.94 13.00
C LYS J 7 -6.57 120.45 12.98
N ALA J 8 -6.39 121.02 11.79
CA ALA J 8 -6.37 122.47 11.64
C ALA J 8 -7.64 123.11 12.21
N ASN J 9 -8.80 122.63 11.76
CA ASN J 9 -10.10 123.11 12.25
C ASN J 9 -10.27 123.04 13.77
N VAL J 10 -9.87 121.90 14.34
CA VAL J 10 -9.98 121.65 15.78
C VAL J 10 -9.09 122.62 16.57
N LYS J 11 -7.82 122.72 16.15
CA LYS J 11 -6.88 123.61 16.79
C LYS J 11 -7.40 125.05 16.71
N ALA J 12 -7.87 125.41 15.51
CA ALA J 12 -8.41 126.74 15.26
C ALA J 12 -9.63 127.04 16.14
N ALA J 13 -10.56 126.09 16.20
CA ALA J 13 -11.81 126.30 16.92
C ALA J 13 -11.62 126.35 18.43
N TRP J 14 -10.76 125.48 18.95
CA TRP J 14 -10.51 125.44 20.38
C TRP J 14 -9.70 126.65 20.83
N GLY J 15 -8.77 127.08 19.99
CA GLY J 15 -8.01 128.29 20.29
C GLY J 15 -8.91 129.52 20.40
N LYS J 16 -9.95 129.52 19.58
CA LYS J 16 -10.94 130.59 19.53
C LYS J 16 -11.78 130.62 20.81
N VAL J 17 -11.92 129.45 21.45
CA VAL J 17 -12.58 129.35 22.76
C VAL J 17 -11.79 130.13 23.81
N GLY J 18 -10.49 129.87 23.88
CA GLY J 18 -9.58 130.59 24.73
C GLY J 18 -9.90 130.46 26.21
N GLY J 19 -9.93 131.61 26.91
CA GLY J 19 -10.18 131.66 28.33
C GLY J 19 -11.53 131.12 28.76
N GLN J 20 -12.43 130.94 27.79
CA GLN J 20 -13.76 130.44 28.09
C GLN J 20 -13.83 128.92 28.32
N ALA J 21 -12.71 128.23 28.13
CA ALA J 21 -12.69 126.76 28.15
C ALA J 21 -13.29 126.15 29.40
N GLY J 22 -12.77 126.55 30.57
CA GLY J 22 -13.27 126.06 31.84
C GLY J 22 -14.75 126.31 32.01
N ALA J 23 -15.19 127.48 31.53
CA ALA J 23 -16.61 127.84 31.55
C ALA J 23 -17.45 127.00 30.58
N HIS J 24 -16.94 126.80 29.37
CA HIS J 24 -17.57 125.90 28.41
C HIS J 24 -17.63 124.46 28.95
N GLY J 25 -16.59 124.06 29.68
CA GLY J 25 -16.54 122.76 30.31
C GLY J 25 -17.70 122.58 31.28
N ALA J 26 -17.86 123.54 32.19
CA ALA J 26 -18.93 123.48 33.18
C ALA J 26 -20.34 123.57 32.56
N GLU J 27 -20.48 124.34 31.48
CA GLU J 27 -21.76 124.48 30.81
C GLU J 27 -22.17 123.20 30.13
N ALA J 28 -21.20 122.53 29.52
CA ALA J 28 -21.48 121.26 28.88
C ALA J 28 -21.96 120.23 29.90
N LEU J 29 -21.31 120.21 31.07
CA LEU J 29 -21.70 119.31 32.14
C LEU J 29 -23.13 119.56 32.61
N GLU J 30 -23.48 120.82 32.84
CA GLU J 30 -24.83 121.14 33.27
C GLU J 30 -25.87 120.76 32.21
N ARG J 31 -25.53 120.93 30.93
CA ARG J 31 -26.44 120.58 29.85
C ARG J 31 -26.69 119.08 29.83
N MET J 32 -25.63 118.32 30.08
CA MET J 32 -25.68 116.86 30.09
C MET J 32 -26.53 116.33 31.25
N PHE J 33 -26.25 116.79 32.47
CA PHE J 33 -27.00 116.39 33.66
C PHE J 33 -28.49 116.74 33.56
N LEU J 34 -28.81 117.87 32.91
CA LEU J 34 -30.20 118.26 32.69
C LEU J 34 -30.83 117.52 31.50
N GLY J 35 -30.13 117.52 30.36
CA GLY J 35 -30.65 116.89 29.17
C GLY J 35 -30.78 115.37 29.26
N PHE J 36 -29.80 114.75 29.91
CA PHE J 36 -29.74 113.29 30.00
C PHE J 36 -29.49 112.87 31.44
N PRO J 37 -30.53 112.99 32.29
CA PRO J 37 -30.47 112.90 33.76
C PRO J 37 -29.82 111.62 34.26
N THR J 38 -29.77 110.60 33.41
CA THR J 38 -29.16 109.33 33.79
C THR J 38 -27.66 109.46 34.05
N THR J 39 -27.02 110.39 33.35
CA THR J 39 -25.59 110.62 33.50
C THR J 39 -25.24 111.07 34.92
N LYS J 40 -26.24 111.59 35.63
CA LYS J 40 -26.08 112.02 37.02
C LYS J 40 -25.63 110.87 37.92
N THR J 41 -25.91 109.65 37.48
CA THR J 41 -25.60 108.42 38.20
C THR J 41 -24.13 108.29 38.62
N TYR J 42 -23.22 108.80 37.78
CA TYR J 42 -21.79 108.64 38.02
C TYR J 42 -21.25 109.66 39.01
N PHE J 43 -22.10 110.62 39.39
CA PHE J 43 -21.68 111.71 40.27
C PHE J 43 -22.56 111.81 41.52
N PRO J 44 -22.65 110.72 42.31
CA PRO J 44 -23.55 110.76 43.46
C PRO J 44 -23.00 111.67 44.57
N HIS J 45 -21.67 111.85 44.55
CA HIS J 45 -20.94 112.57 45.57
C HIS J 45 -20.86 114.05 45.23
N PHE J 46 -21.52 114.43 44.14
CA PHE J 46 -21.50 115.81 43.67
C PHE J 46 -22.77 116.54 44.06
N ASN J 47 -22.63 117.81 44.36
CA ASN J 47 -23.77 118.71 44.37
C ASN J 47 -23.97 119.05 42.90
N LEU J 48 -25.10 118.61 42.34
CA LEU J 48 -25.36 118.86 40.92
C LEU J 48 -26.33 120.02 40.66
N SER J 49 -26.78 120.66 41.74
CA SER J 49 -27.73 121.78 41.62
C SER J 49 -27.08 122.93 40.85
N HIS J 50 -27.91 123.80 40.27
CA HIS J 50 -27.40 124.87 39.44
C HIS J 50 -26.44 125.78 40.19
N GLY J 51 -25.32 126.08 39.55
CA GLY J 51 -24.34 127.00 40.09
C GLY J 51 -23.38 126.33 41.05
N SER J 52 -23.50 125.02 41.16
CA SER J 52 -22.61 124.23 42.01
C SER J 52 -21.18 124.47 41.56
N ASP J 53 -20.31 124.87 42.48
CA ASP J 53 -18.92 125.10 42.08
C ASP J 53 -18.08 123.83 42.17
N GLN J 54 -18.72 122.75 42.62
CA GLN J 54 -18.16 121.42 42.47
C GLN J 54 -18.22 120.92 41.01
N VAL J 55 -19.30 121.24 40.30
CA VAL J 55 -19.32 121.02 38.84
C VAL J 55 -18.57 122.12 38.06
N LYS J 56 -18.58 123.37 38.57
CA LYS J 56 -17.81 124.44 37.94
C LYS J 56 -16.34 124.03 37.89
N ALA J 57 -15.88 123.42 38.98
CA ALA J 57 -14.53 122.88 39.10
C ALA J 57 -14.29 121.69 38.18
N HIS J 58 -15.19 120.71 38.21
CA HIS J 58 -15.03 119.52 37.37
C HIS J 58 -15.00 119.90 35.90
N GLY J 59 -15.78 120.91 35.53
CA GLY J 59 -15.82 121.37 34.15
C GLY J 59 -14.48 121.92 33.71
N GLN J 60 -13.75 122.51 34.65
CA GLN J 60 -12.42 123.03 34.36
C GLN J 60 -11.45 121.90 34.05
N LYS J 61 -11.50 120.82 34.84
CA LYS J 61 -10.67 119.63 34.61
C LYS J 61 -10.95 119.01 33.23
N VAL J 62 -12.23 118.93 32.87
CA VAL J 62 -12.63 118.39 31.59
C VAL J 62 -12.13 119.28 30.45
N ALA J 63 -12.31 120.59 30.60
CA ALA J 63 -11.82 121.54 29.61
C ALA J 63 -10.30 121.43 29.45
N ASP J 64 -9.61 121.23 30.57
CA ASP J 64 -8.15 121.12 30.54
C ASP J 64 -7.70 119.87 29.80
N ALA J 65 -8.34 118.75 30.08
CA ALA J 65 -8.04 117.49 29.40
C ALA J 65 -8.19 117.67 27.89
N LEU J 66 -9.27 118.35 27.51
CA LEU J 66 -9.53 118.70 26.10
C LEU J 66 -8.46 119.62 25.51
N THR J 67 -8.10 120.67 26.23
CA THR J 67 -7.02 121.54 25.76
C THR J 67 -5.75 120.70 25.53
N LYS J 68 -5.46 119.78 26.45
CA LYS J 68 -4.28 118.93 26.32
C LYS J 68 -4.36 118.07 25.07
N ALA J 69 -5.55 117.50 24.86
CA ALA J 69 -5.82 116.72 23.65
C ALA J 69 -5.58 117.55 22.38
N VAL J 70 -6.12 118.78 22.34
CA VAL J 70 -5.97 119.65 21.16
C VAL J 70 -4.50 119.96 20.84
N GLY J 71 -3.67 120.01 21.87
CA GLY J 71 -2.26 120.25 21.67
C GLY J 71 -1.56 118.99 21.20
N HIS J 72 -2.15 117.85 21.57
CA HIS J 72 -1.63 116.51 21.27
C HIS J 72 -2.24 115.68 20.13
N LEU J 73 -3.01 116.31 19.22
CA LEU J 73 -3.83 115.56 18.25
C LEU J 73 -3.19 114.39 17.50
N ASP J 74 -1.87 114.39 17.33
CA ASP J 74 -1.20 113.27 16.67
C ASP J 74 -1.05 112.06 17.58
N ASP J 75 -1.16 112.26 18.90
CA ASP J 75 -1.27 111.14 19.82
C ASP J 75 -2.35 111.46 20.85
N LEU J 76 -3.56 110.96 20.63
CA LEU J 76 -4.60 110.99 21.67
C LEU J 76 -4.45 110.00 22.83
N PRO J 77 -4.08 108.73 22.54
CA PRO J 77 -3.97 107.82 23.68
C PRO J 77 -2.94 108.30 24.69
N GLY J 78 -1.84 108.88 24.21
CA GLY J 78 -0.80 109.42 25.06
C GLY J 78 -1.21 110.62 25.89
N ALA J 79 -1.86 111.60 25.25
CA ALA J 79 -2.36 112.77 25.95
C ALA J 79 -3.35 112.41 27.06
N LEU J 80 -4.32 111.57 26.72
CA LEU J 80 -5.42 111.20 27.60
C LEU J 80 -5.07 110.05 28.54
N SER J 81 -3.80 109.63 28.52
CA SER J 81 -3.34 108.35 29.07
C SER J 81 -3.97 107.91 30.38
N ALA J 82 -3.80 108.73 31.41
CA ALA J 82 -4.31 108.39 32.74
C ALA J 82 -5.85 108.28 32.79
N LEU J 83 -6.52 109.10 31.98
CA LEU J 83 -7.98 109.17 31.97
C LEU J 83 -8.69 107.96 31.37
N SER J 84 -7.97 107.15 30.58
CA SER J 84 -8.55 105.97 29.95
C SER J 84 -8.85 104.92 30.99
N ASP J 85 -7.86 104.56 31.81
CA ASP J 85 -8.10 103.59 32.88
C ASP J 85 -9.08 104.13 33.91
N LEU J 86 -9.07 105.45 34.10
CA LEU J 86 -9.98 106.10 35.04
C LEU J 86 -11.45 105.89 34.64
N HIS J 87 -11.80 106.23 33.41
CA HIS J 87 -13.18 106.09 32.96
C HIS J 87 -13.59 104.64 32.66
N ALA J 88 -12.67 103.88 32.10
CA ALA J 88 -12.99 102.52 31.66
C ALA J 88 -12.98 101.53 32.81
N HIS J 89 -12.05 101.71 33.76
CA HIS J 89 -11.86 100.73 34.82
C HIS J 89 -12.40 101.15 36.20
N LYS J 90 -11.86 102.22 36.76
CA LYS J 90 -12.28 102.68 38.09
C LYS J 90 -13.73 103.14 38.08
N LEU J 91 -14.04 104.11 37.23
CA LEU J 91 -15.39 104.69 37.15
C LEU J 91 -16.34 103.81 36.37
N ARG J 92 -15.76 103.03 35.46
CA ARG J 92 -16.49 102.15 34.54
C ARG J 92 -17.74 102.79 33.96
N VAL J 93 -17.55 103.90 33.25
CA VAL J 93 -18.67 104.63 32.69
C VAL J 93 -19.02 104.08 31.30
N ASP J 94 -20.28 103.67 31.14
CA ASP J 94 -20.77 103.07 29.91
C ASP J 94 -20.55 103.98 28.71
N PRO J 95 -19.98 103.44 27.62
CA PRO J 95 -19.66 104.22 26.43
C PRO J 95 -20.78 105.14 25.86
N VAL J 96 -22.07 104.82 26.03
CA VAL J 96 -23.13 105.70 25.52
C VAL J 96 -23.01 107.10 26.07
N ASN J 97 -22.48 107.25 27.26
CA ASN J 97 -22.47 108.55 27.91
C ASN J 97 -21.54 109.53 27.22
N PHE J 98 -20.49 109.00 26.60
CA PHE J 98 -19.50 109.85 25.95
C PHE J 98 -20.06 110.56 24.73
N LYS J 99 -20.97 109.93 24.00
CA LYS J 99 -21.60 110.62 22.89
C LYS J 99 -22.54 111.69 23.42
N LEU J 100 -23.11 111.44 24.60
CA LEU J 100 -23.95 112.44 25.29
C LEU J 100 -23.17 113.70 25.69
N LEU J 101 -22.09 113.54 26.47
CA LEU J 101 -21.23 114.67 26.80
C LEU J 101 -20.64 115.37 25.57
N SER J 102 -20.23 114.60 24.55
CA SER J 102 -19.67 115.17 23.30
C SER J 102 -20.69 116.07 22.64
N HIS J 103 -21.94 115.62 22.65
CA HIS J 103 -23.05 116.36 22.07
C HIS J 103 -23.24 117.70 22.79
N CYS J 104 -23.22 117.65 24.11
CA CYS J 104 -23.39 118.84 24.92
C CYS J 104 -22.24 119.81 24.74
N LEU J 105 -21.02 119.30 24.62
CA LEU J 105 -19.86 120.13 24.30
C LEU J 105 -20.09 120.85 22.99
N LEU J 106 -20.58 120.12 22.00
CA LEU J 106 -20.90 120.65 20.69
C LEU J 106 -22.00 121.72 20.77
N VAL J 107 -23.00 121.48 21.62
CA VAL J 107 -24.09 122.45 21.83
C VAL J 107 -23.60 123.77 22.42
N THR J 108 -22.74 123.68 23.43
CA THR J 108 -22.14 124.83 24.08
C THR J 108 -21.26 125.61 23.10
N LEU J 109 -20.45 124.87 22.35
CA LEU J 109 -19.55 125.44 21.34
C LEU J 109 -20.35 126.20 20.27
N ALA J 110 -21.38 125.56 19.71
CA ALA J 110 -22.25 126.21 18.74
C ALA J 110 -22.97 127.44 19.28
N ALA J 111 -23.48 127.37 20.52
CA ALA J 111 -24.16 128.52 21.14
C ALA J 111 -23.24 129.73 21.32
N HIS J 112 -22.03 129.48 21.81
CA HIS J 112 -21.06 130.51 22.10
C HIS J 112 -20.23 131.02 20.92
N HIS J 113 -20.15 130.24 19.85
CA HIS J 113 -19.36 130.67 18.69
C HIS J 113 -20.09 130.43 17.37
N PRO J 114 -21.27 131.06 17.20
CA PRO J 114 -22.12 130.71 16.06
C PRO J 114 -21.50 131.00 14.69
N ASP J 115 -20.60 131.97 14.62
CA ASP J 115 -20.01 132.32 13.34
C ASP J 115 -18.69 131.59 13.05
N ASP J 116 -18.18 130.89 14.05
CA ASP J 116 -17.00 130.03 13.86
C ASP J 116 -17.32 128.53 13.71
N PHE J 117 -18.60 128.21 13.83
CA PHE J 117 -19.17 126.86 13.86
C PHE J 117 -19.72 126.31 12.54
N ASN J 118 -19.08 126.59 11.42
CA ASN J 118 -19.53 126.08 10.12
C ASN J 118 -19.52 124.55 9.99
N PRO J 119 -20.28 123.98 9.02
CA PRO J 119 -20.43 122.52 9.00
C PRO J 119 -19.12 121.73 8.92
N SER J 120 -18.12 122.26 8.23
CA SER J 120 -16.81 121.60 8.21
C SER J 120 -16.19 121.51 9.61
N VAL J 121 -16.23 122.62 10.34
CA VAL J 121 -15.70 122.68 11.71
C VAL J 121 -16.53 121.81 12.66
N HIS J 122 -17.86 121.89 12.53
CA HIS J 122 -18.78 120.99 13.23
C HIS J 122 -18.33 119.54 13.04
N ALA J 123 -18.07 119.16 11.78
CA ALA J 123 -17.68 117.81 11.44
C ALA J 123 -16.36 117.42 12.08
N SER J 124 -15.39 118.33 12.02
CA SER J 124 -14.08 118.09 12.62
C SER J 124 -14.14 117.96 14.13
N LEU J 125 -14.92 118.82 14.79
CA LEU J 125 -15.02 118.78 16.25
C LEU J 125 -15.73 117.53 16.70
N ASP J 126 -16.72 117.11 15.90
CA ASP J 126 -17.48 115.90 16.23
C ASP J 126 -16.57 114.71 16.18
N LYS J 127 -15.70 114.68 15.17
CA LYS J 127 -14.80 113.55 15.00
C LYS J 127 -13.75 113.52 16.09
N PHE J 128 -13.27 114.70 16.47
CA PHE J 128 -12.31 114.86 17.56
C PHE J 128 -12.89 114.36 18.88
N LEU J 129 -14.09 114.83 19.22
CA LEU J 129 -14.76 114.37 20.42
C LEU J 129 -15.06 112.86 20.35
N ALA J 130 -15.40 112.38 19.16
CA ALA J 130 -15.56 110.94 18.92
C ALA J 130 -14.28 110.16 19.23
N ASN J 131 -13.15 110.67 18.72
CA ASN J 131 -11.85 110.06 18.98
C ASN J 131 -11.46 110.05 20.46
N VAL J 132 -11.73 111.14 21.17
CA VAL J 132 -11.52 111.19 22.61
C VAL J 132 -12.41 110.13 23.26
N SER J 133 -13.70 110.14 22.91
CA SER J 133 -14.65 109.14 23.39
C SER J 133 -14.14 107.72 23.21
N THR J 134 -13.55 107.43 22.04
CA THR J 134 -13.02 106.09 21.81
C THR J 134 -11.84 105.76 22.74
N VAL J 135 -10.88 106.69 22.83
CA VAL J 135 -9.69 106.49 23.67
C VAL J 135 -10.10 106.24 25.12
N LEU J 136 -11.10 106.98 25.58
CA LEU J 136 -11.60 106.85 26.94
C LEU J 136 -12.49 105.61 27.13
N THR J 137 -13.08 105.07 26.07
CA THR J 137 -13.87 103.84 26.20
C THR J 137 -13.27 102.51 25.75
N SER J 138 -12.08 102.53 25.15
CA SER J 138 -11.63 101.33 24.45
C SER J 138 -11.20 100.20 25.39
N LYS J 139 -10.97 100.54 26.66
CA LYS J 139 -10.58 99.55 27.65
C LYS J 139 -11.75 99.02 28.46
N TYR J 140 -12.96 99.48 28.13
CA TYR J 140 -14.17 99.06 28.84
C TYR J 140 -14.41 97.55 28.72
N ARG J 141 -14.52 96.85 29.85
CA ARG J 141 -14.55 95.38 29.82
C ARG J 141 -15.78 94.81 30.45
N VAL K 1 -44.98 112.83 24.78
CA VAL K 1 -43.98 112.57 25.79
C VAL K 1 -44.23 113.41 27.05
N HIS K 2 -43.68 112.96 28.18
CA HIS K 2 -43.95 113.64 29.44
C HIS K 2 -43.19 114.97 29.47
N LEU K 3 -43.93 116.07 29.60
CA LEU K 3 -43.34 117.41 29.54
C LEU K 3 -44.07 118.35 30.49
N SER K 4 -43.31 119.18 31.22
CA SER K 4 -43.87 120.10 32.22
C SER K 4 -44.55 121.33 31.64
N ALA K 5 -45.37 122.00 32.47
CA ALA K 5 -46.11 123.20 32.08
C ALA K 5 -45.19 124.37 31.69
N GLU K 6 -44.06 124.48 32.39
CA GLU K 6 -43.05 125.49 32.08
C GLU K 6 -42.15 125.06 30.91
N GLU K 7 -41.97 123.75 30.75
CA GLU K 7 -41.19 123.20 29.65
C GLU K 7 -41.92 123.30 28.32
N LYS K 8 -43.24 123.41 28.38
CA LYS K 8 -44.05 123.62 27.18
C LYS K 8 -44.01 125.09 26.75
N GLU K 9 -43.77 125.98 27.71
CA GLU K 9 -43.62 127.41 27.44
C GLU K 9 -42.23 127.79 26.93
N ALA K 10 -41.24 126.96 27.29
CA ALA K 10 -39.86 127.18 26.84
C ALA K 10 -39.62 126.66 25.41
N VAL K 11 -40.19 125.51 25.08
CA VAL K 11 -40.08 124.94 23.74
C VAL K 11 -40.94 125.71 22.71
N LEU K 12 -42.24 125.83 22.99
CA LEU K 12 -43.19 126.51 22.11
C LEU K 12 -42.76 127.94 21.80
N GLY K 13 -42.35 128.67 22.83
CA GLY K 13 -41.99 130.06 22.73
C GLY K 13 -40.63 130.35 22.08
N LEU K 14 -39.67 129.46 22.30
CA LEU K 14 -38.38 129.59 21.63
C LEU K 14 -38.53 129.19 20.16
N TRP K 15 -39.53 128.36 19.88
CA TRP K 15 -39.79 127.87 18.52
C TRP K 15 -40.26 128.99 17.59
N GLY K 16 -40.95 129.99 18.13
CA GLY K 16 -41.41 131.12 17.35
C GLY K 16 -40.29 132.11 17.06
N LYS K 17 -39.22 132.03 17.84
CA LYS K 17 -38.06 132.88 17.66
C LYS K 17 -37.02 132.24 16.73
N VAL K 18 -37.36 131.09 16.15
CA VAL K 18 -36.48 130.44 15.17
C VAL K 18 -37.13 130.36 13.79
N ASN K 19 -36.29 130.30 12.75
CA ASN K 19 -36.78 130.13 11.40
C ASN K 19 -36.73 128.63 11.08
N VAL K 20 -37.89 127.98 11.01
CA VAL K 20 -37.93 126.50 10.95
C VAL K 20 -37.46 125.95 9.61
N ASP K 21 -37.71 126.71 8.54
CA ASP K 21 -37.32 126.29 7.20
C ASP K 21 -35.79 126.36 7.05
N GLU K 22 -35.17 127.31 7.76
CA GLU K 22 -33.72 127.47 7.73
C GLU K 22 -32.92 126.44 8.56
N VAL K 23 -33.31 126.21 9.81
CA VAL K 23 -32.58 125.24 10.66
C VAL K 23 -32.71 123.82 10.11
N GLY K 24 -33.74 123.58 9.30
CA GLY K 24 -33.95 122.27 8.69
C GLY K 24 -33.03 122.00 7.53
N GLY K 25 -32.83 123.01 6.69
CA GLY K 25 -31.89 122.92 5.58
C GLY K 25 -30.47 122.88 6.09
N GLU K 26 -30.25 123.37 7.29
CA GLU K 26 -28.94 123.26 7.91
C GLU K 26 -28.81 121.91 8.65
N ALA K 27 -29.88 121.48 9.34
CA ALA K 27 -29.85 120.22 10.10
C ALA K 27 -29.68 119.00 9.24
N LEU K 28 -30.30 119.01 8.05
CA LEU K 28 -30.19 117.91 7.11
C LEU K 28 -28.85 117.94 6.39
N GLY K 29 -28.41 119.14 6.02
CA GLY K 29 -27.10 119.33 5.45
C GLY K 29 -26.02 118.87 6.41
N ARG K 30 -26.12 119.30 7.67
CA ARG K 30 -25.14 118.93 8.70
C ARG K 30 -25.08 117.40 8.95
N LEU K 31 -26.25 116.77 9.12
CA LEU K 31 -26.31 115.31 9.27
C LEU K 31 -25.67 114.60 8.08
N LEU K 32 -25.80 115.19 6.89
CA LEU K 32 -25.16 114.62 5.70
C LEU K 32 -23.64 114.76 5.77
N VAL K 33 -23.16 115.86 6.36
CA VAL K 33 -21.72 116.13 6.48
C VAL K 33 -20.99 115.39 7.63
N VAL K 34 -21.56 115.41 8.83
CA VAL K 34 -20.92 114.83 10.04
C VAL K 34 -21.09 113.30 10.14
N TYR K 35 -22.19 112.79 9.59
CA TYR K 35 -22.46 111.36 9.56
C TYR K 35 -22.70 110.96 8.11
N PRO K 36 -21.61 110.69 7.37
CA PRO K 36 -21.63 110.56 5.90
C PRO K 36 -22.50 109.41 5.34
N TRP K 37 -22.73 108.33 6.11
CA TRP K 37 -23.51 107.20 5.59
C TRP K 37 -24.94 107.58 5.27
N THR K 38 -25.44 108.58 5.99
CA THR K 38 -26.78 109.10 5.77
C THR K 38 -27.00 109.48 4.29
N GLN K 39 -25.91 109.78 3.60
CA GLN K 39 -25.93 110.19 2.19
C GLN K 39 -26.49 109.11 1.26
N ARG K 40 -26.27 107.83 1.62
CA ARG K 40 -26.71 106.72 0.77
C ARG K 40 -28.21 106.80 0.43
N PHE K 41 -29.02 107.24 1.38
CA PHE K 41 -30.47 107.33 1.19
C PHE K 41 -30.81 108.45 0.21
N PHE K 42 -29.89 109.38 0.08
CA PHE K 42 -30.10 110.59 -0.70
C PHE K 42 -29.57 110.64 -2.14
N GLU K 43 -29.11 109.51 -2.67
CA GLU K 43 -28.40 109.47 -3.95
C GLU K 43 -29.10 110.29 -5.05
N SER K 44 -30.42 110.36 -4.98
CA SER K 44 -31.22 111.11 -5.95
C SER K 44 -31.15 112.65 -5.83
N PHE K 45 -30.39 113.15 -4.85
CA PHE K 45 -30.33 114.59 -4.56
C PHE K 45 -29.23 115.41 -5.25
N GLY K 46 -28.44 114.79 -6.13
CA GLY K 46 -27.37 115.51 -6.80
C GLY K 46 -26.03 115.38 -6.10
N ASP K 47 -25.16 116.37 -6.27
CA ASP K 47 -23.78 116.23 -5.80
C ASP K 47 -23.70 116.44 -4.27
N LEU K 48 -23.36 115.35 -3.58
CA LEU K 48 -23.09 115.36 -2.14
C LEU K 48 -21.58 115.30 -1.77
N SER K 49 -20.72 115.26 -2.80
CA SER K 49 -19.30 114.90 -2.65
C SER K 49 -18.46 115.63 -1.59
N ASN K 50 -18.62 116.96 -1.48
CA ASN K 50 -17.94 117.75 -0.44
C ASN K 50 -18.92 118.63 0.32
N ALA K 51 -18.43 119.36 1.32
CA ALA K 51 -19.28 120.07 2.27
C ALA K 51 -20.02 121.29 1.71
N ASP K 52 -19.38 122.02 0.81
CA ASP K 52 -20.03 123.15 0.14
C ASP K 52 -21.13 122.64 -0.79
N ALA K 53 -20.90 121.46 -1.37
CA ALA K 53 -21.88 120.83 -2.25
C ALA K 53 -23.14 120.47 -1.49
N VAL K 54 -22.97 119.83 -0.33
CA VAL K 54 -24.10 119.41 0.51
C VAL K 54 -24.95 120.56 1.04
N MET K 55 -24.30 121.60 1.54
CA MET K 55 -25.03 122.75 2.07
C MET K 55 -25.71 123.53 0.95
N GLY K 56 -24.96 123.73 -0.14
CA GLY K 56 -25.45 124.50 -1.27
C GLY K 56 -26.51 123.78 -2.08
N ASN K 57 -26.58 122.46 -1.94
CA ASN K 57 -27.59 121.66 -2.61
C ASN K 57 -29.00 122.19 -2.32
N PRO K 58 -29.76 122.50 -3.38
CA PRO K 58 -31.15 122.96 -3.33
C PRO K 58 -32.14 121.89 -2.84
N LYS K 59 -31.89 120.62 -3.15
CA LYS K 59 -32.78 119.53 -2.74
C LYS K 59 -32.59 119.12 -1.27
N VAL K 60 -31.39 119.39 -0.73
CA VAL K 60 -31.13 119.19 0.70
C VAL K 60 -31.81 120.29 1.51
N LYS K 61 -31.71 121.52 1.00
CA LYS K 61 -32.43 122.67 1.57
C LYS K 61 -33.93 122.44 1.62
N ALA K 62 -34.49 122.05 0.47
CA ALA K 62 -35.93 121.86 0.30
C ALA K 62 -36.48 120.72 1.13
N HIS K 63 -35.79 119.58 1.10
CA HIS K 63 -36.20 118.43 1.92
C HIS K 63 -36.05 118.80 3.39
N GLY K 64 -35.03 119.60 3.69
CA GLY K 64 -34.74 120.04 5.04
C GLY K 64 -35.88 120.79 5.70
N LYS K 65 -36.61 121.59 4.91
CA LYS K 65 -37.78 122.30 5.41
C LYS K 65 -38.94 121.34 5.72
N LYS K 66 -38.96 120.22 4.99
CA LYS K 66 -40.07 119.26 5.04
C LYS K 66 -40.10 118.45 6.34
N VAL K 67 -38.93 117.96 6.76
CA VAL K 67 -38.78 117.21 8.01
C VAL K 67 -38.86 118.11 9.24
N LEU K 68 -38.38 119.35 9.12
CA LEU K 68 -38.43 120.31 10.23
C LEU K 68 -39.81 120.96 10.37
N GLN K 69 -40.61 120.96 9.31
CA GLN K 69 -41.99 121.39 9.41
C GLN K 69 -42.88 120.20 9.74
N SER K 70 -42.28 119.01 9.70
CA SER K 70 -42.89 117.81 10.26
C SER K 70 -42.69 117.82 11.78
N PHE K 71 -41.60 118.44 12.21
CA PHE K 71 -41.29 118.65 13.63
C PHE K 71 -42.24 119.71 14.21
N SER K 72 -42.60 120.71 13.41
CA SER K 72 -43.58 121.75 13.82
C SER K 72 -44.96 121.13 14.08
N ASP K 73 -45.28 120.09 13.31
CA ASP K 73 -46.52 119.31 13.44
C ASP K 73 -46.51 118.43 14.70
N GLY K 74 -45.30 118.12 15.18
CA GLY K 74 -45.13 117.33 16.38
C GLY K 74 -45.29 118.15 17.66
N LEU K 75 -44.83 119.40 17.64
CA LEU K 75 -44.98 120.29 18.79
C LEU K 75 -46.46 120.60 19.02
N LYS K 76 -47.24 120.55 17.94
CA LYS K 76 -48.69 120.75 18.00
C LYS K 76 -49.35 119.71 18.90
N HIS K 77 -49.11 118.43 18.61
CA HIS K 77 -49.57 117.36 19.48
C HIS K 77 -48.38 116.66 20.14
N LEU K 78 -48.15 116.97 21.41
CA LEU K 78 -47.14 116.29 22.21
C LEU K 78 -47.69 115.01 22.84
N ASP K 79 -48.95 115.06 23.27
CA ASP K 79 -49.56 113.93 23.97
C ASP K 79 -49.76 112.70 23.07
N ASN K 80 -50.26 112.90 21.85
CA ASN K 80 -50.22 111.81 20.89
C ASN K 80 -49.07 112.09 19.92
N LEU K 81 -47.92 111.48 20.21
CA LEU K 81 -46.74 111.52 19.34
C LEU K 81 -46.70 110.40 18.30
N LYS K 82 -47.05 109.20 18.76
CA LYS K 82 -46.88 107.97 17.98
C LYS K 82 -47.85 107.88 16.81
N GLY K 83 -48.99 108.55 16.93
CA GLY K 83 -49.98 108.57 15.86
C GLY K 83 -49.71 109.66 14.82
N THR K 84 -49.09 110.75 15.27
CA THR K 84 -48.75 111.86 14.40
C THR K 84 -47.75 111.43 13.33
N PHE K 85 -46.70 110.75 13.75
CA PHE K 85 -45.68 110.22 12.84
C PHE K 85 -46.00 108.79 12.37
N ALA K 86 -47.17 108.28 12.77
CA ALA K 86 -47.56 106.90 12.47
C ALA K 86 -47.44 106.54 10.98
N LYS K 87 -47.68 107.52 10.13
CA LYS K 87 -47.55 107.34 8.68
C LYS K 87 -46.07 107.38 8.26
N LEU K 88 -45.34 108.35 8.79
CA LEU K 88 -43.93 108.56 8.48
C LEU K 88 -43.04 107.43 8.98
N SER K 89 -43.46 106.75 10.04
CA SER K 89 -42.69 105.63 10.58
C SER K 89 -42.82 104.43 9.68
N GLU K 90 -43.98 104.29 9.06
CA GLU K 90 -44.20 103.23 8.10
C GLU K 90 -43.33 103.48 6.88
N LEU K 91 -43.29 104.73 6.43
CA LEU K 91 -42.46 105.10 5.30
C LEU K 91 -40.98 104.84 5.60
N HIS K 92 -40.52 105.25 6.77
CA HIS K 92 -39.10 105.13 7.10
C HIS K 92 -38.63 103.70 7.40
N CYS K 93 -39.52 102.87 7.91
CA CYS K 93 -39.13 101.50 8.25
C CYS K 93 -39.23 100.55 7.06
N ASP K 94 -40.45 100.34 6.57
CA ASP K 94 -40.73 99.27 5.63
C ASP K 94 -40.45 99.66 4.18
N GLN K 95 -40.08 100.93 3.98
CA GLN K 95 -39.79 101.47 2.66
C GLN K 95 -38.31 101.89 2.52
N LEU K 96 -37.89 102.86 3.32
CA LEU K 96 -36.51 103.37 3.28
C LEU K 96 -35.46 102.56 4.07
N HIS K 97 -35.91 101.78 5.05
CA HIS K 97 -35.03 100.92 5.89
C HIS K 97 -33.99 101.67 6.80
N VAL K 98 -34.39 102.80 7.43
CA VAL K 98 -33.46 103.66 8.16
C VAL K 98 -33.27 103.21 9.60
N ASP K 99 -32.06 102.82 9.98
CA ASP K 99 -31.74 102.47 11.41
C ASP K 99 -32.09 103.62 12.40
N PRO K 100 -32.90 103.28 13.43
CA PRO K 100 -33.45 104.18 14.46
C PRO K 100 -32.40 105.08 15.08
N GLU K 101 -31.13 104.64 15.00
N GLU K 101 -31.14 104.69 15.00
CA GLU K 101 -29.98 105.41 15.47
CA GLU K 101 -30.10 105.50 15.58
C GLU K 101 -29.87 106.70 14.69
C GLU K 101 -29.70 106.64 14.64
N ASN K 102 -30.26 106.66 13.43
CA ASN K 102 -30.09 107.79 12.51
C ASN K 102 -31.10 108.93 12.77
N PHE K 103 -32.24 108.58 13.40
CA PHE K 103 -33.24 109.56 13.87
C PHE K 103 -32.71 110.26 15.10
N ARG K 104 -32.13 109.46 16.00
CA ARG K 104 -31.45 109.98 17.18
C ARG K 104 -30.29 110.92 16.81
N LEU K 105 -29.67 110.67 15.65
CA LEU K 105 -28.57 111.50 15.17
C LEU K 105 -29.08 112.83 14.65
N LEU K 106 -30.13 112.80 13.83
CA LEU K 106 -30.72 114.02 13.28
C LEU K 106 -31.36 114.92 14.36
N GLY K 107 -31.94 114.28 15.38
CA GLY K 107 -32.53 114.99 16.50
C GLY K 107 -31.50 115.81 17.24
N ASN K 108 -30.34 115.21 17.50
CA ASN K 108 -29.23 115.91 18.18
C ASN K 108 -28.56 117.01 17.35
N VAL K 109 -28.46 116.81 16.04
CA VAL K 109 -27.90 117.83 15.15
C VAL K 109 -28.84 119.05 15.11
N ILE K 110 -30.15 118.80 15.16
CA ILE K 110 -31.15 119.87 15.23
C ILE K 110 -30.97 120.72 16.49
N VAL K 111 -30.57 120.07 17.59
CA VAL K 111 -30.29 120.77 18.85
C VAL K 111 -29.04 121.66 18.80
N VAL K 112 -27.92 121.18 18.24
CA VAL K 112 -26.74 122.04 18.12
C VAL K 112 -26.98 123.21 17.16
N VAL K 113 -27.85 123.03 16.17
CA VAL K 113 -28.19 124.15 15.27
C VAL K 113 -29.12 125.16 15.95
N LEU K 114 -30.04 124.67 16.79
CA LEU K 114 -30.86 125.55 17.61
C LEU K 114 -29.95 126.29 18.59
N ALA K 115 -28.98 125.55 19.15
CA ALA K 115 -27.97 126.15 20.02
C ALA K 115 -27.22 127.24 19.26
N ARG K 116 -26.66 126.88 18.11
CA ARG K 116 -25.93 127.81 17.27
C ARG K 116 -26.73 129.09 16.97
N ARG K 117 -27.98 128.90 16.57
CA ARG K 117 -28.81 129.99 16.08
C ARG K 117 -29.35 130.90 17.20
N LEU K 118 -29.86 130.31 18.27
CA LEU K 118 -30.40 131.09 19.40
C LEU K 118 -29.35 131.53 20.42
N GLY K 119 -28.21 130.85 20.45
CA GLY K 119 -27.13 131.23 21.36
C GLY K 119 -27.48 131.20 22.83
N HIS K 120 -27.33 132.35 23.49
CA HIS K 120 -27.64 132.53 24.91
C HIS K 120 -29.07 132.12 25.28
N ASP K 121 -30.02 132.42 24.39
CA ASP K 121 -31.44 132.07 24.61
C ASP K 121 -31.67 130.55 24.72
N PHE K 122 -30.73 129.75 24.21
CA PHE K 122 -30.81 128.31 24.39
C PHE K 122 -29.84 128.05 25.55
N ASN K 123 -30.40 128.08 26.76
CA ASN K 123 -29.69 127.79 28.01
C ASN K 123 -29.92 126.35 28.43
N PRO K 124 -29.07 125.79 29.31
CA PRO K 124 -29.17 124.36 29.66
C PRO K 124 -30.56 123.84 30.07
N ASN K 125 -31.46 124.72 30.50
CA ASN K 125 -32.84 124.34 30.82
C ASN K 125 -33.79 124.17 29.60
N VAL K 126 -33.62 125.01 28.58
CA VAL K 126 -34.36 124.85 27.33
C VAL K 126 -33.79 123.69 26.51
N GLN K 127 -32.48 123.48 26.62
CA GLN K 127 -31.80 122.34 25.98
C GLN K 127 -32.36 120.98 26.42
N ALA K 128 -32.59 120.81 27.72
CA ALA K 128 -33.10 119.55 28.27
C ALA K 128 -34.56 119.34 27.92
N ALA K 129 -35.27 120.44 27.75
CA ALA K 129 -36.67 120.42 27.32
C ALA K 129 -36.73 119.97 25.86
N PHE K 130 -35.81 120.48 25.07
CA PHE K 130 -35.69 120.10 23.66
C PHE K 130 -35.16 118.67 23.46
N GLN K 131 -34.46 118.12 24.45
CA GLN K 131 -33.98 116.74 24.35
C GLN K 131 -35.11 115.73 24.65
N LYS K 132 -36.12 116.19 25.38
CA LYS K 132 -37.36 115.45 25.58
C LYS K 132 -38.20 115.46 24.30
N VAL K 133 -38.20 116.60 23.63
CA VAL K 133 -38.86 116.77 22.33
C VAL K 133 -38.22 115.90 21.22
N VAL K 134 -36.90 116.05 20.99
CA VAL K 134 -36.20 115.32 19.90
C VAL K 134 -36.16 113.81 20.09
N ALA K 135 -36.16 113.35 21.34
CA ALA K 135 -36.18 111.91 21.62
C ALA K 135 -37.60 111.38 21.52
N GLY K 136 -38.57 112.31 21.60
CA GLY K 136 -39.97 111.95 21.48
C GLY K 136 -40.36 111.63 20.06
N VAL K 137 -39.89 112.45 19.12
CA VAL K 137 -40.21 112.22 17.71
C VAL K 137 -39.35 111.10 17.13
N ALA K 138 -38.21 110.82 17.76
CA ALA K 138 -37.33 109.74 17.32
C ALA K 138 -37.91 108.37 17.65
N ASN K 139 -38.36 108.20 18.89
CA ASN K 139 -39.03 106.97 19.31
C ASN K 139 -40.37 106.78 18.60
N ALA K 140 -40.98 107.89 18.19
CA ALA K 140 -42.24 107.84 17.46
C ALA K 140 -42.01 107.25 16.07
N LEU K 141 -40.91 107.66 15.42
CA LEU K 141 -40.56 107.19 14.09
C LEU K 141 -40.04 105.74 14.08
N ALA K 142 -39.55 105.31 15.23
CA ALA K 142 -39.04 103.96 15.41
C ALA K 142 -40.14 103.02 15.91
N HIS K 143 -41.37 103.51 15.95
CA HIS K 143 -42.49 102.75 16.52
C HIS K 143 -43.03 101.63 15.61
N LYS K 144 -42.96 101.81 14.30
CA LYS K 144 -43.51 100.83 13.34
C LYS K 144 -42.46 99.77 13.09
N TYR K 145 -41.41 99.82 13.92
CA TYR K 145 -40.15 99.19 13.61
C TYR K 145 -39.96 97.84 14.27
N HIS K 146 -41.07 97.19 14.62
CA HIS K 146 -41.20 95.81 15.11
C HIS K 146 -41.63 95.90 16.56
N CYS L 33 -47.18 49.67 4.50
CA CYS L 33 -46.07 49.64 3.55
C CYS L 33 -46.57 49.54 2.10
N PRO L 34 -45.98 50.31 1.15
CA PRO L 34 -46.63 50.49 -0.15
C PRO L 34 -46.79 49.23 -0.98
N LYS L 35 -47.50 49.40 -2.10
CA LYS L 35 -48.37 48.38 -2.64
C LYS L 35 -48.24 48.38 -4.15
N PRO L 36 -47.08 47.92 -4.67
CA PRO L 36 -46.85 48.06 -6.11
C PRO L 36 -47.69 47.05 -6.89
N PRO L 37 -48.13 47.45 -8.09
CA PRO L 37 -49.06 46.67 -8.90
C PRO L 37 -48.43 45.35 -9.36
N GLU L 38 -49.26 44.36 -9.67
CA GLU L 38 -48.73 43.06 -10.00
C GLU L 38 -48.60 42.81 -11.48
N ILE L 39 -47.48 42.22 -11.84
CA ILE L 39 -47.24 41.68 -13.19
C ILE L 39 -47.59 40.17 -13.30
N PRO L 40 -48.20 39.77 -14.40
CA PRO L 40 -48.31 38.31 -14.54
C PRO L 40 -46.94 37.68 -14.88
N LYS L 41 -46.63 36.55 -14.25
CA LYS L 41 -45.33 35.87 -14.42
C LYS L 41 -44.11 36.71 -14.01
N GLY L 42 -44.26 37.66 -13.10
CA GLY L 42 -43.11 38.43 -12.66
C GLY L 42 -43.20 38.94 -11.23
N TYR L 43 -42.04 39.26 -10.66
CA TYR L 43 -41.99 39.67 -9.26
C TYR L 43 -41.29 41.03 -9.07
N VAL L 44 -41.56 41.70 -7.97
CA VAL L 44 -40.93 42.98 -7.73
C VAL L 44 -39.66 42.87 -6.89
N GLU L 45 -38.70 43.75 -7.19
CA GLU L 45 -37.56 44.00 -6.32
C GLU L 45 -37.69 45.41 -5.73
N HIS L 46 -37.85 45.51 -4.40
CA HIS L 46 -38.09 46.82 -3.77
C HIS L 46 -36.84 47.70 -3.62
N MET L 47 -37.04 49.00 -3.83
CA MET L 47 -35.98 49.97 -3.60
C MET L 47 -36.58 51.20 -2.94
N VAL L 48 -35.69 52.00 -2.36
CA VAL L 48 -36.02 53.36 -1.86
C VAL L 48 -34.88 54.34 -2.20
N ARG L 49 -35.24 55.57 -2.56
CA ARG L 49 -34.25 56.64 -2.66
C ARG L 49 -34.49 57.58 -1.51
N TYR L 50 -33.44 57.87 -0.74
CA TYR L 50 -33.51 58.90 0.31
C TYR L 50 -33.39 60.31 -0.25
N HIS L 51 -34.22 61.21 0.26
CA HIS L 51 -34.15 62.62 -0.08
C HIS L 51 -34.08 63.45 1.19
N CYS L 52 -33.70 64.72 1.07
CA CYS L 52 -33.61 65.57 2.25
C CYS L 52 -34.63 66.70 2.34
N GLN L 53 -35.04 67.01 3.57
CA GLN L 53 -35.90 68.12 3.86
C GLN L 53 -35.20 69.36 3.28
N THR L 54 -35.94 70.34 2.77
CA THR L 54 -35.30 71.51 2.18
C THR L 54 -34.48 72.34 3.18
N TYR L 55 -33.48 73.03 2.66
CA TYR L 55 -32.35 73.58 3.43
C TYR L 55 -31.32 72.54 3.90
N TYR L 56 -31.59 71.26 3.63
CA TYR L 56 -30.69 70.18 4.02
C TYR L 56 -30.22 69.40 2.78
N LYS L 57 -29.21 68.57 2.97
CA LYS L 57 -28.53 67.96 1.85
C LYS L 57 -28.05 66.58 2.25
N LEU L 58 -28.13 65.63 1.33
CA LEU L 58 -27.76 64.24 1.60
C LEU L 58 -26.29 64.08 1.84
N ARG L 59 -25.89 63.48 2.94
CA ARG L 59 -24.49 63.14 3.09
C ARG L 59 -24.28 61.63 3.18
N THR L 60 -23.76 61.04 2.11
CA THR L 60 -23.36 59.64 2.12
C THR L 60 -22.43 59.37 0.94
N ALA L 61 -21.62 58.31 1.05
CA ALA L 61 -20.63 57.96 0.03
C ALA L 61 -21.25 57.56 -1.32
N GLY L 62 -22.27 56.70 -1.30
CA GLY L 62 -22.92 56.27 -2.52
C GLY L 62 -24.23 57.00 -2.72
N ASP L 63 -24.95 56.65 -3.77
CA ASP L 63 -26.23 57.30 -4.10
C ASP L 63 -27.24 57.03 -3.02
N GLY L 64 -28.32 57.79 -3.01
CA GLY L 64 -29.31 57.61 -1.96
C GLY L 64 -30.14 56.31 -2.01
N VAL L 65 -29.71 55.32 -2.80
CA VAL L 65 -30.61 54.23 -3.18
C VAL L 65 -30.32 52.86 -2.57
N TYR L 66 -31.31 52.34 -1.83
CA TYR L 66 -31.17 51.13 -1.06
C TYR L 66 -32.18 50.13 -1.57
N THR L 67 -31.69 48.97 -1.95
CA THR L 67 -32.57 47.93 -2.42
C THR L 67 -32.68 46.84 -1.34
N LEU L 68 -33.83 46.18 -1.27
CA LEU L 68 -34.10 45.16 -0.25
C LEU L 68 -33.43 43.81 -0.52
N ASP L 69 -32.68 43.33 0.47
CA ASP L 69 -31.96 42.06 0.42
C ASP L 69 -32.90 40.88 0.41
N SER L 70 -32.37 39.73 -0.01
CA SER L 70 -33.01 38.46 0.26
C SER L 70 -32.73 38.09 1.72
N ASN L 71 -31.81 38.85 2.32
CA ASN L 71 -31.53 38.80 3.74
C ASN L 71 -32.43 39.75 4.52
N LYS L 72 -33.39 40.35 3.81
CA LYS L 72 -34.43 41.20 4.43
C LYS L 72 -33.98 42.61 4.83
N GLN L 73 -32.73 42.97 4.50
CA GLN L 73 -32.16 44.25 4.88
C GLN L 73 -31.88 45.22 3.73
N TRP L 74 -32.09 46.50 3.98
CA TRP L 74 -31.90 47.52 2.96
C TRP L 74 -30.44 47.80 2.73
N THR L 75 -30.01 47.70 1.47
CA THR L 75 -28.59 47.77 1.16
C THR L 75 -28.25 48.73 0.02
N ASN L 76 -27.11 49.40 0.15
CA ASN L 76 -26.58 50.25 -0.91
C ASN L 76 -25.35 49.58 -1.49
N LYS L 77 -25.16 49.71 -2.81
CA LYS L 77 -24.04 49.04 -3.47
C LYS L 77 -22.70 49.46 -2.83
N VAL L 78 -22.53 50.76 -2.59
CA VAL L 78 -21.38 51.30 -1.85
C VAL L 78 -21.44 51.36 -0.29
N THR L 79 -22.58 51.77 0.30
CA THR L 79 -22.65 51.88 1.77
C THR L 79 -23.24 50.72 2.58
N GLY L 80 -23.88 49.75 1.94
CA GLY L 80 -24.20 48.48 2.61
C GLY L 80 -25.00 48.53 3.91
N GLU L 81 -26.20 49.08 3.86
CA GLU L 81 -27.10 49.21 5.03
C GLU L 81 -26.76 50.38 5.93
N LYS L 82 -25.56 50.94 5.77
CA LYS L 82 -25.26 52.20 6.42
C LYS L 82 -26.09 53.26 5.71
N LEU L 83 -26.92 53.95 6.49
CA LEU L 83 -27.88 54.89 5.91
C LEU L 83 -27.25 56.23 5.52
N PRO L 84 -27.97 57.04 4.73
CA PRO L 84 -27.43 58.38 4.49
C PRO L 84 -27.78 59.32 5.64
N GLU L 85 -27.27 60.54 5.56
CA GLU L 85 -27.40 61.46 6.68
C GLU L 85 -27.86 62.79 6.11
N CYS L 86 -28.62 63.54 6.87
CA CYS L 86 -29.04 64.86 6.42
C CYS L 86 -28.34 65.99 7.17
N GLU L 87 -27.56 66.79 6.44
CA GLU L 87 -26.91 67.91 7.05
C GLU L 87 -27.29 69.21 6.34
N ALA L 88 -27.24 70.31 7.09
CA ALA L 88 -27.70 71.60 6.61
C ALA L 88 -26.88 72.16 5.43
N VAL L 89 -27.58 72.59 4.38
CA VAL L 89 -26.94 73.35 3.32
C VAL L 89 -26.43 74.62 3.97
N CYS L 90 -25.16 74.94 3.73
CA CYS L 90 -24.57 76.12 4.35
C CYS L 90 -24.29 77.19 3.30
N GLY L 91 -24.27 78.46 3.72
CA GLY L 91 -23.84 79.55 2.87
C GLY L 91 -24.76 79.85 1.68
N LYS L 92 -26.05 79.58 1.85
CA LYS L 92 -27.01 79.83 0.79
C LYS L 92 -28.27 80.42 1.39
N PRO L 93 -28.26 81.74 1.65
CA PRO L 93 -29.40 82.39 2.31
C PRO L 93 -30.63 82.34 1.41
N LYS L 94 -31.82 82.25 1.99
CA LYS L 94 -33.04 82.24 1.19
C LYS L 94 -33.18 83.58 0.48
N ASN L 95 -32.81 84.66 1.17
CA ASN L 95 -32.96 85.98 0.62
C ASN L 95 -31.68 86.78 0.72
N PRO L 96 -30.77 86.60 -0.24
CA PRO L 96 -29.48 87.31 -0.26
C PRO L 96 -29.65 88.82 -0.37
N VAL L 97 -28.54 89.56 -0.34
CA VAL L 97 -28.59 91.02 -0.49
C VAL L 97 -28.57 91.46 -1.95
N ILE L 103 -21.75 98.48 14.52
CA ILE L 103 -21.52 99.16 13.25
C ILE L 103 -22.02 100.59 13.34
N MET L 104 -21.12 101.56 13.15
CA MET L 104 -21.50 102.96 13.30
C MET L 104 -22.39 103.40 12.14
N GLY L 105 -21.96 103.13 10.93
CA GLY L 105 -22.85 103.37 9.81
C GLY L 105 -24.01 102.39 9.57
N GLY L 106 -24.52 102.44 8.35
CA GLY L 106 -25.84 102.00 8.01
C GLY L 106 -25.98 100.65 7.39
N SER L 107 -26.97 100.54 6.50
CA SER L 107 -27.52 99.27 5.98
C SER L 107 -28.20 98.32 6.98
N LEU L 108 -29.41 98.68 7.35
CA LEU L 108 -30.31 97.82 8.10
C LEU L 108 -30.52 96.49 7.36
N ASP L 109 -30.51 95.36 8.06
CA ASP L 109 -30.71 94.10 7.36
C ASP L 109 -32.21 93.84 7.31
N ALA L 110 -32.78 94.14 6.15
CA ALA L 110 -34.22 94.15 6.01
C ALA L 110 -34.76 92.77 5.72
N LYS L 111 -34.04 92.03 4.87
CA LYS L 111 -34.51 90.75 4.35
C LYS L 111 -34.11 89.56 5.22
N GLY L 112 -33.30 89.81 6.26
CA GLY L 112 -32.71 88.71 6.99
C GLY L 112 -31.70 87.95 6.13
N SER L 113 -30.68 88.67 5.66
CA SER L 113 -29.75 88.16 4.64
C SER L 113 -28.50 87.57 5.26
N PHE L 114 -28.47 87.56 6.59
CA PHE L 114 -27.31 87.05 7.30
C PHE L 114 -27.70 86.03 8.35
N PRO L 115 -28.17 84.85 7.89
CA PRO L 115 -28.75 83.78 8.71
C PRO L 115 -27.74 83.23 9.67
N TRP L 116 -26.46 83.35 9.34
CA TRP L 116 -25.39 82.79 10.17
C TRP L 116 -25.01 83.66 11.37
N GLN L 117 -25.48 84.90 11.41
CA GLN L 117 -25.15 85.83 12.50
C GLN L 117 -25.80 85.46 13.84
N ALA L 118 -25.00 85.36 14.89
CA ALA L 118 -25.58 85.17 16.21
C ALA L 118 -25.22 86.32 17.15
N LYS L 119 -26.10 86.61 18.11
CA LYS L 119 -25.84 87.65 19.10
C LYS L 119 -25.50 87.02 20.44
N MET L 120 -24.36 87.40 21.00
CA MET L 120 -23.93 86.85 22.29
C MET L 120 -23.86 87.92 23.40
N ILE L 121 -24.40 87.60 24.57
CA ILE L 121 -24.45 88.54 25.68
C ILE L 121 -23.78 88.02 26.96
N SER L 122 -22.81 88.80 27.44
CA SER L 122 -22.09 88.48 28.67
C SER L 122 -22.98 88.58 29.91
N HIS L 123 -22.56 87.95 31.01
CA HIS L 123 -23.35 88.01 32.25
C HIS L 123 -23.56 89.44 32.70
N HIS L 124 -22.59 90.30 32.39
CA HIS L 124 -22.67 91.71 32.74
C HIS L 124 -23.27 92.60 31.63
N ASN L 125 -23.95 91.94 30.69
CA ASN L 125 -24.78 92.58 29.68
C ASN L 125 -24.09 93.34 28.54
N LEU L 126 -22.94 92.85 28.10
CA LEU L 126 -22.32 93.37 26.90
C LEU L 126 -22.61 92.45 25.70
N THR L 127 -23.12 93.03 24.61
CA THR L 127 -23.41 92.30 23.38
C THR L 127 -22.13 92.09 22.54
N SER L 128 -22.00 90.93 21.91
CA SER L 128 -20.89 90.65 20.99
C SER L 128 -21.35 89.72 19.89
N GLY L 129 -20.49 89.42 18.92
CA GLY L 129 -20.85 88.61 17.78
C GLY L 129 -20.48 87.13 17.80
N ALA L 130 -21.17 86.34 16.99
CA ALA L 130 -20.92 84.91 16.93
C ALA L 130 -20.71 84.30 15.54
N THR L 131 -21.66 84.34 14.62
CA THR L 131 -21.44 83.56 13.33
C THR L 131 -21.33 82.01 13.35
N LEU L 132 -22.51 81.38 13.31
CA LEU L 132 -22.73 79.94 13.16
C LEU L 132 -22.06 79.28 11.93
N ILE L 133 -21.21 78.31 12.23
CA ILE L 133 -20.34 77.67 11.25
C ILE L 133 -20.89 76.30 10.72
N ASN L 134 -21.85 75.75 11.45
CA ASN L 134 -22.55 74.51 11.09
C ASN L 134 -23.74 74.30 12.03
N GLU L 135 -24.39 73.15 11.98
CA GLU L 135 -25.61 72.95 12.76
C GLU L 135 -25.46 73.07 14.28
N GLN L 136 -24.39 72.51 14.87
CA GLN L 136 -24.04 72.80 16.29
C GLN L 136 -22.83 73.67 16.74
N TRP L 137 -22.10 74.29 15.83
CA TRP L 137 -20.96 75.14 16.22
C TRP L 137 -21.00 76.58 15.71
N LEU L 138 -20.42 77.50 16.49
CA LEU L 138 -20.24 78.91 16.06
C LEU L 138 -18.84 79.37 16.41
N LEU L 139 -18.21 80.10 15.50
CA LEU L 139 -16.91 80.73 15.76
C LEU L 139 -17.16 81.96 16.64
N THR L 140 -16.15 82.45 17.35
CA THR L 140 -16.23 83.77 18.00
C THR L 140 -14.81 84.20 18.36
N THR L 141 -14.65 85.37 18.96
CA THR L 141 -13.31 85.78 19.42
C THR L 141 -13.11 85.38 20.87
N ALA L 142 -11.87 85.04 21.21
CA ALA L 142 -11.54 84.68 22.57
C ALA L 142 -11.84 85.84 23.53
N LYS L 143 -11.66 87.07 23.05
CA LYS L 143 -11.94 88.26 23.84
C LYS L 143 -13.42 88.37 24.21
N ASN L 144 -14.30 88.18 23.23
CA ASN L 144 -15.74 88.18 23.45
C ASN L 144 -16.09 87.23 24.56
N LEU L 145 -15.48 86.04 24.47
CA LEU L 145 -15.74 84.95 25.41
C LEU L 145 -15.45 85.37 26.84
N ARG L 146 -14.39 86.14 27.01
CA ARG L 146 -13.97 86.52 28.34
C ARG L 146 -14.56 87.83 28.83
N LEU L 147 -15.45 88.46 28.07
CA LEU L 147 -15.98 89.77 28.45
C LEU L 147 -16.41 89.86 29.92
N GLY L 148 -17.06 88.79 30.38
CA GLY L 148 -17.25 88.77 31.77
C GLY L 148 -16.08 88.89 32.75
N HIS L 149 -15.02 88.10 32.48
CA HIS L 149 -14.31 87.38 33.55
C HIS L 149 -12.93 87.77 33.43
N LYS L 150 -12.05 87.28 34.30
CA LYS L 150 -10.67 87.61 34.19
C LYS L 150 -10.02 86.75 33.16
N ASN L 151 -8.97 87.25 32.65
CA ASN L 151 -8.38 86.56 31.48
C ASN L 151 -7.86 85.19 31.81
N ASP L 152 -7.50 84.70 33.06
CA ASP L 152 -7.23 83.29 33.30
C ASP L 152 -8.45 82.39 33.56
N THR L 153 -9.66 82.93 33.50
CA THR L 153 -10.87 82.14 33.78
C THR L 153 -10.97 80.90 32.88
N LYS L 154 -11.34 79.76 33.46
CA LYS L 154 -11.42 78.53 32.69
C LYS L 154 -12.70 78.51 31.84
N ALA L 155 -12.63 77.86 30.67
CA ALA L 155 -13.76 77.82 29.75
C ALA L 155 -14.99 77.14 30.37
N LYS L 156 -14.74 76.13 31.19
CA LYS L 156 -15.80 75.43 31.91
C LYS L 156 -16.69 76.40 32.67
N ASP L 157 -16.09 77.40 33.29
CA ASP L 157 -16.80 78.42 34.09
C ASP L 157 -17.42 79.57 33.29
N ILE L 158 -16.91 79.81 32.09
CA ILE L 158 -17.44 80.90 31.27
C ILE L 158 -18.74 80.50 30.59
N ALA L 159 -18.84 79.24 30.17
CA ALA L 159 -19.99 78.80 29.35
C ALA L 159 -21.41 78.98 29.97
N PRO L 160 -21.63 78.53 31.22
CA PRO L 160 -22.94 78.71 31.86
C PRO L 160 -23.38 80.18 31.91
N THR L 161 -22.39 81.07 31.82
CA THR L 161 -22.53 82.52 31.96
C THR L 161 -23.12 83.19 30.73
N LEU L 162 -22.89 82.56 29.59
CA LEU L 162 -23.24 83.17 28.34
C LEU L 162 -24.71 83.03 28.01
N ARG L 163 -25.21 83.98 27.23
CA ARG L 163 -26.46 83.84 26.52
C ARG L 163 -26.13 84.00 25.04
N LEU L 164 -26.75 83.17 24.19
CA LEU L 164 -26.49 83.16 22.75
C LEU L 164 -27.81 83.16 22.01
N TYR L 165 -27.94 83.99 20.97
CA TYR L 165 -29.17 84.01 20.17
C TYR L 165 -28.87 83.97 18.67
N VAL L 166 -29.71 83.27 17.90
CA VAL L 166 -29.60 83.25 16.43
C VAL L 166 -30.96 83.62 15.82
N GLY L 167 -30.98 83.94 14.53
CA GLY L 167 -32.23 84.33 13.85
C GLY L 167 -32.98 85.48 14.49
N LYS L 168 -34.28 85.30 14.68
CA LYS L 168 -35.08 86.22 15.49
C LYS L 168 -34.64 85.92 16.92
N LYS L 169 -35.37 86.32 17.92
CA LYS L 169 -34.82 86.17 19.26
C LYS L 169 -34.46 84.73 19.76
N GLN L 170 -34.49 83.73 18.87
CA GLN L 170 -34.19 82.33 19.25
C GLN L 170 -32.94 82.21 20.08
N GLU L 171 -33.05 81.71 21.31
CA GLU L 171 -31.89 81.45 22.12
C GLU L 171 -31.47 80.04 21.81
N VAL L 172 -30.17 79.81 21.79
CA VAL L 172 -29.65 78.46 21.69
C VAL L 172 -28.88 78.14 22.97
N GLU L 173 -28.99 76.90 23.44
CA GLU L 173 -28.42 76.52 24.71
C GLU L 173 -27.03 75.99 24.46
N ILE L 174 -26.03 76.61 25.06
CA ILE L 174 -24.66 76.21 24.74
C ILE L 174 -24.11 75.15 25.71
N GLU L 175 -23.47 74.13 25.15
CA GLU L 175 -22.85 73.05 25.91
C GLU L 175 -21.45 73.37 26.41
N LYS L 176 -20.63 73.96 25.56
CA LYS L 176 -19.19 73.94 25.78
C LYS L 176 -18.57 75.13 25.06
N VAL L 177 -17.36 75.50 25.44
CA VAL L 177 -16.63 76.57 24.79
C VAL L 177 -15.14 76.17 24.71
N ILE L 178 -14.48 76.42 23.58
CA ILE L 178 -13.07 76.09 23.45
C ILE L 178 -12.28 77.31 22.98
N PHE L 179 -11.28 77.74 23.77
CA PHE L 179 -10.39 78.84 23.36
C PHE L 179 -9.35 78.32 22.39
N HIS L 180 -8.86 79.19 21.50
CA HIS L 180 -7.81 78.77 20.58
C HIS L 180 -6.51 78.57 21.36
N PRO L 181 -5.71 77.57 20.97
CA PRO L 181 -4.44 77.26 21.65
C PRO L 181 -3.45 78.42 21.73
N ASP L 182 -3.42 79.34 20.78
CA ASP L 182 -2.41 80.39 20.86
C ASP L 182 -3.04 81.65 21.38
N ASN L 183 -2.86 81.93 22.68
CA ASN L 183 -3.64 82.96 23.36
C ASN L 183 -3.33 84.32 22.80
N SER L 184 -2.03 84.53 22.56
CA SER L 184 -1.49 85.83 22.27
C SER L 184 -1.68 86.28 20.83
N THR L 185 -1.91 85.31 19.95
CA THR L 185 -1.86 85.53 18.51
C THR L 185 -3.21 85.42 17.82
N VAL L 186 -3.84 84.27 17.98
CA VAL L 186 -5.14 84.02 17.36
C VAL L 186 -6.32 84.32 18.30
N ASP L 187 -7.09 85.37 18.02
CA ASP L 187 -8.18 85.72 18.93
C ASP L 187 -9.44 84.98 18.46
N ILE L 188 -9.65 83.78 19.01
CA ILE L 188 -10.68 82.88 18.46
C ILE L 188 -11.16 81.92 19.53
N GLY L 189 -12.45 81.60 19.48
CA GLY L 189 -12.98 80.52 20.29
C GLY L 189 -14.11 79.82 19.56
N LEU L 190 -14.39 78.58 19.95
CA LEU L 190 -15.49 77.84 19.34
C LEU L 190 -16.62 77.69 20.35
N ILE L 191 -17.85 77.79 19.89
CA ILE L 191 -19.00 77.56 20.77
C ILE L 191 -19.79 76.35 20.27
N LYS L 192 -19.87 75.31 21.10
CA LYS L 192 -20.69 74.13 20.76
C LYS L 192 -22.04 74.20 21.46
N LEU L 193 -23.09 74.14 20.65
CA LEU L 193 -24.45 74.11 21.19
C LEU L 193 -24.77 72.71 21.78
N LYS L 194 -25.72 72.66 22.70
CA LYS L 194 -26.08 71.39 23.33
C LYS L 194 -26.62 70.46 22.26
N GLN L 195 -27.41 71.02 21.36
CA GLN L 195 -27.93 70.26 20.23
C GLN L 195 -27.97 71.11 18.96
N LYS L 196 -28.13 70.45 17.81
CA LYS L 196 -28.19 71.10 16.51
C LYS L 196 -29.33 72.11 16.45
N VAL L 197 -29.08 73.27 15.82
CA VAL L 197 -30.16 74.21 15.55
C VAL L 197 -30.94 73.77 14.34
N PRO L 198 -32.28 73.81 14.45
CA PRO L 198 -33.05 73.68 13.21
C PRO L 198 -32.73 74.85 12.28
N VAL L 199 -32.43 74.52 11.02
CA VAL L 199 -32.06 75.47 9.97
C VAL L 199 -33.27 75.86 9.08
N ASN L 200 -33.40 77.15 8.80
CA ASN L 200 -34.54 77.70 8.06
C ASN L 200 -34.11 78.98 7.37
N GLU L 201 -35.07 79.76 6.89
CA GLU L 201 -34.79 81.10 6.38
C GLU L 201 -33.93 81.94 7.30
N ARG L 202 -34.26 81.89 8.58
CA ARG L 202 -33.66 82.74 9.59
C ARG L 202 -32.32 82.27 10.08
N VAL L 203 -32.23 80.99 10.36
CA VAL L 203 -31.01 80.42 10.92
C VAL L 203 -30.37 79.47 9.93
N MET L 204 -29.08 79.65 9.65
CA MET L 204 -28.35 78.73 8.79
C MET L 204 -26.87 79.10 8.72
N PRO L 205 -26.00 78.07 8.74
CA PRO L 205 -24.56 78.32 8.86
C PRO L 205 -23.95 78.94 7.60
N ILE L 206 -22.84 79.66 7.77
CA ILE L 206 -22.09 80.15 6.63
C ILE L 206 -21.14 79.03 6.17
N CYS L 207 -20.42 79.24 5.07
CA CYS L 207 -19.47 78.23 4.64
C CYS L 207 -18.08 78.62 5.03
N LEU L 208 -17.27 77.63 5.39
CA LEU L 208 -15.83 77.84 5.57
C LEU L 208 -15.19 77.85 4.19
N PRO L 209 -14.16 78.68 3.99
CA PRO L 209 -13.57 78.85 2.65
C PRO L 209 -12.76 77.62 2.21
N SER L 210 -12.80 77.31 0.93
CA SER L 210 -11.90 76.29 0.39
C SER L 210 -10.66 76.95 -0.16
N LYS L 211 -10.70 78.28 -0.25
CA LYS L 211 -9.57 79.06 -0.76
C LYS L 211 -9.35 80.37 -0.02
N ASP L 212 -8.30 81.09 -0.41
CA ASP L 212 -7.99 82.35 0.26
C ASP L 212 -8.64 83.47 -0.54
N TYR L 213 -9.71 84.05 0.02
CA TYR L 213 -10.40 85.16 -0.61
C TYR L 213 -9.75 86.54 -0.35
N VAL L 214 -8.85 86.60 0.63
CA VAL L 214 -8.43 87.92 1.08
C VAL L 214 -7.22 88.43 0.30
N ASN L 215 -7.55 89.43 -0.54
CA ASN L 215 -6.65 90.16 -1.40
C ASN L 215 -7.19 91.56 -1.33
N VAL L 216 -6.31 92.55 -1.42
CA VAL L 216 -6.77 93.90 -1.14
C VAL L 216 -7.71 94.40 -2.23
N GLY L 217 -8.77 95.07 -1.77
CA GLY L 217 -9.78 95.64 -2.63
C GLY L 217 -11.08 94.87 -2.66
N LEU L 218 -11.02 93.58 -2.33
CA LEU L 218 -12.21 92.74 -2.24
C LEU L 218 -13.11 93.30 -1.16
N VAL L 219 -14.40 93.42 -1.46
CA VAL L 219 -15.34 93.97 -0.50
C VAL L 219 -16.16 92.85 0.13
N GLY L 220 -16.01 92.67 1.44
CA GLY L 220 -16.78 91.69 2.17
C GLY L 220 -17.96 92.33 2.88
N TYR L 221 -18.87 91.50 3.38
CA TYR L 221 -20.03 91.97 4.11
C TYR L 221 -19.86 91.63 5.57
N VAL L 222 -19.97 92.64 6.43
CA VAL L 222 -19.85 92.42 7.85
C VAL L 222 -21.15 92.83 8.51
N SER L 223 -21.85 91.86 9.09
CA SER L 223 -23.09 92.12 9.79
C SER L 223 -22.76 92.13 11.28
N GLY L 224 -23.42 92.97 12.06
CA GLY L 224 -23.04 93.05 13.46
C GLY L 224 -24.01 93.65 14.44
N TRP L 225 -23.89 93.20 15.68
CA TRP L 225 -24.81 93.56 16.73
C TRP L 225 -24.25 94.66 17.61
N GLY L 226 -23.04 95.09 17.27
CA GLY L 226 -22.28 96.02 18.07
C GLY L 226 -22.81 97.42 18.05
N ARG L 227 -22.12 98.32 18.75
CA ARG L 227 -22.52 99.71 18.95
C ARG L 227 -22.54 100.55 17.68
N ASN L 228 -23.42 101.54 17.65
CA ASN L 228 -23.62 102.40 16.48
C ASN L 228 -23.17 103.85 16.69
N ALA L 229 -23.51 104.73 15.76
CA ALA L 229 -23.04 106.11 15.80
C ALA L 229 -23.40 106.87 17.07
N ASN L 230 -24.39 106.37 17.80
CA ASN L 230 -24.81 106.94 19.07
C ASN L 230 -24.15 106.28 20.27
N LEU L 231 -23.21 105.39 19.95
CA LEU L 231 -22.46 104.56 20.90
C LEU L 231 -23.36 103.62 21.70
N ASN L 232 -24.53 103.31 21.14
CA ASN L 232 -25.51 102.42 21.75
C ASN L 232 -25.48 101.11 21.00
N PHE L 233 -25.67 99.98 21.69
CA PHE L 233 -25.82 98.70 20.98
C PHE L 233 -26.99 98.81 20.03
N THR L 234 -26.77 98.44 18.77
CA THR L 234 -27.82 98.54 17.77
C THR L 234 -28.99 97.65 18.16
N GLU L 235 -30.19 98.19 17.95
CA GLU L 235 -31.39 97.45 18.27
C GLU L 235 -31.73 96.49 17.14
N HIS L 236 -31.51 96.92 15.90
CA HIS L 236 -31.65 96.05 14.73
C HIS L 236 -30.32 95.65 14.09
N LEU L 237 -30.23 94.39 13.63
CA LEU L 237 -29.01 93.91 13.00
C LEU L 237 -28.71 94.69 11.71
N LYS L 238 -27.45 95.13 11.53
CA LYS L 238 -27.08 95.88 10.34
C LYS L 238 -25.89 95.21 9.66
N TYR L 239 -25.53 95.72 8.48
CA TYR L 239 -24.31 95.28 7.79
C TYR L 239 -23.56 96.43 7.10
N VAL L 240 -22.23 96.33 7.05
CA VAL L 240 -21.43 97.25 6.25
C VAL L 240 -20.69 96.50 5.19
N MET L 241 -20.33 97.19 4.12
CA MET L 241 -19.45 96.65 3.10
C MET L 241 -18.05 97.25 3.19
N LEU L 242 -17.07 96.41 3.52
CA LEU L 242 -15.72 96.90 3.76
C LEU L 242 -14.71 96.25 2.82
N PRO L 243 -13.77 97.05 2.29
CA PRO L 243 -12.69 96.56 1.43
C PRO L 243 -11.58 95.96 2.29
N VAL L 244 -10.92 94.89 1.84
CA VAL L 244 -9.73 94.46 2.57
C VAL L 244 -8.53 95.39 2.22
N ALA L 245 -7.68 95.63 3.21
CA ALA L 245 -6.65 96.64 3.10
C ALA L 245 -5.27 96.00 3.09
N ASP L 246 -4.31 96.73 2.53
CA ASP L 246 -2.92 96.33 2.48
C ASP L 246 -2.38 95.99 3.88
N GLN L 247 -1.81 94.79 4.05
CA GLN L 247 -1.41 94.32 5.37
C GLN L 247 -0.25 95.11 5.91
N GLU L 248 0.59 95.56 4.99
CA GLU L 248 1.78 96.27 5.37
C GLU L 248 1.42 97.68 5.82
N LYS L 249 0.50 98.33 5.09
CA LYS L 249 0.04 99.66 5.46
C LYS L 249 -0.59 99.66 6.83
N CYS L 250 -1.33 98.58 7.10
CA CYS L 250 -2.03 98.37 8.34
C CYS L 250 -1.06 98.25 9.51
N VAL L 251 -0.04 97.42 9.36
CA VAL L 251 0.98 97.25 10.39
C VAL L 251 1.78 98.53 10.65
N GLN L 252 2.05 99.29 9.61
CA GLN L 252 2.71 100.58 9.75
C GLN L 252 1.83 101.56 10.52
N TYR L 253 0.53 101.39 10.36
CA TYR L 253 -0.47 102.23 11.03
C TYR L 253 -0.55 101.94 12.53
N TYR L 254 -0.70 100.68 12.88
CA TYR L 254 -0.84 100.31 14.28
C TYR L 254 0.47 100.18 15.05
N GLU L 255 1.53 99.81 14.35
CA GLU L 255 2.84 99.56 14.97
C GLU L 255 3.92 100.45 14.30
N GLY L 256 5.20 100.27 14.61
CA GLY L 256 6.20 101.19 14.05
C GLY L 256 6.28 101.41 12.52
N SER L 257 6.55 100.36 11.74
CA SER L 257 6.92 99.08 12.30
C SER L 257 8.08 98.29 11.73
N THR L 258 7.86 97.70 10.55
CA THR L 258 7.93 96.22 10.39
C THR L 258 9.02 95.43 11.13
N VAL L 259 10.15 96.07 11.42
CA VAL L 259 11.15 95.48 12.32
C VAL L 259 10.66 95.55 13.78
N PRO L 260 10.49 94.38 14.42
CA PRO L 260 9.86 94.25 15.75
C PRO L 260 10.41 95.18 16.82
N GLU L 261 11.73 95.33 16.93
CA GLU L 261 12.30 96.15 18.00
C GLU L 261 12.03 97.65 17.86
N LYS L 262 11.57 98.07 16.68
CA LYS L 262 11.19 99.47 16.47
C LYS L 262 9.70 99.73 16.61
N LYS L 263 8.92 98.66 16.79
CA LYS L 263 7.47 98.79 16.90
C LYS L 263 7.08 99.61 18.12
N THR L 264 6.15 100.53 17.94
CA THR L 264 5.59 101.27 19.05
C THR L 264 4.07 101.15 18.91
N PRO L 265 3.34 101.34 20.02
CA PRO L 265 1.87 101.32 20.02
C PRO L 265 1.22 102.61 19.45
N LYS L 266 1.09 102.67 18.14
CA LYS L 266 0.60 103.87 17.45
C LYS L 266 -0.91 103.91 17.26
N SER L 267 -1.63 102.94 17.83
CA SER L 267 -3.09 102.89 17.66
C SER L 267 -3.79 104.18 18.10
N PRO L 268 -4.55 104.80 17.18
CA PRO L 268 -5.31 106.02 17.42
C PRO L 268 -6.43 105.90 18.45
N VAL L 269 -6.90 104.70 18.73
CA VAL L 269 -7.82 104.50 19.84
C VAL L 269 -6.93 104.05 21.01
N GLY L 270 -7.49 103.87 22.20
CA GLY L 270 -6.63 103.51 23.31
C GLY L 270 -5.77 102.26 23.13
N VAL L 271 -6.30 101.24 22.44
CA VAL L 271 -5.80 99.86 22.54
C VAL L 271 -5.24 99.30 21.24
N GLN L 272 -4.37 98.30 21.35
CA GLN L 272 -3.68 97.71 20.20
C GLN L 272 -4.37 96.46 19.59
N PRO L 273 -4.52 96.41 18.24
CA PRO L 273 -5.01 95.19 17.59
C PRO L 273 -4.00 94.07 17.78
N ILE L 274 -4.45 92.81 17.68
CA ILE L 274 -3.53 91.71 17.55
C ILE L 274 -3.29 91.55 16.06
N LEU L 275 -2.05 91.72 15.63
CA LEU L 275 -1.71 91.75 14.20
C LEU L 275 -0.58 90.79 13.82
N ASN L 276 -0.87 89.81 12.99
CA ASN L 276 0.16 88.88 12.56
C ASN L 276 -0.19 88.25 11.23
N GLU L 277 0.51 87.18 10.87
CA GLU L 277 0.26 86.46 9.63
C GLU L 277 -1.15 85.90 9.56
N HIS L 278 -1.75 85.69 10.73
CA HIS L 278 -3.06 85.06 10.86
C HIS L 278 -4.22 86.04 10.86
N THR L 279 -3.92 87.32 10.62
CA THR L 279 -4.95 88.35 10.57
C THR L 279 -4.90 89.11 9.26
N PHE L 280 -5.98 89.82 8.95
CA PHE L 280 -5.99 90.76 7.85
C PHE L 280 -6.77 92.02 8.21
N CYS L 281 -6.66 93.06 7.40
CA CYS L 281 -7.31 94.30 7.76
C CYS L 281 -8.30 94.76 6.73
N ALA L 282 -9.30 95.47 7.19
CA ALA L 282 -10.30 96.07 6.32
C ALA L 282 -10.37 97.57 6.59
N GLY L 283 -10.64 98.36 5.55
CA GLY L 283 -10.82 99.79 5.68
C GLY L 283 -12.23 100.20 6.08
N LEU L 284 -12.58 101.46 5.85
CA LEU L 284 -13.94 101.91 6.10
C LEU L 284 -14.71 101.78 4.80
N SER L 285 -16.01 102.03 4.84
CA SER L 285 -16.83 101.85 3.65
C SER L 285 -16.71 103.09 2.77
N LYS L 286 -17.35 103.05 1.60
CA LYS L 286 -17.41 104.21 0.71
C LYS L 286 -17.96 105.40 1.47
N TYR L 287 -18.91 105.13 2.35
CA TYR L 287 -19.61 106.13 3.13
C TYR L 287 -19.04 106.39 4.49
N GLN L 288 -17.83 105.90 4.73
CA GLN L 288 -17.11 106.18 5.96
C GLN L 288 -17.71 105.51 7.18
N GLU L 289 -18.39 104.38 6.95
CA GLU L 289 -18.96 103.57 8.02
C GLU L 289 -17.94 102.61 8.60
N ASP L 290 -18.07 102.31 9.87
CA ASP L 290 -17.17 101.36 10.46
C ASP L 290 -17.85 100.46 11.44
N THR L 291 -17.00 99.64 12.02
CA THR L 291 -17.32 98.57 12.90
C THR L 291 -17.01 99.11 14.31
N CYS L 292 -17.76 98.69 15.31
CA CYS L 292 -17.53 99.23 16.65
C CYS L 292 -17.77 98.17 17.73
N TYR L 293 -17.80 98.60 18.98
CA TYR L 293 -17.80 97.68 20.12
C TYR L 293 -18.96 96.70 20.04
N GLY L 294 -18.64 95.41 20.08
CA GLY L 294 -19.65 94.39 20.01
C GLY L 294 -19.72 93.74 18.65
N ASP L 295 -19.03 94.30 17.67
CA ASP L 295 -19.06 93.72 16.32
C ASP L 295 -18.09 92.56 16.14
N ALA L 296 -17.17 92.39 17.08
CA ALA L 296 -16.19 91.30 17.00
C ALA L 296 -16.91 89.97 17.11
N GLY L 297 -16.40 88.96 16.40
CA GLY L 297 -17.05 87.66 16.39
C GLY L 297 -17.90 87.47 15.15
N SER L 298 -18.31 88.58 14.54
CA SER L 298 -19.01 88.54 13.26
C SER L 298 -18.11 88.16 12.09
N ALA L 299 -18.69 87.70 11.00
CA ALA L 299 -17.87 87.22 9.88
C ALA L 299 -17.62 88.35 8.90
N PHE L 300 -16.43 88.32 8.29
CA PHE L 300 -16.19 89.11 7.11
C PHE L 300 -16.62 88.12 6.05
N ALA L 301 -17.79 88.36 5.48
CA ALA L 301 -18.47 87.37 4.67
C ALA L 301 -18.28 87.71 3.21
N VAL L 302 -17.64 86.83 2.46
CA VAL L 302 -17.56 87.05 1.01
C VAL L 302 -18.52 86.17 0.23
N HIS L 303 -19.06 86.74 -0.84
CA HIS L 303 -20.00 86.07 -1.71
C HIS L 303 -19.24 85.63 -2.95
N ASP L 304 -19.02 84.32 -3.09
CA ASP L 304 -18.31 83.77 -4.24
C ASP L 304 -19.26 83.67 -5.42
N LYS L 305 -18.96 84.40 -6.50
CA LYS L 305 -19.85 84.47 -7.65
C LYS L 305 -19.87 83.18 -8.46
N ASP L 306 -18.84 82.36 -8.31
CA ASP L 306 -18.76 81.09 -9.01
C ASP L 306 -19.67 80.05 -8.35
N ASP L 307 -19.66 80.03 -7.03
CA ASP L 307 -20.44 79.13 -6.20
C ASP L 307 -21.85 79.61 -6.03
N ASP L 308 -22.04 80.90 -6.20
CA ASP L 308 -23.15 81.63 -5.61
C ASP L 308 -23.34 81.22 -4.16
N THR L 309 -22.24 81.07 -3.44
CA THR L 309 -22.34 80.75 -2.02
C THR L 309 -21.57 81.74 -1.14
N TRP L 310 -21.92 81.76 0.14
CA TRP L 310 -21.38 82.73 1.08
C TRP L 310 -20.38 82.09 2.01
N TYR L 311 -19.16 82.61 1.98
CA TYR L 311 -18.05 82.09 2.77
C TYR L 311 -17.57 83.06 3.86
N ALA L 312 -17.14 82.53 4.99
CA ALA L 312 -16.55 83.38 6.02
C ALA L 312 -15.05 83.45 5.79
N ALA L 313 -14.59 84.57 5.26
CA ALA L 313 -13.18 84.74 5.00
C ALA L 313 -12.48 85.16 6.28
N GLY L 314 -13.21 85.85 7.16
CA GLY L 314 -12.61 86.33 8.39
C GLY L 314 -13.58 86.44 9.55
N ILE L 315 -13.03 86.47 10.76
CA ILE L 315 -13.79 86.80 11.96
C ILE L 315 -13.25 88.11 12.55
N LEU L 316 -14.12 89.10 12.71
CA LEU L 316 -13.73 90.39 13.27
C LEU L 316 -13.12 90.21 14.64
N SER L 317 -11.89 90.71 14.81
CA SER L 317 -11.17 90.59 16.07
C SER L 317 -11.17 91.94 16.79
N PHE L 318 -10.60 92.94 16.13
CA PHE L 318 -10.48 94.29 16.68
C PHE L 318 -11.69 95.11 16.23
N ASP L 319 -12.63 95.28 17.16
CA ASP L 319 -13.83 96.07 16.91
C ASP L 319 -13.76 97.48 17.50
N LYS L 320 -12.58 97.86 18.00
CA LYS L 320 -12.41 99.15 18.64
C LYS L 320 -12.17 100.31 17.67
N SER L 321 -11.97 100.03 16.38
CA SER L 321 -11.67 101.12 15.44
C SER L 321 -12.71 102.26 15.52
N CYS L 322 -13.99 101.89 15.59
CA CYS L 322 -15.10 102.86 15.56
C CYS L 322 -14.87 103.78 14.37
N ARG L 323 -15.15 105.07 14.39
CA ARG L 323 -14.68 105.72 13.16
C ARG L 323 -13.31 106.36 13.34
N THR L 324 -12.74 106.09 14.50
CA THR L 324 -11.54 106.74 14.99
C THR L 324 -10.24 106.22 14.35
N ALA L 325 -10.21 104.92 14.06
CA ALA L 325 -9.05 104.31 13.41
C ALA L 325 -9.45 103.82 12.01
N GLU L 326 -8.47 103.69 11.12
CA GLU L 326 -8.74 103.41 9.71
C GLU L 326 -9.05 101.97 9.39
N TYR L 327 -8.65 101.06 10.27
CA TYR L 327 -8.67 99.64 9.96
C TYR L 327 -9.22 98.76 11.06
N GLY L 328 -10.13 97.86 10.70
CA GLY L 328 -10.53 96.80 11.60
C GLY L 328 -9.61 95.63 11.30
N VAL L 329 -9.44 94.74 12.27
CA VAL L 329 -8.55 93.60 12.11
C VAL L 329 -9.30 92.27 12.29
N TYR L 330 -9.15 91.37 11.32
CA TYR L 330 -9.92 90.12 11.29
C TYR L 330 -8.95 88.98 11.37
N VAL L 331 -9.27 87.93 12.12
CA VAL L 331 -8.45 86.71 12.02
C VAL L 331 -8.89 85.98 10.78
N ARG L 332 -7.95 85.51 9.97
CA ARG L 332 -8.32 84.88 8.71
C ARG L 332 -8.68 83.41 8.89
N VAL L 333 -9.87 83.06 8.41
CA VAL L 333 -10.43 81.74 8.63
C VAL L 333 -9.53 80.62 8.07
N THR L 334 -8.78 80.92 7.02
CA THR L 334 -7.82 79.93 6.48
C THR L 334 -6.88 79.41 7.56
N SER L 335 -6.34 80.34 8.35
CA SER L 335 -5.40 79.98 9.42
C SER L 335 -6.00 79.08 10.50
N ILE L 336 -7.29 79.22 10.77
CA ILE L 336 -7.90 78.40 11.82
C ILE L 336 -8.64 77.17 11.30
N LEU L 337 -8.62 76.95 9.98
CA LEU L 337 -9.42 75.90 9.36
C LEU L 337 -9.11 74.51 9.89
N ASP L 338 -7.82 74.20 9.92
CA ASP L 338 -7.33 72.92 10.40
C ASP L 338 -7.86 72.69 11.78
N TRP L 339 -7.58 73.65 12.66
CA TRP L 339 -7.96 73.57 14.06
C TRP L 339 -9.47 73.37 14.26
N ILE L 340 -10.27 74.04 13.44
CA ILE L 340 -11.74 73.94 13.53
C ILE L 340 -12.24 72.51 13.27
N GLN L 341 -11.78 71.89 12.20
CA GLN L 341 -12.22 70.55 11.85
C GLN L 341 -11.72 69.57 12.89
N THR L 342 -10.48 69.78 13.28
CA THR L 342 -9.81 69.00 14.32
C THR L 342 -10.57 69.05 15.64
N THR L 343 -10.99 70.25 16.04
CA THR L 343 -11.67 70.46 17.32
C THR L 343 -13.07 69.87 17.32
N ILE L 344 -13.80 70.09 16.22
CA ILE L 344 -15.15 69.54 16.07
C ILE L 344 -15.11 68.01 16.12
N ALA L 345 -14.01 67.41 15.66
CA ALA L 345 -13.82 65.97 15.69
C ALA L 345 -13.97 65.37 17.10
N ASP L 346 -13.89 66.22 18.12
CA ASP L 346 -14.11 65.84 19.53
C ASP L 346 -15.00 66.85 20.26
#